data_1X5E
#
_entry.id   1X5E
#
_entity_poly.entity_id   1
_entity_poly.type   'polypeptide(L)'
_entity_poly.pdbx_seq_one_letter_code
;GSSGSSGNVRVITDENWRELLEGDWMIEFYAPWCPACQNLQPEWESFAEWGEDLEVNIAKVDVTEQPGLSGRFIINALPT
IYHCKDGEFRRYQGPRTKKDFINFISDKEWKSIEPVSSWFSGPSSG
;
_entity_poly.pdbx_strand_id   A
#
# COMPACT_ATOMS: atom_id res chain seq x y z
N GLY A 1 12.19 14.95 13.02
CA GLY A 1 10.91 14.29 12.88
C GLY A 1 11.00 12.98 12.11
N SER A 2 10.52 11.91 12.73
CA SER A 2 10.57 10.60 12.11
C SER A 2 11.93 10.33 11.48
N SER A 3 12.99 10.70 12.19
CA SER A 3 14.35 10.50 11.69
C SER A 3 14.75 9.04 11.74
N GLY A 4 14.56 8.41 12.90
CA GLY A 4 14.91 7.01 13.05
C GLY A 4 14.09 6.12 12.14
N SER A 5 14.57 4.89 11.94
CA SER A 5 13.89 3.93 11.08
C SER A 5 13.24 2.82 11.92
N SER A 6 11.93 2.90 12.08
CA SER A 6 11.18 1.91 12.85
C SER A 6 10.32 1.06 11.94
N GLY A 7 10.71 -0.20 11.77
CA GLY A 7 9.97 -1.11 10.92
C GLY A 7 9.82 -0.59 9.50
N ASN A 8 10.43 -1.32 8.55
CA ASN A 8 10.36 -0.93 7.14
C ASN A 8 8.93 -0.61 6.72
N VAL A 9 7.99 -1.37 7.25
CA VAL A 9 6.57 -1.16 6.93
C VAL A 9 5.97 -0.06 7.79
N ARG A 10 5.41 0.96 7.13
CA ARG A 10 4.81 2.08 7.83
C ARG A 10 3.34 1.80 8.12
N VAL A 11 2.87 2.31 9.26
CA VAL A 11 1.48 2.12 9.67
C VAL A 11 0.64 3.36 9.37
N ILE A 12 -0.07 3.34 8.24
CA ILE A 12 -0.91 4.46 7.84
C ILE A 12 -2.21 4.48 8.64
N THR A 13 -2.64 5.67 9.03
CA THR A 13 -3.87 5.83 9.80
C THR A 13 -4.88 6.70 9.06
N ASP A 14 -5.99 6.98 9.70
CA ASP A 14 -7.04 7.80 9.10
C ASP A 14 -6.56 9.24 8.93
N GLU A 15 -5.35 9.51 9.39
CA GLU A 15 -4.78 10.85 9.29
C GLU A 15 -3.48 10.84 8.47
N ASN A 16 -2.73 9.74 8.59
CA ASN A 16 -1.48 9.61 7.85
C ASN A 16 -1.73 9.51 6.35
N TRP A 17 -2.94 9.09 5.98
CA TRP A 17 -3.31 8.95 4.58
C TRP A 17 -2.70 10.07 3.75
N ARG A 18 -2.89 11.31 4.19
CA ARG A 18 -2.35 12.46 3.48
C ARG A 18 -0.97 12.15 2.90
N GLU A 19 -0.10 11.59 3.74
CA GLU A 19 1.26 11.25 3.31
C GLU A 19 1.22 10.46 2.00
N LEU A 20 0.28 9.52 1.90
CA LEU A 20 0.15 8.70 0.71
C LEU A 20 0.04 9.56 -0.55
N LEU A 21 -0.43 10.79 -0.37
CA LEU A 21 -0.59 11.71 -1.48
C LEU A 21 0.73 12.40 -1.81
N GLU A 22 1.83 11.81 -1.36
CA GLU A 22 3.16 12.36 -1.60
C GLU A 22 4.16 11.27 -1.97
N GLY A 23 4.82 11.44 -3.11
CA GLY A 23 5.78 10.45 -3.55
C GLY A 23 5.16 9.08 -3.77
N ASP A 24 5.99 8.05 -3.78
CA ASP A 24 5.52 6.68 -3.98
C ASP A 24 5.15 6.04 -2.65
N TRP A 25 4.08 5.26 -2.65
CA TRP A 25 3.61 4.59 -1.44
C TRP A 25 2.91 3.27 -1.79
N MET A 26 3.40 2.18 -1.22
CA MET A 26 2.81 0.86 -1.47
C MET A 26 1.95 0.43 -0.29
N ILE A 27 0.65 0.30 -0.54
CA ILE A 27 -0.28 -0.11 0.50
C ILE A 27 -0.87 -1.49 0.20
N GLU A 28 -1.25 -2.21 1.26
CA GLU A 28 -1.83 -3.54 1.11
C GLU A 28 -2.87 -3.81 2.18
N PHE A 29 -4.14 -3.84 1.77
CA PHE A 29 -5.23 -4.07 2.70
C PHE A 29 -5.27 -5.54 3.14
N TYR A 30 -4.94 -5.79 4.40
CA TYR A 30 -4.94 -7.13 4.94
C TYR A 30 -5.94 -7.28 6.08
N ALA A 31 -6.12 -8.51 6.55
CA ALA A 31 -7.05 -8.78 7.64
C ALA A 31 -6.52 -9.87 8.56
N PRO A 32 -6.70 -9.69 9.87
CA PRO A 32 -6.24 -10.66 10.88
C PRO A 32 -7.06 -11.95 10.86
N TRP A 33 -8.34 -11.82 10.52
CA TRP A 33 -9.22 -12.99 10.45
C TRP A 33 -9.14 -13.65 9.08
N CYS A 34 -8.46 -13.00 8.15
CA CYS A 34 -8.32 -13.53 6.80
C CYS A 34 -7.11 -14.45 6.70
N PRO A 35 -7.31 -15.63 6.11
CA PRO A 35 -6.24 -16.63 5.95
C PRO A 35 -5.20 -16.20 4.92
N ALA A 36 -5.66 -15.79 3.74
CA ALA A 36 -4.76 -15.35 2.68
C ALA A 36 -3.75 -14.35 3.21
N CYS A 37 -4.22 -13.39 4.01
CA CYS A 37 -3.34 -12.37 4.57
C CYS A 37 -2.16 -13.01 5.28
N GLN A 38 -2.43 -13.98 6.14
CA GLN A 38 -1.38 -14.67 6.89
C GLN A 38 -0.27 -15.13 5.96
N ASN A 39 -0.64 -15.47 4.73
CA ASN A 39 0.33 -15.92 3.74
C ASN A 39 1.14 -14.76 3.19
N LEU A 40 0.50 -13.61 3.05
CA LEU A 40 1.16 -12.41 2.54
C LEU A 40 2.01 -11.75 3.63
N GLN A 41 1.61 -11.95 4.88
CA GLN A 41 2.32 -11.36 6.00
C GLN A 41 3.83 -11.38 5.75
N PRO A 42 4.39 -12.57 5.51
CA PRO A 42 5.82 -12.74 5.25
C PRO A 42 6.23 -12.17 3.90
N GLU A 43 5.44 -12.47 2.86
CA GLU A 43 5.74 -11.98 1.52
C GLU A 43 5.92 -10.46 1.53
N TRP A 44 5.18 -9.77 2.39
CA TRP A 44 5.26 -8.33 2.49
C TRP A 44 6.54 -7.90 3.21
N GLU A 45 6.81 -8.52 4.35
CA GLU A 45 8.00 -8.21 5.12
C GLU A 45 9.25 -8.32 4.27
N SER A 46 9.36 -9.43 3.55
CA SER A 46 10.53 -9.67 2.68
C SER A 46 10.64 -8.58 1.62
N PHE A 47 9.50 -8.08 1.16
CA PHE A 47 9.47 -7.04 0.15
C PHE A 47 9.99 -5.72 0.70
N ALA A 48 9.35 -5.23 1.75
CA ALA A 48 9.76 -3.98 2.38
C ALA A 48 11.26 -3.91 2.56
N GLU A 49 11.91 -5.08 2.57
CA GLU A 49 13.36 -5.15 2.72
C GLU A 49 14.07 -4.28 1.69
N TRP A 50 13.82 -4.57 0.42
CA TRP A 50 14.44 -3.82 -0.66
C TRP A 50 13.57 -2.63 -1.07
N GLY A 51 12.43 -2.48 -0.39
CA GLY A 51 11.54 -1.38 -0.69
C GLY A 51 12.25 -0.04 -0.72
N GLU A 52 12.68 0.43 0.45
CA GLU A 52 13.37 1.71 0.54
C GLU A 52 14.62 1.71 -0.34
N ASP A 53 15.13 0.53 -0.65
CA ASP A 53 16.32 0.41 -1.50
C ASP A 53 16.01 0.84 -2.92
N LEU A 54 14.82 0.50 -3.40
CA LEU A 54 14.42 0.85 -4.77
C LEU A 54 13.74 2.22 -4.79
N GLU A 55 13.80 2.92 -3.66
CA GLU A 55 13.18 4.25 -3.55
C GLU A 55 11.67 4.14 -3.57
N VAL A 56 11.12 3.34 -2.65
CA VAL A 56 9.67 3.17 -2.56
C VAL A 56 9.25 2.84 -1.13
N ASN A 57 8.30 3.61 -0.62
CA ASN A 57 7.81 3.41 0.74
C ASN A 57 6.74 2.32 0.77
N ILE A 58 6.72 1.54 1.85
CA ILE A 58 5.74 0.47 2.00
C ILE A 58 5.01 0.57 3.33
N ALA A 59 3.68 0.62 3.25
CA ALA A 59 2.85 0.71 4.46
C ALA A 59 1.82 -0.40 4.50
N LYS A 60 1.12 -0.52 5.64
CA LYS A 60 0.10 -1.53 5.81
C LYS A 60 -1.14 -0.96 6.50
N VAL A 61 -2.31 -1.37 6.04
CA VAL A 61 -3.56 -0.90 6.62
C VAL A 61 -4.34 -2.04 7.27
N ASP A 62 -5.05 -1.73 8.34
CA ASP A 62 -5.84 -2.73 9.06
C ASP A 62 -7.33 -2.50 8.84
N VAL A 63 -8.00 -3.49 8.28
CA VAL A 63 -9.44 -3.41 8.03
C VAL A 63 -10.24 -3.79 9.26
N THR A 64 -9.66 -3.58 10.43
CA THR A 64 -10.31 -3.90 11.69
C THR A 64 -10.22 -2.74 12.67
N GLU A 65 -9.13 -1.99 12.60
CA GLU A 65 -8.92 -0.84 13.48
C GLU A 65 -9.18 0.47 12.75
N GLN A 66 -9.08 0.42 11.43
CA GLN A 66 -9.31 1.61 10.60
C GLN A 66 -10.55 1.44 9.73
N PRO A 67 -11.72 1.72 10.32
CA PRO A 67 -13.00 1.61 9.62
C PRO A 67 -13.17 2.68 8.54
N GLY A 68 -12.46 3.79 8.71
CA GLY A 68 -12.54 4.88 7.75
C GLY A 68 -11.80 4.57 6.46
N LEU A 69 -10.51 4.29 6.57
CA LEU A 69 -9.68 3.99 5.41
C LEU A 69 -10.36 2.96 4.52
N SER A 70 -10.85 1.88 5.13
CA SER A 70 -11.52 0.83 4.39
C SER A 70 -12.53 1.40 3.41
N GLY A 71 -13.21 2.47 3.82
CA GLY A 71 -14.20 3.11 2.96
C GLY A 71 -13.58 4.11 2.02
N ARG A 72 -12.54 4.81 2.49
CA ARG A 72 -11.85 5.81 1.68
C ARG A 72 -11.40 5.21 0.35
N PHE A 73 -11.28 3.89 0.31
CA PHE A 73 -10.84 3.19 -0.89
C PHE A 73 -11.90 2.20 -1.36
N ILE A 74 -12.90 1.96 -0.51
CA ILE A 74 -13.97 1.03 -0.83
C ILE A 74 -13.42 -0.35 -1.16
N ILE A 75 -12.63 -0.90 -0.25
CA ILE A 75 -12.04 -2.22 -0.43
C ILE A 75 -13.05 -3.32 -0.13
N ASN A 76 -13.31 -4.18 -1.12
CA ASN A 76 -14.25 -5.27 -0.97
C ASN A 76 -13.52 -6.62 -0.94
N ALA A 77 -12.55 -6.78 -1.83
CA ALA A 77 -11.77 -8.01 -1.91
C ALA A 77 -10.42 -7.85 -1.23
N LEU A 78 -9.98 -8.92 -0.56
CA LEU A 78 -8.70 -8.89 0.14
C LEU A 78 -8.01 -10.25 0.04
N PRO A 79 -6.66 -10.24 0.09
CA PRO A 79 -5.89 -9.00 0.23
C PRO A 79 -5.96 -8.13 -1.02
N THR A 80 -5.46 -6.91 -0.91
CA THR A 80 -5.47 -5.97 -2.04
C THR A 80 -4.36 -4.93 -1.89
N ILE A 81 -3.51 -4.84 -2.91
CA ILE A 81 -2.41 -3.88 -2.89
C ILE A 81 -2.71 -2.68 -3.78
N TYR A 82 -2.32 -1.50 -3.32
CA TYR A 82 -2.55 -0.27 -4.07
C TYR A 82 -1.26 0.53 -4.23
N HIS A 83 -0.95 0.91 -5.47
CA HIS A 83 0.25 1.68 -5.75
C HIS A 83 -0.07 3.17 -5.86
N CYS A 84 0.42 3.94 -4.91
CA CYS A 84 0.19 5.39 -4.89
C CYS A 84 1.45 6.14 -5.31
N LYS A 85 1.42 6.71 -6.51
CA LYS A 85 2.57 7.46 -7.03
C LYS A 85 2.19 8.92 -7.26
N ASP A 86 2.61 9.78 -6.35
CA ASP A 86 2.32 11.22 -6.47
C ASP A 86 0.82 11.46 -6.55
N GLY A 87 0.06 10.67 -5.79
CA GLY A 87 -1.39 10.82 -5.79
C GLY A 87 -2.07 9.81 -6.69
N GLU A 88 -1.44 9.49 -7.81
CA GLU A 88 -1.99 8.53 -8.76
C GLU A 88 -2.01 7.13 -8.17
N PHE A 89 -3.21 6.60 -7.95
CA PHE A 89 -3.37 5.27 -7.38
C PHE A 89 -3.52 4.22 -8.48
N ARG A 90 -2.83 3.10 -8.32
CA ARG A 90 -2.89 2.02 -9.30
C ARG A 90 -3.01 0.66 -8.61
N ARG A 91 -4.11 -0.03 -8.89
CA ARG A 91 -4.36 -1.34 -8.29
C ARG A 91 -3.32 -2.35 -8.77
N TYR A 92 -2.84 -3.17 -7.83
CA TYR A 92 -1.83 -4.19 -8.15
C TYR A 92 -2.46 -5.38 -8.86
N GLN A 93 -1.78 -5.88 -9.88
CA GLN A 93 -2.28 -7.03 -10.63
C GLN A 93 -1.20 -8.09 -10.79
N GLY A 94 -0.80 -8.70 -9.68
CA GLY A 94 0.23 -9.72 -9.73
C GLY A 94 0.02 -10.80 -8.69
N PRO A 95 0.88 -11.83 -8.72
CA PRO A 95 0.81 -12.95 -7.77
C PRO A 95 1.18 -12.54 -6.35
N ARG A 96 1.58 -11.28 -6.19
CA ARG A 96 1.97 -10.77 -4.88
C ARG A 96 3.15 -11.56 -4.32
N THR A 97 4.22 -11.64 -5.09
CA THR A 97 5.41 -12.36 -4.67
C THR A 97 6.62 -11.44 -4.60
N LYS A 98 7.47 -11.65 -3.60
CA LYS A 98 8.67 -10.84 -3.42
C LYS A 98 9.24 -10.42 -4.77
N LYS A 99 9.60 -11.41 -5.58
CA LYS A 99 10.16 -11.16 -6.90
C LYS A 99 9.30 -10.17 -7.68
N ASP A 100 8.10 -10.60 -8.06
CA ASP A 100 7.17 -9.76 -8.80
C ASP A 100 7.25 -8.32 -8.31
N PHE A 101 6.97 -8.11 -7.04
CA PHE A 101 7.00 -6.78 -6.44
C PHE A 101 8.13 -5.94 -7.04
N ILE A 102 9.36 -6.38 -6.81
CA ILE A 102 10.53 -5.67 -7.33
C ILE A 102 10.23 -5.03 -8.68
N ASN A 103 10.06 -5.86 -9.70
CA ASN A 103 9.77 -5.37 -11.04
C ASN A 103 8.72 -4.27 -11.00
N PHE A 104 7.53 -4.61 -10.50
CA PHE A 104 6.43 -3.65 -10.41
C PHE A 104 6.96 -2.28 -10.00
N ILE A 105 8.09 -2.26 -9.30
CA ILE A 105 8.69 -1.01 -8.85
C ILE A 105 9.82 -0.58 -9.78
N SER A 106 10.87 -1.40 -9.85
CA SER A 106 12.01 -1.12 -10.70
C SER A 106 11.59 -0.96 -12.16
N ASP A 107 10.83 -1.94 -12.65
CA ASP A 107 10.35 -1.92 -14.03
C ASP A 107 9.16 -0.99 -14.18
N LYS A 108 8.90 -0.20 -13.14
CA LYS A 108 7.78 0.74 -13.15
C LYS A 108 6.61 0.17 -13.94
N GLU A 109 6.44 -1.15 -13.90
CA GLU A 109 5.35 -1.81 -14.61
C GLU A 109 4.03 -1.10 -14.35
N TRP A 110 3.95 -0.39 -13.24
CA TRP A 110 2.74 0.34 -12.89
C TRP A 110 2.25 1.19 -14.05
N LYS A 111 3.18 1.65 -14.87
CA LYS A 111 2.85 2.48 -16.03
C LYS A 111 1.86 1.77 -16.93
N SER A 112 2.00 0.45 -17.05
CA SER A 112 1.12 -0.34 -17.90
C SER A 112 -0.12 -0.78 -17.13
N ILE A 113 -0.48 0.01 -16.12
CA ILE A 113 -1.65 -0.29 -15.29
C ILE A 113 -2.58 0.91 -15.19
N GLU A 114 -3.87 0.67 -15.40
CA GLU A 114 -4.86 1.75 -15.34
C GLU A 114 -5.10 2.18 -13.90
N PRO A 115 -4.78 3.45 -13.61
CA PRO A 115 -4.95 4.02 -12.26
C PRO A 115 -6.42 4.18 -11.89
N VAL A 116 -6.66 4.88 -10.77
CA VAL A 116 -8.03 5.12 -10.31
C VAL A 116 -8.29 6.61 -10.11
N SER A 117 -9.48 7.05 -10.49
CA SER A 117 -9.86 8.45 -10.35
C SER A 117 -11.12 8.60 -9.51
N SER A 118 -11.10 8.02 -8.32
CA SER A 118 -12.24 8.08 -7.42
C SER A 118 -11.81 8.58 -6.03
N TRP A 119 -10.89 9.53 -6.01
CA TRP A 119 -10.40 10.09 -4.75
C TRP A 119 -10.62 11.59 -4.71
N PHE A 120 -11.54 12.03 -3.86
CA PHE A 120 -11.85 13.45 -3.71
C PHE A 120 -11.86 13.86 -2.24
N SER A 121 -10.93 13.30 -1.46
CA SER A 121 -10.85 13.61 -0.04
C SER A 121 -10.05 14.89 0.20
N GLY A 122 -10.63 15.81 0.95
CA GLY A 122 -9.97 17.06 1.23
C GLY A 122 -10.87 18.27 1.00
N PRO A 123 -10.74 18.89 -0.17
CA PRO A 123 -11.53 20.07 -0.54
C PRO A 123 -13.01 19.73 -0.76
N SER A 124 -13.77 19.66 0.32
CA SER A 124 -15.19 19.33 0.24
C SER A 124 -16.02 20.58 -0.09
N SER A 125 -16.98 20.42 -0.99
CA SER A 125 -17.83 21.54 -1.39
C SER A 125 -19.14 21.52 -0.61
N GLY A 126 -19.04 21.26 0.69
CA GLY A 126 -20.22 21.22 1.54
C GLY A 126 -19.91 20.79 2.95
N GLY A 1 22.47 6.25 7.09
CA GLY A 1 21.36 5.62 7.80
C GLY A 1 20.04 6.32 7.54
N SER A 2 18.96 5.54 7.52
CA SER A 2 17.63 6.09 7.28
C SER A 2 16.56 5.03 7.52
N SER A 3 15.58 5.36 8.36
CA SER A 3 14.49 4.44 8.67
C SER A 3 15.03 3.03 8.88
N GLY A 4 16.15 2.92 9.58
CA GLY A 4 16.74 1.62 9.83
C GLY A 4 16.43 1.10 11.22
N SER A 5 16.90 -0.11 11.52
CA SER A 5 16.67 -0.72 12.82
C SER A 5 15.23 -0.48 13.28
N SER A 6 14.29 -0.63 12.36
CA SER A 6 12.88 -0.42 12.66
C SER A 6 11.99 -1.15 11.65
N GLY A 7 10.76 -1.42 12.05
CA GLY A 7 9.83 -2.12 11.17
C GLY A 7 9.74 -1.48 9.79
N ASN A 8 10.47 -2.04 8.84
CA ASN A 8 10.48 -1.53 7.47
C ASN A 8 9.07 -1.11 7.05
N VAL A 9 8.07 -1.85 7.51
CA VAL A 9 6.68 -1.55 7.18
C VAL A 9 6.17 -0.35 7.96
N ARG A 10 5.50 0.55 7.26
CA ARG A 10 4.96 1.75 7.90
C ARG A 10 3.48 1.58 8.22
N VAL A 11 3.03 2.23 9.29
CA VAL A 11 1.63 2.14 9.70
C VAL A 11 0.88 3.44 9.39
N ILE A 12 0.20 3.46 8.25
CA ILE A 12 -0.56 4.64 7.85
C ILE A 12 -1.90 4.71 8.57
N THR A 13 -2.26 5.91 9.01
CA THR A 13 -3.52 6.12 9.71
C THR A 13 -4.47 6.98 8.90
N ASP A 14 -5.60 7.34 9.49
CA ASP A 14 -6.60 8.16 8.83
C ASP A 14 -6.09 9.58 8.61
N GLU A 15 -4.86 9.84 9.08
CA GLU A 15 -4.25 11.15 8.95
C GLU A 15 -3.05 11.10 8.00
N ASN A 16 -2.22 10.08 8.18
CA ASN A 16 -1.03 9.91 7.35
C ASN A 16 -1.42 9.66 5.89
N TRP A 17 -2.63 9.14 5.69
CA TRP A 17 -3.12 8.86 4.34
C TRP A 17 -2.66 9.93 3.36
N ARG A 18 -2.77 11.19 3.76
CA ARG A 18 -2.37 12.30 2.91
C ARG A 18 -0.93 12.11 2.40
N GLU A 19 -0.04 11.73 3.32
CA GLU A 19 1.36 11.51 2.97
C GLU A 19 1.48 10.70 1.68
N LEU A 20 0.52 9.81 1.45
CA LEU A 20 0.51 8.98 0.25
C LEU A 20 0.45 9.83 -1.01
N LEU A 21 -0.38 10.87 -0.97
CA LEU A 21 -0.54 11.77 -2.11
C LEU A 21 0.82 12.21 -2.64
N GLU A 22 1.80 12.29 -1.76
CA GLU A 22 3.15 12.70 -2.14
C GLU A 22 4.07 11.48 -2.27
N GLY A 23 4.97 11.53 -3.25
CA GLY A 23 5.89 10.43 -3.45
C GLY A 23 5.18 9.10 -3.66
N ASP A 24 5.95 8.02 -3.68
CA ASP A 24 5.39 6.69 -3.87
C ASP A 24 5.08 6.03 -2.52
N TRP A 25 4.02 5.25 -2.49
CA TRP A 25 3.61 4.56 -1.27
C TRP A 25 2.94 3.23 -1.58
N MET A 26 3.50 2.15 -1.05
CA MET A 26 2.95 0.81 -1.27
C MET A 26 2.08 0.38 -0.09
N ILE A 27 0.77 0.32 -0.34
CA ILE A 27 -0.17 -0.08 0.70
C ILE A 27 -0.80 -1.44 0.38
N GLU A 28 -1.18 -2.17 1.42
CA GLU A 28 -1.80 -3.48 1.25
C GLU A 28 -2.83 -3.74 2.33
N PHE A 29 -4.10 -3.67 1.95
CA PHE A 29 -5.19 -3.89 2.90
C PHE A 29 -5.28 -5.36 3.28
N TYR A 30 -5.06 -5.65 4.56
CA TYR A 30 -5.11 -7.01 5.06
C TYR A 30 -6.12 -7.14 6.20
N ALA A 31 -6.35 -8.38 6.63
CA ALA A 31 -7.30 -8.65 7.71
C ALA A 31 -6.82 -9.80 8.58
N PRO A 32 -6.98 -9.67 9.90
CA PRO A 32 -6.58 -10.69 10.86
C PRO A 32 -7.48 -11.92 10.80
N TRP A 33 -8.63 -11.78 10.16
CA TRP A 33 -9.57 -12.88 10.02
C TRP A 33 -9.56 -13.43 8.60
N CYS A 34 -8.48 -13.21 7.88
CA CYS A 34 -8.35 -13.68 6.51
C CYS A 34 -7.13 -14.57 6.35
N PRO A 35 -7.33 -15.76 5.76
CA PRO A 35 -6.27 -16.74 5.54
C PRO A 35 -5.27 -16.28 4.47
N ALA A 36 -5.79 -15.69 3.40
CA ALA A 36 -4.95 -15.20 2.31
C ALA A 36 -3.91 -14.23 2.83
N CYS A 37 -4.29 -13.40 3.80
CA CYS A 37 -3.39 -12.41 4.37
C CYS A 37 -2.24 -13.10 5.09
N GLN A 38 -2.56 -14.07 5.94
CA GLN A 38 -1.56 -14.81 6.69
C GLN A 38 -0.45 -15.32 5.77
N ASN A 39 -0.76 -15.42 4.48
CA ASN A 39 0.21 -15.89 3.51
C ASN A 39 1.09 -14.76 3.00
N LEU A 40 0.50 -13.58 2.84
CA LEU A 40 1.23 -12.41 2.37
C LEU A 40 2.06 -11.80 3.51
N GLN A 41 1.60 -11.98 4.74
CA GLN A 41 2.30 -11.46 5.90
C GLN A 41 3.81 -11.50 5.69
N PRO A 42 4.33 -12.70 5.43
CA PRO A 42 5.77 -12.90 5.20
C PRO A 42 6.25 -12.30 3.88
N GLU A 43 5.49 -12.54 2.83
CA GLU A 43 5.83 -12.02 1.51
C GLU A 43 6.08 -10.52 1.56
N TRP A 44 5.30 -9.83 2.40
CA TRP A 44 5.43 -8.39 2.54
C TRP A 44 6.73 -8.02 3.26
N GLU A 45 6.96 -8.63 4.42
CA GLU A 45 8.16 -8.37 5.20
C GLU A 45 9.40 -8.50 4.33
N SER A 46 9.47 -9.58 3.56
CA SER A 46 10.62 -9.83 2.69
C SER A 46 10.71 -8.76 1.60
N PHE A 47 9.57 -8.17 1.27
CA PHE A 47 9.52 -7.13 0.25
C PHE A 47 10.04 -5.81 0.79
N ALA A 48 9.42 -5.32 1.86
CA ALA A 48 9.82 -4.06 2.48
C ALA A 48 11.33 -4.00 2.66
N GLU A 49 11.97 -5.16 2.69
CA GLU A 49 13.42 -5.24 2.86
C GLU A 49 14.13 -4.38 1.83
N TRP A 50 13.92 -4.68 0.56
CA TRP A 50 14.54 -3.93 -0.53
C TRP A 50 13.67 -2.76 -0.95
N GLY A 51 12.51 -2.63 -0.31
CA GLY A 51 11.60 -1.54 -0.63
C GLY A 51 12.29 -0.19 -0.67
N GLU A 52 12.68 0.30 0.50
CA GLU A 52 13.36 1.59 0.60
C GLU A 52 14.60 1.63 -0.29
N ASP A 53 15.18 0.45 -0.52
CA ASP A 53 16.38 0.35 -1.36
C ASP A 53 16.08 0.81 -2.79
N LEU A 54 14.87 0.54 -3.26
CA LEU A 54 14.46 0.94 -4.60
C LEU A 54 13.79 2.31 -4.59
N GLU A 55 13.91 3.01 -3.47
CA GLU A 55 13.32 4.33 -3.32
C GLU A 55 11.79 4.24 -3.30
N VAL A 56 11.27 3.44 -2.38
CA VAL A 56 9.83 3.26 -2.26
C VAL A 56 9.44 2.97 -0.80
N ASN A 57 8.42 3.68 -0.32
CA ASN A 57 7.96 3.50 1.04
C ASN A 57 6.83 2.49 1.10
N ILE A 58 6.93 1.56 2.05
CA ILE A 58 5.91 0.53 2.22
C ILE A 58 5.15 0.70 3.52
N ALA A 59 3.84 0.46 3.48
CA ALA A 59 3.00 0.59 4.66
C ALA A 59 1.87 -0.44 4.65
N LYS A 60 1.25 -0.64 5.81
CA LYS A 60 0.16 -1.60 5.93
C LYS A 60 -1.04 -0.96 6.62
N VAL A 61 -2.25 -1.36 6.21
CA VAL A 61 -3.47 -0.83 6.80
C VAL A 61 -4.34 -1.96 7.37
N ASP A 62 -5.03 -1.66 8.47
CA ASP A 62 -5.89 -2.64 9.12
C ASP A 62 -7.36 -2.31 8.88
N VAL A 63 -8.10 -3.26 8.33
CA VAL A 63 -9.52 -3.07 8.06
C VAL A 63 -10.37 -3.40 9.29
N THR A 64 -9.76 -3.27 10.46
CA THR A 64 -10.47 -3.55 11.71
C THR A 64 -10.34 -2.38 12.68
N GLU A 65 -9.23 -1.66 12.59
CA GLU A 65 -9.00 -0.51 13.46
C GLU A 65 -9.25 0.80 12.73
N GLN A 66 -9.06 0.78 11.40
CA GLN A 66 -9.27 1.96 10.59
C GLN A 66 -10.50 1.80 9.70
N PRO A 67 -11.68 2.09 10.27
CA PRO A 67 -12.95 1.98 9.54
C PRO A 67 -13.09 3.06 8.47
N GLY A 68 -12.09 3.93 8.37
CA GLY A 68 -12.13 4.99 7.38
C GLY A 68 -11.34 4.65 6.13
N LEU A 69 -10.08 4.29 6.32
CA LEU A 69 -9.22 3.94 5.18
C LEU A 69 -9.78 2.75 4.41
N SER A 70 -10.52 1.90 5.12
CA SER A 70 -11.12 0.72 4.50
C SER A 70 -12.05 1.12 3.35
N GLY A 71 -13.13 1.83 3.69
CA GLY A 71 -14.09 2.26 2.69
C GLY A 71 -13.52 3.33 1.78
N ARG A 72 -12.64 4.17 2.33
CA ARG A 72 -12.04 5.24 1.56
C ARG A 72 -11.46 4.72 0.25
N PHE A 73 -10.64 3.68 0.35
CA PHE A 73 -10.02 3.08 -0.84
C PHE A 73 -10.95 2.08 -1.48
N ILE A 74 -12.25 2.36 -1.43
CA ILE A 74 -13.25 1.47 -2.02
C ILE A 74 -12.81 0.01 -1.92
N ILE A 75 -12.41 -0.40 -0.72
CA ILE A 75 -11.98 -1.77 -0.50
C ILE A 75 -13.17 -2.73 -0.51
N ASN A 76 -13.26 -3.53 -1.58
CA ASN A 76 -14.35 -4.49 -1.71
C ASN A 76 -13.90 -5.88 -1.24
N ALA A 77 -12.73 -6.31 -1.69
CA ALA A 77 -12.19 -7.61 -1.31
C ALA A 77 -10.80 -7.47 -0.69
N LEU A 78 -10.33 -8.55 -0.07
CA LEU A 78 -9.02 -8.55 0.56
C LEU A 78 -8.35 -9.91 0.43
N PRO A 79 -7.01 -9.91 0.41
CA PRO A 79 -6.22 -8.68 0.51
C PRO A 79 -6.32 -7.81 -0.73
N THR A 80 -5.80 -6.59 -0.65
CA THR A 80 -5.84 -5.66 -1.77
C THR A 80 -4.71 -4.64 -1.69
N ILE A 81 -3.85 -4.63 -2.70
CA ILE A 81 -2.74 -3.70 -2.74
C ILE A 81 -3.05 -2.49 -3.61
N TYR A 82 -2.54 -1.34 -3.22
CA TYR A 82 -2.76 -0.10 -3.98
C TYR A 82 -1.49 0.74 -4.04
N HIS A 83 -1.09 1.10 -5.25
CA HIS A 83 0.12 1.90 -5.46
C HIS A 83 -0.25 3.37 -5.65
N CYS A 84 0.28 4.22 -4.77
CA CYS A 84 0.01 5.66 -4.84
C CYS A 84 1.23 6.41 -5.36
N LYS A 85 1.04 7.11 -6.47
CA LYS A 85 2.13 7.88 -7.08
C LYS A 85 1.70 9.33 -7.33
N ASP A 86 2.25 10.24 -6.54
CA ASP A 86 1.94 11.67 -6.68
C ASP A 86 0.43 11.87 -6.68
N GLY A 87 -0.27 11.19 -5.77
CA GLY A 87 -1.71 11.31 -5.69
C GLY A 87 -2.44 10.23 -6.45
N GLU A 88 -1.96 9.95 -7.67
CA GLU A 88 -2.58 8.92 -8.50
C GLU A 88 -2.63 7.58 -7.77
N PHE A 89 -3.33 6.62 -8.36
CA PHE A 89 -3.47 5.30 -7.77
C PHE A 89 -3.54 4.22 -8.85
N ARG A 90 -3.05 3.03 -8.53
CA ARG A 90 -3.06 1.92 -9.48
C ARG A 90 -3.10 0.59 -8.75
N ARG A 91 -4.08 -0.24 -9.10
CA ARG A 91 -4.24 -1.56 -8.47
C ARG A 91 -3.15 -2.51 -8.93
N TYR A 92 -2.55 -3.22 -7.97
CA TYR A 92 -1.49 -4.17 -8.28
C TYR A 92 -1.92 -5.15 -9.37
N GLN A 93 -2.85 -6.03 -9.02
CA GLN A 93 -3.35 -7.02 -9.96
C GLN A 93 -2.24 -7.95 -10.43
N GLY A 94 -1.49 -8.49 -9.46
CA GLY A 94 -0.40 -9.40 -9.80
C GLY A 94 -0.36 -10.62 -8.90
N PRO A 95 0.70 -11.43 -9.04
CA PRO A 95 0.87 -12.64 -8.24
C PRO A 95 1.16 -12.34 -6.78
N ARG A 96 1.48 -11.09 -6.49
CA ARG A 96 1.79 -10.67 -5.13
C ARG A 96 2.98 -11.46 -4.58
N THR A 97 4.05 -11.52 -5.35
CA THR A 97 5.25 -12.25 -4.94
C THR A 97 6.44 -11.31 -4.81
N LYS A 98 7.30 -11.57 -3.83
CA LYS A 98 8.48 -10.74 -3.60
C LYS A 98 9.12 -10.34 -4.92
N LYS A 99 9.70 -11.30 -5.63
CA LYS A 99 10.33 -11.04 -6.91
C LYS A 99 9.49 -10.10 -7.76
N ASP A 100 8.24 -10.49 -8.00
CA ASP A 100 7.32 -9.68 -8.80
C ASP A 100 7.35 -8.23 -8.35
N PHE A 101 7.01 -7.99 -7.10
CA PHE A 101 6.99 -6.64 -6.54
C PHE A 101 8.15 -5.82 -7.08
N ILE A 102 9.37 -6.28 -6.83
CA ILE A 102 10.57 -5.59 -7.29
C ILE A 102 10.32 -4.91 -8.63
N ASN A 103 10.01 -5.70 -9.65
CA ASN A 103 9.75 -5.18 -10.98
C ASN A 103 8.71 -4.06 -10.93
N PHE A 104 7.58 -4.36 -10.30
CA PHE A 104 6.51 -3.38 -10.18
C PHE A 104 7.04 -2.04 -9.69
N ILE A 105 8.18 -2.07 -9.02
CA ILE A 105 8.80 -0.86 -8.49
C ILE A 105 9.89 -0.35 -9.43
N SER A 106 10.94 -1.15 -9.59
CA SER A 106 12.05 -0.77 -10.46
C SER A 106 11.59 -0.63 -11.91
N ASP A 107 10.97 -1.69 -12.43
CA ASP A 107 10.48 -1.68 -13.80
C ASP A 107 9.26 -0.77 -13.95
N LYS A 108 8.64 -0.44 -12.81
CA LYS A 108 7.47 0.42 -12.80
C LYS A 108 6.36 -0.16 -13.67
N GLU A 109 6.03 -1.43 -13.43
CA GLU A 109 4.99 -2.10 -14.20
C GLU A 109 3.66 -1.36 -14.08
N TRP A 110 3.45 -0.72 -12.94
CA TRP A 110 2.23 0.04 -12.71
C TRP A 110 1.84 0.86 -13.93
N LYS A 111 2.85 1.29 -14.68
CA LYS A 111 2.62 2.09 -15.89
C LYS A 111 1.62 1.39 -16.81
N SER A 112 1.80 0.09 -17.01
CA SER A 112 0.92 -0.68 -17.87
C SER A 112 -0.52 -0.62 -17.37
N ILE A 113 -0.67 -0.42 -16.06
CA ILE A 113 -2.00 -0.33 -15.45
C ILE A 113 -2.58 1.07 -15.58
N GLU A 114 -3.88 1.15 -15.84
CA GLU A 114 -4.56 2.43 -15.98
C GLU A 114 -4.67 3.14 -14.64
N PRO A 115 -4.52 4.47 -14.65
CA PRO A 115 -4.60 5.29 -13.44
C PRO A 115 -6.01 5.36 -12.88
N VAL A 116 -6.13 5.26 -11.56
CA VAL A 116 -7.42 5.30 -10.89
C VAL A 116 -7.45 6.38 -9.82
N SER A 117 -8.65 6.83 -9.47
CA SER A 117 -8.81 7.86 -8.45
C SER A 117 -9.86 7.46 -7.43
N SER A 118 -11.12 7.46 -7.86
CA SER A 118 -12.23 7.09 -6.98
C SER A 118 -11.96 7.54 -5.55
N TRP A 119 -11.35 8.72 -5.41
CA TRP A 119 -11.03 9.27 -4.10
C TRP A 119 -12.07 10.31 -3.67
N PHE A 120 -12.92 9.94 -2.73
CA PHE A 120 -13.95 10.84 -2.24
C PHE A 120 -13.77 11.12 -0.75
N SER A 121 -12.53 11.40 -0.35
CA SER A 121 -12.23 11.67 1.06
C SER A 121 -12.17 13.17 1.31
N GLY A 122 -12.26 13.56 2.58
CA GLY A 122 -12.20 14.96 2.93
C GLY A 122 -12.21 15.18 4.43
N PRO A 123 -12.20 16.45 4.85
CA PRO A 123 -12.21 16.83 6.27
C PRO A 123 -13.54 16.52 6.94
N SER A 124 -13.59 15.40 7.65
CA SER A 124 -14.82 14.99 8.34
C SER A 124 -14.75 15.36 9.82
N SER A 125 -15.82 15.97 10.32
CA SER A 125 -15.89 16.37 11.72
C SER A 125 -17.27 16.08 12.30
N GLY A 126 -17.42 16.34 13.60
CA GLY A 126 -18.69 16.09 14.26
C GLY A 126 -18.66 16.49 15.72
N GLY A 1 16.83 9.81 1.74
CA GLY A 1 17.51 9.60 3.01
C GLY A 1 17.18 8.26 3.64
N SER A 2 18.19 7.39 3.75
CA SER A 2 18.00 6.08 4.34
C SER A 2 17.20 6.15 5.63
N SER A 3 15.90 5.90 5.54
CA SER A 3 15.02 5.94 6.71
C SER A 3 14.42 4.57 6.98
N GLY A 4 15.10 3.81 7.84
CA GLY A 4 14.61 2.48 8.18
C GLY A 4 15.25 1.94 9.45
N SER A 5 15.05 2.64 10.56
CA SER A 5 15.62 2.23 11.84
C SER A 5 15.04 0.90 12.28
N SER A 6 13.72 0.85 12.47
CA SER A 6 13.05 -0.36 12.90
C SER A 6 11.64 -0.44 12.29
N GLY A 7 11.32 -1.61 11.74
CA GLY A 7 10.02 -1.79 11.13
C GLY A 7 9.94 -1.23 9.73
N ASN A 8 10.55 -1.93 8.78
CA ASN A 8 10.55 -1.50 7.39
C ASN A 8 9.14 -1.13 6.94
N VAL A 9 8.15 -1.75 7.54
CA VAL A 9 6.75 -1.49 7.19
C VAL A 9 6.21 -0.32 8.00
N ARG A 10 5.50 0.57 7.32
CA ARG A 10 4.91 1.74 7.98
C ARG A 10 3.43 1.53 8.25
N VAL A 11 2.93 2.15 9.32
CA VAL A 11 1.52 2.02 9.68
C VAL A 11 0.75 3.28 9.33
N ILE A 12 0.09 3.26 8.18
CA ILE A 12 -0.70 4.41 7.73
C ILE A 12 -2.05 4.46 8.43
N THR A 13 -2.41 5.64 8.93
CA THR A 13 -3.68 5.82 9.62
C THR A 13 -4.67 6.61 8.76
N ASP A 14 -5.81 6.94 9.34
CA ASP A 14 -6.84 7.69 8.62
C ASP A 14 -6.38 9.11 8.34
N GLU A 15 -5.18 9.45 8.81
CA GLU A 15 -4.63 10.78 8.62
C GLU A 15 -3.37 10.72 7.77
N ASN A 16 -2.54 9.72 8.02
CA ASN A 16 -1.29 9.55 7.28
C ASN A 16 -1.56 9.41 5.79
N TRP A 17 -2.72 8.87 5.45
CA TRP A 17 -3.10 8.67 4.06
C TRP A 17 -2.63 9.83 3.19
N ARG A 18 -2.85 11.05 3.68
CA ARG A 18 -2.45 12.25 2.96
C ARG A 18 -1.02 12.11 2.41
N GLU A 19 -0.10 11.72 3.30
CA GLU A 19 1.30 11.55 2.91
C GLU A 19 1.41 10.71 1.64
N LEU A 20 0.45 9.82 1.44
CA LEU A 20 0.44 8.96 0.26
C LEU A 20 0.38 9.78 -1.02
N LEU A 21 -0.35 10.90 -0.96
CA LEU A 21 -0.49 11.78 -2.12
C LEU A 21 0.88 12.20 -2.65
N GLU A 22 1.84 12.35 -1.76
CA GLU A 22 3.19 12.73 -2.14
C GLU A 22 4.16 11.56 -2.04
N GLY A 23 5.10 11.48 -2.97
CA GLY A 23 6.07 10.40 -2.97
C GLY A 23 5.42 9.05 -3.19
N ASP A 24 6.25 8.04 -3.40
CA ASP A 24 5.75 6.68 -3.62
C ASP A 24 5.36 6.02 -2.30
N TRP A 25 4.27 5.26 -2.33
CA TRP A 25 3.79 4.57 -1.14
C TRP A 25 3.13 3.25 -1.50
N MET A 26 3.62 2.16 -0.91
CA MET A 26 3.08 0.84 -1.17
C MET A 26 2.18 0.39 -0.02
N ILE A 27 0.88 0.30 -0.30
CA ILE A 27 -0.09 -0.12 0.70
C ILE A 27 -0.62 -1.52 0.41
N GLU A 28 -0.84 -2.30 1.47
CA GLU A 28 -1.34 -3.66 1.31
C GLU A 28 -2.42 -3.96 2.36
N PHE A 29 -3.66 -4.08 1.90
CA PHE A 29 -4.79 -4.35 2.79
C PHE A 29 -4.81 -5.83 3.18
N TYR A 30 -4.78 -6.10 4.48
CA TYR A 30 -4.80 -7.46 4.98
C TYR A 30 -5.87 -7.63 6.06
N ALA A 31 -6.17 -8.88 6.40
CA ALA A 31 -7.18 -9.18 7.42
C ALA A 31 -6.75 -10.37 8.26
N PRO A 32 -6.93 -10.25 9.59
CA PRO A 32 -6.58 -11.32 10.53
C PRO A 32 -7.51 -12.53 10.41
N TRP A 33 -8.69 -12.31 9.86
CA TRP A 33 -9.66 -13.38 9.69
C TRP A 33 -9.68 -13.89 8.25
N CYS A 34 -8.55 -13.71 7.56
CA CYS A 34 -8.43 -14.16 6.17
C CYS A 34 -7.12 -14.91 5.96
N PRO A 35 -7.22 -16.09 5.34
CA PRO A 35 -6.04 -16.93 5.06
C PRO A 35 -5.14 -16.33 3.99
N ALA A 36 -5.73 -15.95 2.86
CA ALA A 36 -4.97 -15.36 1.76
C ALA A 36 -4.08 -14.23 2.26
N CYS A 37 -4.63 -13.38 3.12
CA CYS A 37 -3.88 -12.25 3.67
C CYS A 37 -2.70 -12.73 4.50
N GLN A 38 -2.87 -13.87 5.16
CA GLN A 38 -1.81 -14.45 5.98
C GLN A 38 -0.61 -14.85 5.13
N ASN A 39 -0.88 -15.15 3.86
CA ASN A 39 0.18 -15.56 2.94
C ASN A 39 1.03 -14.36 2.53
N LEU A 40 0.42 -13.19 2.49
CA LEU A 40 1.12 -11.97 2.10
C LEU A 40 1.88 -11.40 3.29
N GLN A 41 1.40 -11.68 4.50
CA GLN A 41 2.05 -11.20 5.71
C GLN A 41 3.57 -11.24 5.58
N PRO A 42 4.11 -12.45 5.31
CA PRO A 42 5.54 -12.65 5.16
C PRO A 42 6.09 -12.00 3.88
N GLU A 43 5.37 -12.21 2.77
CA GLU A 43 5.79 -11.64 1.49
C GLU A 43 6.03 -10.14 1.60
N TRP A 44 5.20 -9.48 2.41
CA TRP A 44 5.33 -8.03 2.61
C TRP A 44 6.63 -7.70 3.34
N GLU A 45 6.85 -8.35 4.47
CA GLU A 45 8.05 -8.11 5.26
C GLU A 45 9.30 -8.25 4.41
N SER A 46 9.42 -9.38 3.72
CA SER A 46 10.57 -9.65 2.88
C SER A 46 10.69 -8.61 1.77
N PHE A 47 9.55 -7.99 1.43
CA PHE A 47 9.52 -6.97 0.39
C PHE A 47 10.04 -5.63 0.93
N ALA A 48 9.35 -5.11 1.93
CA ALA A 48 9.73 -3.83 2.54
C ALA A 48 11.23 -3.78 2.81
N GLU A 49 11.85 -4.96 2.87
CA GLU A 49 13.28 -5.04 3.12
C GLU A 49 14.07 -4.22 2.10
N TRP A 50 13.90 -4.56 0.83
CA TRP A 50 14.59 -3.86 -0.24
C TRP A 50 13.77 -2.67 -0.74
N GLY A 51 12.48 -2.69 -0.44
CA GLY A 51 11.61 -1.61 -0.85
C GLY A 51 12.28 -0.25 -0.78
N GLU A 52 12.50 0.23 0.45
CA GLU A 52 13.14 1.52 0.65
C GLU A 52 14.41 1.64 -0.19
N ASP A 53 15.09 0.53 -0.39
CA ASP A 53 16.31 0.50 -1.17
C ASP A 53 16.06 1.03 -2.59
N LEU A 54 14.92 0.67 -3.15
CA LEU A 54 14.55 1.11 -4.50
C LEU A 54 13.86 2.47 -4.46
N GLU A 55 14.03 3.19 -3.36
CA GLU A 55 13.42 4.50 -3.20
C GLU A 55 11.89 4.40 -3.20
N VAL A 56 11.36 3.57 -2.32
CA VAL A 56 9.92 3.37 -2.21
C VAL A 56 9.51 3.06 -0.78
N ASN A 57 8.48 3.77 -0.30
CA ASN A 57 7.99 3.57 1.06
C ASN A 57 6.93 2.46 1.08
N ILE A 58 6.97 1.66 2.14
CA ILE A 58 6.01 0.56 2.29
C ILE A 58 5.22 0.71 3.59
N ALA A 59 3.92 0.47 3.51
CA ALA A 59 3.04 0.57 4.68
C ALA A 59 1.91 -0.45 4.60
N LYS A 60 1.41 -0.86 5.77
CA LYS A 60 0.34 -1.83 5.85
C LYS A 60 -0.90 -1.23 6.51
N VAL A 61 -2.07 -1.63 6.05
CA VAL A 61 -3.33 -1.14 6.60
C VAL A 61 -4.20 -2.28 7.11
N ASP A 62 -4.87 -2.05 8.22
CA ASP A 62 -5.74 -3.06 8.81
C ASP A 62 -7.21 -2.72 8.58
N VAL A 63 -7.95 -3.66 8.01
CA VAL A 63 -9.37 -3.46 7.72
C VAL A 63 -10.22 -3.77 8.94
N THR A 64 -9.61 -3.68 10.12
CA THR A 64 -10.31 -3.95 11.37
C THR A 64 -10.12 -2.81 12.37
N GLU A 65 -8.98 -2.14 12.28
CA GLU A 65 -8.68 -1.04 13.19
C GLU A 65 -8.86 0.30 12.47
N GLN A 66 -8.73 0.29 11.15
CA GLN A 66 -8.88 1.50 10.36
C GLN A 66 -10.18 1.47 9.56
N PRO A 67 -11.25 2.03 10.16
CA PRO A 67 -12.57 2.08 9.54
C PRO A 67 -12.61 3.04 8.35
N GLY A 68 -12.00 4.21 8.52
CA GLY A 68 -11.98 5.21 7.46
C GLY A 68 -11.27 4.71 6.22
N LEU A 69 -9.97 4.48 6.33
CA LEU A 69 -9.17 4.00 5.21
C LEU A 69 -9.94 2.94 4.41
N SER A 70 -10.57 2.01 5.13
CA SER A 70 -11.34 0.96 4.50
C SER A 70 -12.43 1.52 3.59
N GLY A 71 -13.06 2.60 4.06
CA GLY A 71 -14.12 3.23 3.29
C GLY A 71 -13.59 3.94 2.06
N ARG A 72 -12.65 4.85 2.26
CA ARG A 72 -12.07 5.61 1.16
C ARG A 72 -11.43 4.67 0.14
N PHE A 73 -10.54 3.81 0.60
CA PHE A 73 -9.86 2.86 -0.27
C PHE A 73 -10.69 1.60 -0.45
N ILE A 74 -11.77 1.71 -1.21
CA ILE A 74 -12.65 0.57 -1.47
C ILE A 74 -11.89 -0.73 -1.43
N ILE A 75 -12.34 -1.65 -0.58
CA ILE A 75 -11.70 -2.95 -0.44
C ILE A 75 -12.65 -4.08 -0.80
N ASN A 76 -12.87 -4.29 -2.09
CA ASN A 76 -13.76 -5.33 -2.57
C ASN A 76 -13.29 -6.70 -2.10
N ALA A 77 -12.03 -7.01 -2.38
CA ALA A 77 -11.45 -8.30 -1.98
C ALA A 77 -10.08 -8.11 -1.33
N LEU A 78 -9.54 -9.19 -0.79
CA LEU A 78 -8.23 -9.14 -0.13
C LEU A 78 -7.44 -10.41 -0.40
N PRO A 79 -6.10 -10.29 -0.39
CA PRO A 79 -5.42 -9.02 -0.15
C PRO A 79 -5.61 -8.03 -1.30
N THR A 80 -5.23 -6.78 -1.08
CA THR A 80 -5.34 -5.75 -2.09
C THR A 80 -4.28 -4.67 -1.92
N ILE A 81 -3.28 -4.71 -2.79
CA ILE A 81 -2.19 -3.73 -2.74
C ILE A 81 -2.50 -2.51 -3.58
N TYR A 82 -2.16 -1.33 -3.07
CA TYR A 82 -2.40 -0.09 -3.78
C TYR A 82 -1.09 0.66 -4.03
N HIS A 83 -0.93 1.13 -5.26
CA HIS A 83 0.28 1.86 -5.65
C HIS A 83 -0.01 3.36 -5.76
N CYS A 84 0.42 4.12 -4.76
CA CYS A 84 0.21 5.56 -4.74
C CYS A 84 1.44 6.29 -5.25
N LYS A 85 1.31 6.94 -6.41
CA LYS A 85 2.42 7.68 -7.01
C LYS A 85 2.02 9.12 -7.27
N ASP A 86 2.39 10.01 -6.36
CA ASP A 86 2.07 11.43 -6.49
C ASP A 86 0.57 11.64 -6.55
N GLY A 87 -0.18 10.85 -5.77
CA GLY A 87 -1.62 10.97 -5.75
C GLY A 87 -2.31 9.87 -6.54
N GLU A 88 -1.80 9.59 -7.73
CA GLU A 88 -2.37 8.57 -8.59
C GLU A 88 -2.30 7.20 -7.91
N PHE A 89 -3.38 6.43 -8.05
CA PHE A 89 -3.45 5.10 -7.45
C PHE A 89 -3.62 4.03 -8.52
N ARG A 90 -3.18 2.82 -8.21
CA ARG A 90 -3.28 1.70 -9.14
C ARG A 90 -3.36 0.37 -8.39
N ARG A 91 -4.47 -0.35 -8.59
CA ARG A 91 -4.68 -1.63 -7.93
C ARG A 91 -3.65 -2.65 -8.42
N TYR A 92 -2.86 -3.18 -7.49
CA TYR A 92 -1.84 -4.16 -7.82
C TYR A 92 -2.45 -5.38 -8.50
N GLN A 93 -2.05 -5.63 -9.75
CA GLN A 93 -2.57 -6.76 -10.51
C GLN A 93 -1.47 -7.77 -10.80
N GLY A 94 -1.07 -8.53 -9.78
CA GLY A 94 -0.03 -9.52 -9.94
C GLY A 94 -0.10 -10.61 -8.90
N PRO A 95 0.90 -11.51 -8.90
CA PRO A 95 0.97 -12.62 -7.95
C PRO A 95 1.25 -12.16 -6.53
N ARG A 96 1.67 -10.91 -6.39
CA ARG A 96 1.97 -10.35 -5.08
C ARG A 96 3.11 -11.11 -4.41
N THR A 97 4.19 -11.33 -5.15
CA THR A 97 5.34 -12.06 -4.62
C THR A 97 6.55 -11.14 -4.47
N LYS A 98 7.47 -11.52 -3.60
CA LYS A 98 8.68 -10.74 -3.35
C LYS A 98 9.31 -10.31 -4.67
N LYS A 99 9.83 -11.28 -5.41
CA LYS A 99 10.48 -11.01 -6.69
C LYS A 99 9.61 -10.07 -7.53
N ASP A 100 8.36 -10.46 -7.77
CA ASP A 100 7.44 -9.66 -8.56
C ASP A 100 7.48 -8.20 -8.12
N PHE A 101 7.16 -7.96 -6.85
CA PHE A 101 7.15 -6.61 -6.30
C PHE A 101 8.31 -5.79 -6.88
N ILE A 102 9.53 -6.21 -6.60
CA ILE A 102 10.71 -5.51 -7.09
C ILE A 102 10.46 -4.89 -8.46
N ASN A 103 9.88 -5.68 -9.36
CA ASN A 103 9.58 -5.22 -10.71
C ASN A 103 8.51 -4.13 -10.68
N PHE A 104 7.42 -4.40 -9.98
CA PHE A 104 6.31 -3.46 -9.88
C PHE A 104 6.82 -2.08 -9.45
N ILE A 105 8.04 -2.04 -8.92
CA ILE A 105 8.64 -0.79 -8.48
C ILE A 105 9.71 -0.31 -9.47
N SER A 106 10.67 -1.18 -9.77
CA SER A 106 11.75 -0.85 -10.69
C SER A 106 11.25 -0.90 -12.13
N ASP A 107 10.63 -2.02 -12.50
CA ASP A 107 10.11 -2.20 -13.86
C ASP A 107 8.94 -1.26 -14.11
N LYS A 108 8.30 -0.82 -13.04
CA LYS A 108 7.16 0.09 -13.14
C LYS A 108 6.04 -0.54 -13.96
N GLU A 109 5.61 -1.73 -13.55
CA GLU A 109 4.54 -2.44 -14.25
C GLU A 109 3.21 -1.73 -14.07
N TRP A 110 3.11 -0.94 -13.00
CA TRP A 110 1.88 -0.20 -12.71
C TRP A 110 1.36 0.50 -13.95
N LYS A 111 2.28 0.99 -14.78
CA LYS A 111 1.91 1.68 -16.00
C LYS A 111 0.85 0.91 -16.78
N SER A 112 1.15 -0.35 -17.09
CA SER A 112 0.22 -1.19 -17.83
C SER A 112 -1.13 -1.27 -17.11
N ILE A 113 -1.10 -1.03 -15.81
CA ILE A 113 -2.32 -1.07 -15.01
C ILE A 113 -3.04 0.27 -15.02
N GLU A 114 -4.36 0.24 -15.16
CA GLU A 114 -5.16 1.46 -15.18
C GLU A 114 -5.26 2.07 -13.79
N PRO A 115 -5.29 3.41 -13.73
CA PRO A 115 -5.38 4.14 -12.47
C PRO A 115 -6.75 4.00 -11.80
N VAL A 116 -6.78 4.15 -10.48
CA VAL A 116 -8.02 4.02 -9.74
C VAL A 116 -8.88 5.28 -9.89
N SER A 117 -10.19 5.09 -9.91
CA SER A 117 -11.13 6.21 -10.06
C SER A 117 -10.65 7.41 -9.25
N SER A 118 -11.03 8.60 -9.71
CA SER A 118 -10.64 9.84 -9.03
C SER A 118 -10.60 9.64 -7.52
N TRP A 119 -9.55 10.14 -6.89
CA TRP A 119 -9.39 10.02 -5.45
C TRP A 119 -10.35 10.95 -4.72
N PHE A 120 -11.02 10.41 -3.70
CA PHE A 120 -11.97 11.20 -2.92
C PHE A 120 -11.98 10.75 -1.45
N SER A 121 -11.85 11.72 -0.55
CA SER A 121 -11.83 11.43 0.88
C SER A 121 -12.08 12.69 1.69
N GLY A 122 -13.17 12.70 2.44
CA GLY A 122 -13.50 13.85 3.26
C GLY A 122 -14.48 14.80 2.57
N PRO A 123 -14.54 16.04 3.05
CA PRO A 123 -15.43 17.06 2.49
C PRO A 123 -15.00 17.51 1.11
N SER A 124 -13.69 17.60 0.89
CA SER A 124 -13.15 18.02 -0.39
C SER A 124 -13.88 19.26 -0.90
N SER A 125 -14.11 20.22 -0.01
CA SER A 125 -14.79 21.46 -0.38
C SER A 125 -13.81 22.61 -0.52
N GLY A 126 -13.38 22.87 -1.76
CA GLY A 126 -12.44 23.93 -2.02
C GLY A 126 -11.24 23.89 -1.07
N GLY A 1 13.35 10.32 -1.30
CA GLY A 1 13.56 11.10 -0.10
C GLY A 1 13.51 10.27 1.16
N SER A 2 14.48 9.37 1.31
CA SER A 2 14.54 8.50 2.48
C SER A 2 15.87 8.67 3.21
N SER A 3 15.80 9.19 4.43
CA SER A 3 17.00 9.41 5.23
C SER A 3 16.91 8.65 6.55
N GLY A 4 18.06 8.20 7.05
CA GLY A 4 18.09 7.46 8.30
C GLY A 4 16.96 6.46 8.42
N SER A 5 17.07 5.36 7.67
CA SER A 5 16.04 4.33 7.69
C SER A 5 15.42 4.20 9.07
N SER A 6 14.10 4.11 9.13
CA SER A 6 13.38 3.99 10.39
C SER A 6 12.71 2.62 10.50
N GLY A 7 11.95 2.26 9.47
CA GLY A 7 11.26 0.98 9.47
C GLY A 7 10.99 0.47 8.07
N ASN A 8 10.74 -0.83 7.96
CA ASN A 8 10.46 -1.44 6.66
C ASN A 8 9.01 -1.25 6.26
N VAL A 9 8.10 -1.50 7.20
CA VAL A 9 6.67 -1.34 6.95
C VAL A 9 6.09 -0.18 7.74
N ARG A 10 5.40 0.72 7.06
CA ARG A 10 4.80 1.87 7.70
C ARG A 10 3.32 1.63 7.99
N VAL A 11 2.81 2.27 9.04
CA VAL A 11 1.41 2.12 9.43
C VAL A 11 0.61 3.36 9.07
N ILE A 12 -0.15 3.27 7.98
CA ILE A 12 -0.96 4.39 7.52
C ILE A 12 -2.27 4.48 8.31
N THR A 13 -2.67 5.70 8.65
CA THR A 13 -3.90 5.91 9.41
C THR A 13 -4.82 6.90 8.69
N ASP A 14 -5.93 7.24 9.34
CA ASP A 14 -6.88 8.18 8.77
C ASP A 14 -6.29 9.58 8.69
N GLU A 15 -5.07 9.73 9.20
CA GLU A 15 -4.39 11.02 9.18
C GLU A 15 -3.12 10.97 8.34
N ASN A 16 -2.42 9.84 8.42
CA ASN A 16 -1.19 9.65 7.67
C ASN A 16 -1.48 9.46 6.17
N TRP A 17 -2.72 9.09 5.86
CA TRP A 17 -3.12 8.88 4.48
C TRP A 17 -2.50 9.94 3.56
N ARG A 18 -2.70 11.20 3.90
CA ARG A 18 -2.16 12.30 3.11
C ARG A 18 -0.75 11.99 2.64
N GLU A 19 0.13 11.67 3.60
CA GLU A 19 1.51 11.36 3.28
C GLU A 19 1.62 10.55 1.99
N LEU A 20 0.64 9.67 1.78
CA LEU A 20 0.61 8.83 0.59
C LEU A 20 0.71 9.69 -0.67
N LEU A 21 -0.08 10.75 -0.72
CA LEU A 21 -0.09 11.64 -1.87
C LEU A 21 1.33 12.13 -2.19
N GLU A 22 2.24 11.94 -1.24
CA GLU A 22 3.63 12.37 -1.43
C GLU A 22 4.52 11.16 -1.73
N GLY A 23 5.33 11.29 -2.78
CA GLY A 23 6.21 10.22 -3.17
C GLY A 23 5.48 8.90 -3.36
N ASP A 24 6.22 7.86 -3.71
CA ASP A 24 5.64 6.53 -3.93
C ASP A 24 5.32 5.87 -2.60
N TRP A 25 4.14 5.25 -2.53
CA TRP A 25 3.72 4.57 -1.31
C TRP A 25 3.00 3.27 -1.63
N MET A 26 3.53 2.16 -1.13
CA MET A 26 2.95 0.84 -1.36
C MET A 26 2.09 0.41 -0.17
N ILE A 27 0.78 0.38 -0.39
CA ILE A 27 -0.15 -0.03 0.66
C ILE A 27 -0.70 -1.43 0.41
N GLU A 28 -1.03 -2.13 1.48
CA GLU A 28 -1.57 -3.48 1.37
C GLU A 28 -2.61 -3.74 2.45
N PHE A 29 -3.87 -3.85 2.03
CA PHE A 29 -4.97 -4.09 2.96
C PHE A 29 -5.02 -5.57 3.37
N TYR A 30 -4.74 -5.84 4.63
CA TYR A 30 -4.75 -7.20 5.14
C TYR A 30 -5.76 -7.35 6.27
N ALA A 31 -6.00 -8.60 6.69
CA ALA A 31 -6.94 -8.88 7.76
C ALA A 31 -6.47 -10.05 8.61
N PRO A 32 -6.62 -9.91 9.94
CA PRO A 32 -6.22 -10.94 10.89
C PRO A 32 -7.11 -12.18 10.82
N TRP A 33 -8.07 -12.16 9.90
CA TRP A 33 -8.99 -13.27 9.73
C TRP A 33 -8.98 -13.78 8.29
N CYS A 34 -8.24 -13.08 7.43
CA CYS A 34 -8.15 -13.45 6.02
C CYS A 34 -7.09 -14.53 5.81
N PRO A 35 -7.42 -15.53 4.98
CA PRO A 35 -6.50 -16.64 4.68
C PRO A 35 -5.31 -16.19 3.84
N ALA A 36 -5.59 -15.50 2.74
CA ALA A 36 -4.53 -15.02 1.86
C ALA A 36 -3.57 -14.12 2.61
N CYS A 37 -4.09 -13.29 3.49
CA CYS A 37 -3.27 -12.36 4.28
C CYS A 37 -2.17 -13.12 5.01
N GLN A 38 -2.55 -14.09 5.82
CA GLN A 38 -1.59 -14.88 6.58
C GLN A 38 -0.42 -15.31 5.70
N ASN A 39 -0.65 -15.32 4.39
CA ASN A 39 0.39 -15.71 3.45
C ASN A 39 1.18 -14.49 2.98
N LEU A 40 0.51 -13.34 2.93
CA LEU A 40 1.15 -12.10 2.50
C LEU A 40 1.97 -11.49 3.63
N GLN A 41 1.49 -11.66 4.86
CA GLN A 41 2.19 -11.13 6.03
C GLN A 41 3.70 -11.18 5.83
N PRO A 42 4.23 -12.38 5.57
CA PRO A 42 5.66 -12.59 5.35
C PRO A 42 6.15 -11.98 4.04
N GLU A 43 5.40 -12.23 2.97
CA GLU A 43 5.75 -11.70 1.65
C GLU A 43 6.01 -10.20 1.71
N TRP A 44 5.20 -9.50 2.52
CA TRP A 44 5.35 -8.06 2.67
C TRP A 44 6.65 -7.71 3.37
N GLU A 45 6.92 -8.37 4.48
CA GLU A 45 8.14 -8.13 5.25
C GLU A 45 9.38 -8.30 4.36
N SER A 46 9.43 -9.39 3.62
CA SER A 46 10.55 -9.67 2.73
C SER A 46 10.63 -8.63 1.62
N PHE A 47 9.51 -7.98 1.34
CA PHE A 47 9.44 -6.96 0.29
C PHE A 47 10.00 -5.63 0.80
N ALA A 48 9.40 -5.12 1.87
CA ALA A 48 9.83 -3.85 2.45
C ALA A 48 11.34 -3.81 2.62
N GLU A 49 11.97 -4.98 2.62
CA GLU A 49 13.41 -5.07 2.78
C GLU A 49 14.13 -4.23 1.73
N TRP A 50 13.91 -4.54 0.46
CA TRP A 50 14.53 -3.81 -0.63
C TRP A 50 13.69 -2.60 -1.03
N GLY A 51 12.40 -2.64 -0.67
CA GLY A 51 11.51 -1.54 -1.00
C GLY A 51 12.18 -0.19 -0.91
N GLU A 52 12.43 0.25 0.32
CA GLU A 52 13.08 1.55 0.56
C GLU A 52 14.35 1.67 -0.29
N ASP A 53 14.93 0.53 -0.66
CA ASP A 53 16.14 0.53 -1.46
C ASP A 53 15.89 1.11 -2.85
N LEU A 54 14.73 0.77 -3.42
CA LEU A 54 14.36 1.26 -4.74
C LEU A 54 13.63 2.59 -4.64
N GLU A 55 13.87 3.31 -3.55
CA GLU A 55 13.23 4.60 -3.33
C GLU A 55 11.71 4.48 -3.33
N VAL A 56 11.21 3.60 -2.47
CA VAL A 56 9.76 3.38 -2.37
C VAL A 56 9.36 3.04 -0.93
N ASN A 57 8.43 3.82 -0.39
CA ASN A 57 7.95 3.60 0.98
C ASN A 57 6.86 2.54 1.00
N ILE A 58 6.96 1.62 1.96
CA ILE A 58 5.97 0.56 2.10
C ILE A 58 5.15 0.73 3.38
N ALA A 59 3.87 0.41 3.30
CA ALA A 59 2.97 0.52 4.45
C ALA A 59 1.88 -0.53 4.40
N LYS A 60 1.19 -0.72 5.52
CA LYS A 60 0.11 -1.69 5.61
C LYS A 60 -1.11 -1.10 6.31
N VAL A 61 -2.30 -1.49 5.86
CA VAL A 61 -3.54 -1.01 6.45
C VAL A 61 -4.37 -2.15 7.02
N ASP A 62 -5.00 -1.89 8.15
CA ASP A 62 -5.84 -2.90 8.81
C ASP A 62 -7.31 -2.62 8.58
N VAL A 63 -8.03 -3.62 8.07
CA VAL A 63 -9.47 -3.47 7.81
C VAL A 63 -10.28 -3.72 9.08
N THR A 64 -9.63 -3.57 10.23
CA THR A 64 -10.30 -3.78 11.52
C THR A 64 -10.10 -2.59 12.44
N GLU A 65 -8.99 -1.88 12.26
CA GLU A 65 -8.68 -0.71 13.08
C GLU A 65 -9.05 0.58 12.35
N GLN A 66 -8.90 0.56 11.03
CA GLN A 66 -9.22 1.73 10.22
C GLN A 66 -10.54 1.55 9.49
N PRO A 67 -11.63 2.06 10.10
CA PRO A 67 -12.97 1.97 9.54
C PRO A 67 -13.14 2.83 8.29
N GLY A 68 -12.43 3.96 8.25
CA GLY A 68 -12.50 4.85 7.12
C GLY A 68 -11.71 4.35 5.93
N LEU A 69 -10.39 4.33 6.08
CA LEU A 69 -9.51 3.87 5.00
C LEU A 69 -10.11 2.66 4.28
N SER A 70 -10.75 1.78 5.05
CA SER A 70 -11.37 0.59 4.48
C SER A 70 -12.20 0.93 3.25
N GLY A 71 -13.03 1.96 3.38
CA GLY A 71 -13.88 2.37 2.27
C GLY A 71 -13.17 3.32 1.33
N ARG A 72 -12.30 4.16 1.89
CA ARG A 72 -11.55 5.13 1.09
C ARG A 72 -11.06 4.49 -0.21
N PHE A 73 -10.29 3.42 -0.09
CA PHE A 73 -9.76 2.72 -1.24
C PHE A 73 -10.78 1.73 -1.80
N ILE A 74 -12.05 2.06 -1.68
CA ILE A 74 -13.13 1.20 -2.17
C ILE A 74 -12.75 -0.27 -2.02
N ILE A 75 -12.10 -0.60 -0.91
CA ILE A 75 -11.68 -1.98 -0.65
C ILE A 75 -12.89 -2.90 -0.53
N ASN A 76 -13.15 -3.67 -1.58
CA ASN A 76 -14.27 -4.60 -1.60
C ASN A 76 -13.81 -6.02 -1.25
N ALA A 77 -12.61 -6.37 -1.70
CA ALA A 77 -12.06 -7.70 -1.43
C ALA A 77 -10.66 -7.60 -0.82
N LEU A 78 -10.19 -8.69 -0.25
CA LEU A 78 -8.87 -8.73 0.37
C LEU A 78 -8.19 -10.08 0.13
N PRO A 79 -6.85 -10.07 0.11
CA PRO A 79 -6.07 -8.86 0.30
C PRO A 79 -6.18 -7.90 -0.89
N THR A 80 -5.69 -6.68 -0.71
CA THR A 80 -5.74 -5.68 -1.77
C THR A 80 -4.63 -4.65 -1.60
N ILE A 81 -3.70 -4.62 -2.56
CA ILE A 81 -2.59 -3.68 -2.52
C ILE A 81 -2.82 -2.52 -3.48
N TYR A 82 -2.47 -1.32 -3.04
CA TYR A 82 -2.64 -0.11 -3.85
C TYR A 82 -1.35 0.70 -3.88
N HIS A 83 -0.87 0.99 -5.08
CA HIS A 83 0.34 1.77 -5.26
C HIS A 83 0.02 3.24 -5.49
N CYS A 84 0.52 4.10 -4.61
CA CYS A 84 0.28 5.53 -4.72
C CYS A 84 1.51 6.25 -5.26
N LYS A 85 1.34 7.02 -6.32
CA LYS A 85 2.44 7.76 -6.93
C LYS A 85 2.07 9.24 -7.10
N ASP A 86 2.78 10.10 -6.37
CA ASP A 86 2.53 11.53 -6.43
C ASP A 86 1.04 11.83 -6.47
N GLY A 87 0.28 11.10 -5.66
CA GLY A 87 -1.17 11.30 -5.61
C GLY A 87 -1.92 10.21 -6.35
N GLU A 88 -1.44 9.85 -7.54
CA GLU A 88 -2.09 8.83 -8.34
C GLU A 88 -2.21 7.52 -7.56
N PHE A 89 -3.11 6.65 -8.01
CA PHE A 89 -3.32 5.37 -7.36
C PHE A 89 -3.54 4.25 -8.38
N ARG A 90 -2.93 3.10 -8.12
CA ARG A 90 -3.05 1.97 -9.02
C ARG A 90 -3.07 0.66 -8.25
N ARG A 91 -4.15 -0.10 -8.41
CA ARG A 91 -4.30 -1.39 -7.72
C ARG A 91 -3.24 -2.38 -8.18
N TYR A 92 -2.76 -3.20 -7.26
CA TYR A 92 -1.75 -4.20 -7.58
C TYR A 92 -2.36 -5.38 -8.32
N GLN A 93 -1.79 -5.70 -9.48
CA GLN A 93 -2.28 -6.81 -10.30
C GLN A 93 -1.20 -7.87 -10.46
N GLY A 94 -0.87 -8.56 -9.37
CA GLY A 94 0.15 -9.59 -9.42
C GLY A 94 -0.07 -10.66 -8.36
N PRO A 95 0.78 -11.69 -8.38
CA PRO A 95 0.71 -12.80 -7.43
C PRO A 95 1.08 -12.39 -6.02
N ARG A 96 1.43 -11.11 -5.86
CA ARG A 96 1.81 -10.59 -4.55
C ARG A 96 3.03 -11.33 -4.00
N THR A 97 4.01 -11.56 -4.86
CA THR A 97 5.23 -12.27 -4.47
C THR A 97 6.42 -11.32 -4.40
N LYS A 98 7.35 -11.60 -3.49
CA LYS A 98 8.53 -10.77 -3.33
C LYS A 98 9.10 -10.36 -4.69
N LYS A 99 9.60 -11.34 -5.44
CA LYS A 99 10.18 -11.09 -6.75
C LYS A 99 9.29 -10.14 -7.56
N ASP A 100 8.08 -10.58 -7.86
CA ASP A 100 7.13 -9.76 -8.62
C ASP A 100 7.21 -8.30 -8.19
N PHE A 101 6.90 -8.06 -6.92
CA PHE A 101 6.94 -6.71 -6.37
C PHE A 101 8.08 -5.90 -6.98
N ILE A 102 9.31 -6.33 -6.71
CA ILE A 102 10.49 -5.65 -7.22
C ILE A 102 10.22 -5.06 -8.61
N ASN A 103 9.95 -5.92 -9.58
CA ASN A 103 9.67 -5.48 -10.94
C ASN A 103 8.59 -4.41 -10.95
N PHE A 104 7.48 -4.69 -10.30
CA PHE A 104 6.36 -3.75 -10.23
C PHE A 104 6.85 -2.36 -9.85
N ILE A 105 7.95 -2.31 -9.09
CA ILE A 105 8.51 -1.04 -8.66
C ILE A 105 9.56 -0.54 -9.65
N SER A 106 10.62 -1.32 -9.82
CA SER A 106 11.70 -0.95 -10.74
C SER A 106 11.18 -0.82 -12.16
N ASP A 107 10.50 -1.86 -12.64
CA ASP A 107 9.95 -1.85 -14.00
C ASP A 107 8.66 -1.03 -14.05
N LYS A 108 8.36 -0.35 -12.96
CA LYS A 108 7.15 0.48 -12.88
C LYS A 108 6.01 -0.15 -13.66
N GLU A 109 5.86 -1.46 -13.52
CA GLU A 109 4.80 -2.18 -14.22
C GLU A 109 3.46 -1.49 -14.04
N TRP A 110 3.33 -0.74 -12.95
CA TRP A 110 2.09 -0.02 -12.66
C TRP A 110 1.66 0.81 -13.86
N LYS A 111 2.62 1.26 -14.65
CA LYS A 111 2.34 2.06 -15.83
C LYS A 111 1.35 1.36 -16.75
N SER A 112 1.35 0.03 -16.70
CA SER A 112 0.45 -0.76 -17.53
C SER A 112 -0.83 -1.12 -16.77
N ILE A 113 -1.12 -0.34 -15.73
CA ILE A 113 -2.31 -0.57 -14.92
C ILE A 113 -3.21 0.66 -14.92
N GLU A 114 -4.52 0.44 -14.90
CA GLU A 114 -5.49 1.52 -14.89
C GLU A 114 -5.68 2.08 -13.48
N PRO A 115 -5.27 3.34 -13.29
CA PRO A 115 -5.38 4.01 -11.99
C PRO A 115 -6.83 4.31 -11.61
N VAL A 116 -7.01 5.01 -10.49
CA VAL A 116 -8.35 5.37 -10.04
C VAL A 116 -8.50 6.88 -9.91
N SER A 117 -9.63 7.41 -10.36
CA SER A 117 -9.90 8.83 -10.30
C SER A 117 -10.64 9.20 -9.02
N SER A 118 -11.65 8.39 -8.68
CA SER A 118 -12.44 8.62 -7.48
C SER A 118 -11.58 8.51 -6.22
N TRP A 119 -10.93 9.62 -5.86
CA TRP A 119 -10.07 9.64 -4.68
C TRP A 119 -10.60 10.64 -3.65
N PHE A 120 -11.55 10.19 -2.84
CA PHE A 120 -12.13 11.04 -1.82
C PHE A 120 -11.72 10.58 -0.42
N SER A 121 -10.99 11.43 0.29
CA SER A 121 -10.52 11.11 1.62
C SER A 121 -10.42 12.37 2.48
N GLY A 122 -11.23 12.43 3.53
CA GLY A 122 -11.22 13.58 4.42
C GLY A 122 -11.68 13.24 5.82
N PRO A 123 -11.02 13.86 6.82
CA PRO A 123 -11.36 13.63 8.24
C PRO A 123 -12.71 14.21 8.61
N SER A 124 -13.34 13.61 9.62
CA SER A 124 -14.65 14.07 10.09
C SER A 124 -14.50 15.25 11.05
N SER A 125 -14.81 16.45 10.57
CA SER A 125 -14.70 17.65 11.39
C SER A 125 -16.06 18.04 11.95
N GLY A 126 -16.12 18.21 13.27
CA GLY A 126 -17.37 18.58 13.91
C GLY A 126 -17.67 17.72 15.12
N GLY A 1 7.58 4.92 20.12
CA GLY A 1 6.91 5.84 19.23
C GLY A 1 7.68 6.05 17.93
N SER A 2 7.81 7.31 17.52
CA SER A 2 8.52 7.64 16.30
C SER A 2 9.79 6.80 16.16
N SER A 3 10.53 6.67 17.26
CA SER A 3 11.76 5.90 17.26
C SER A 3 11.50 4.46 17.70
N GLY A 4 12.50 3.61 17.53
CA GLY A 4 12.37 2.22 17.93
C GLY A 4 12.57 1.27 16.78
N SER A 5 12.39 -0.03 17.03
CA SER A 5 12.56 -1.04 16.00
C SER A 5 11.21 -1.44 15.40
N SER A 6 10.40 -0.42 15.08
CA SER A 6 9.08 -0.67 14.50
C SER A 6 9.18 -1.60 13.30
N GLY A 7 10.05 -1.26 12.36
CA GLY A 7 10.22 -2.07 11.17
C GLY A 7 10.30 -1.24 9.90
N ASN A 8 10.38 -1.92 8.77
CA ASN A 8 10.46 -1.24 7.48
C ASN A 8 9.08 -0.78 7.01
N VAL A 9 8.05 -1.53 7.41
CA VAL A 9 6.68 -1.21 7.04
C VAL A 9 6.16 -0.01 7.83
N ARG A 10 5.39 0.84 7.16
CA ARG A 10 4.83 2.02 7.80
C ARG A 10 3.36 1.82 8.14
N VAL A 11 2.89 2.49 9.18
CA VAL A 11 1.50 2.38 9.61
C VAL A 11 0.71 3.63 9.21
N ILE A 12 -0.05 3.52 8.13
CA ILE A 12 -0.86 4.64 7.65
C ILE A 12 -2.16 4.76 8.44
N THR A 13 -2.60 5.99 8.66
CA THR A 13 -3.83 6.24 9.41
C THR A 13 -4.81 7.05 8.58
N ASP A 14 -5.94 7.41 9.19
CA ASP A 14 -6.96 8.18 8.50
C ASP A 14 -6.50 9.61 8.26
N GLU A 15 -5.30 9.93 8.75
CA GLU A 15 -4.75 11.27 8.58
C GLU A 15 -3.43 11.22 7.81
N ASN A 16 -2.64 10.17 8.08
CA ASN A 16 -1.35 10.00 7.41
C ASN A 16 -1.54 9.78 5.91
N TRP A 17 -2.72 9.31 5.52
CA TRP A 17 -3.03 9.05 4.13
C TRP A 17 -2.45 10.15 3.24
N ARG A 18 -2.65 11.40 3.64
CA ARG A 18 -2.15 12.54 2.87
C ARG A 18 -0.74 12.27 2.36
N GLU A 19 0.15 11.87 3.27
CA GLU A 19 1.53 11.58 2.91
C GLU A 19 1.60 10.78 1.61
N LEU A 20 0.65 9.87 1.44
CA LEU A 20 0.60 9.04 0.23
C LEU A 20 0.61 9.90 -1.02
N LEU A 21 -0.14 10.99 -0.99
CA LEU A 21 -0.22 11.90 -2.13
C LEU A 21 1.17 12.30 -2.61
N GLU A 22 2.13 12.32 -1.68
CA GLU A 22 3.51 12.67 -2.01
C GLU A 22 4.40 11.44 -2.06
N GLY A 23 5.29 11.39 -3.03
CA GLY A 23 6.19 10.26 -3.17
C GLY A 23 5.45 8.95 -3.38
N ASP A 24 6.20 7.88 -3.60
CA ASP A 24 5.61 6.57 -3.82
C ASP A 24 5.29 5.89 -2.49
N TRP A 25 4.15 5.21 -2.45
CA TRP A 25 3.72 4.51 -1.24
C TRP A 25 3.01 3.20 -1.58
N MET A 26 3.52 2.10 -1.03
CA MET A 26 2.93 0.79 -1.28
C MET A 26 2.05 0.36 -0.11
N ILE A 27 0.74 0.34 -0.35
CA ILE A 27 -0.22 -0.06 0.68
C ILE A 27 -0.75 -1.47 0.43
N GLU A 28 -1.06 -2.18 1.51
CA GLU A 28 -1.58 -3.53 1.40
C GLU A 28 -2.62 -3.80 2.49
N PHE A 29 -3.87 -3.94 2.08
CA PHE A 29 -4.96 -4.21 3.02
C PHE A 29 -4.95 -5.66 3.47
N TYR A 30 -4.79 -5.87 4.78
CA TYR A 30 -4.75 -7.21 5.34
C TYR A 30 -5.75 -7.35 6.49
N ALA A 31 -6.09 -8.59 6.82
CA ALA A 31 -7.04 -8.85 7.90
C ALA A 31 -6.60 -10.06 8.72
N PRO A 32 -6.69 -9.92 10.06
CA PRO A 32 -6.31 -10.99 10.99
C PRO A 32 -7.28 -12.17 10.94
N TRP A 33 -8.44 -11.96 10.34
CA TRP A 33 -9.44 -13.01 10.22
C TRP A 33 -9.50 -13.55 8.79
N CYS A 34 -8.36 -13.56 8.12
CA CYS A 34 -8.29 -14.05 6.75
C CYS A 34 -7.04 -14.88 6.53
N PRO A 35 -7.21 -16.08 5.94
CA PRO A 35 -6.10 -17.00 5.67
C PRO A 35 -5.18 -16.48 4.57
N ALA A 36 -5.77 -16.06 3.46
CA ALA A 36 -5.00 -15.54 2.34
C ALA A 36 -4.06 -14.43 2.78
N CYS A 37 -4.57 -13.50 3.58
CA CYS A 37 -3.77 -12.38 4.07
C CYS A 37 -2.58 -12.89 4.88
N GLN A 38 -2.79 -13.97 5.62
CA GLN A 38 -1.73 -14.55 6.43
C GLN A 38 -0.55 -14.99 5.57
N ASN A 39 -0.83 -15.28 4.30
CA ASN A 39 0.20 -15.72 3.37
C ASN A 39 1.02 -14.53 2.87
N LEU A 40 0.39 -13.36 2.81
CA LEU A 40 1.06 -12.16 2.36
C LEU A 40 1.85 -11.51 3.48
N GLN A 41 1.43 -11.76 4.72
CA GLN A 41 2.10 -11.20 5.89
C GLN A 41 3.62 -11.27 5.73
N PRO A 42 4.14 -12.48 5.49
CA PRO A 42 5.58 -12.69 5.31
C PRO A 42 6.09 -12.10 4.00
N GLU A 43 5.37 -12.37 2.91
CA GLU A 43 5.75 -11.87 1.60
C GLU A 43 6.00 -10.36 1.64
N TRP A 44 5.16 -9.65 2.38
CA TRP A 44 5.28 -8.21 2.51
C TRP A 44 6.59 -7.83 3.18
N GLU A 45 6.82 -8.38 4.37
CA GLU A 45 8.04 -8.09 5.11
C GLU A 45 9.28 -8.26 4.23
N SER A 46 9.37 -9.40 3.57
CA SER A 46 10.50 -9.69 2.69
C SER A 46 10.62 -8.64 1.59
N PHE A 47 9.48 -8.08 1.21
CA PHE A 47 9.45 -7.06 0.17
C PHE A 47 9.98 -5.72 0.69
N ALA A 48 9.33 -5.21 1.72
CA ALA A 48 9.74 -3.94 2.33
C ALA A 48 11.24 -3.90 2.54
N GLU A 49 11.87 -5.07 2.59
CA GLU A 49 13.31 -5.17 2.81
C GLU A 49 14.06 -4.34 1.77
N TRP A 50 13.85 -4.65 0.49
CA TRP A 50 14.50 -3.94 -0.58
C TRP A 50 13.66 -2.75 -1.07
N GLY A 51 12.47 -2.62 -0.49
CA GLY A 51 11.58 -1.53 -0.86
C GLY A 51 12.28 -0.20 -0.86
N GLU A 52 12.63 0.29 0.32
CA GLU A 52 13.31 1.58 0.45
C GLU A 52 14.53 1.64 -0.46
N ASP A 53 15.16 0.50 -0.67
CA ASP A 53 16.34 0.41 -1.53
C ASP A 53 16.02 0.84 -2.95
N LEU A 54 14.83 0.48 -3.41
CA LEU A 54 14.40 0.82 -4.77
C LEU A 54 13.71 2.19 -4.79
N GLU A 55 13.88 2.95 -3.71
CA GLU A 55 13.29 4.27 -3.61
C GLU A 55 11.76 4.18 -3.57
N VAL A 56 11.24 3.39 -2.63
CA VAL A 56 9.81 3.23 -2.48
C VAL A 56 9.43 2.95 -1.04
N ASN A 57 8.42 3.67 -0.54
CA ASN A 57 7.96 3.51 0.83
C ASN A 57 6.86 2.46 0.91
N ILE A 58 6.87 1.68 1.99
CA ILE A 58 5.87 0.64 2.20
C ILE A 58 5.05 0.90 3.46
N ALA A 59 3.76 0.58 3.40
CA ALA A 59 2.87 0.77 4.53
C ALA A 59 1.81 -0.33 4.60
N LYS A 60 1.15 -0.44 5.75
CA LYS A 60 0.12 -1.45 5.94
C LYS A 60 -1.12 -0.84 6.59
N VAL A 61 -2.29 -1.28 6.15
CA VAL A 61 -3.55 -0.78 6.68
C VAL A 61 -4.33 -1.90 7.38
N ASP A 62 -4.80 -1.62 8.59
CA ASP A 62 -5.57 -2.59 9.35
C ASP A 62 -7.07 -2.33 9.23
N VAL A 63 -7.74 -3.11 8.41
CA VAL A 63 -9.18 -2.96 8.20
C VAL A 63 -9.93 -3.09 9.52
N THR A 64 -9.24 -3.54 10.56
CA THR A 64 -9.84 -3.72 11.87
C THR A 64 -9.70 -2.45 12.71
N GLU A 65 -8.53 -1.82 12.62
CA GLU A 65 -8.27 -0.60 13.37
C GLU A 65 -8.82 0.63 12.64
N GLN A 66 -8.57 0.69 11.33
CA GLN A 66 -9.04 1.80 10.52
C GLN A 66 -10.23 1.39 9.66
N PRO A 67 -11.44 1.57 10.20
CA PRO A 67 -12.69 1.22 9.51
C PRO A 67 -12.96 2.15 8.32
N GLY A 68 -12.52 3.40 8.43
CA GLY A 68 -12.72 4.35 7.36
C GLY A 68 -11.89 4.05 6.14
N LEU A 69 -10.57 4.06 6.30
CA LEU A 69 -9.66 3.78 5.19
C LEU A 69 -10.19 2.64 4.32
N SER A 70 -10.86 1.68 4.95
CA SER A 70 -11.41 0.54 4.23
C SER A 70 -12.32 1.00 3.10
N GLY A 71 -13.23 1.93 3.42
CA GLY A 71 -14.14 2.44 2.41
C GLY A 71 -13.52 3.51 1.55
N ARG A 72 -12.68 4.36 2.17
CA ARG A 72 -12.02 5.44 1.44
C ARG A 72 -11.37 4.92 0.16
N PHE A 73 -11.12 3.61 0.12
CA PHE A 73 -10.49 2.99 -1.04
C PHE A 73 -11.43 1.96 -1.68
N ILE A 74 -12.53 1.68 -1.00
CA ILE A 74 -13.52 0.72 -1.50
C ILE A 74 -12.89 -0.66 -1.66
N ILE A 75 -12.27 -1.16 -0.59
CA ILE A 75 -11.64 -2.47 -0.61
C ILE A 75 -12.64 -3.57 -0.29
N ASN A 76 -13.06 -4.30 -1.32
CA ASN A 76 -14.02 -5.39 -1.15
C ASN A 76 -13.31 -6.72 -0.97
N ALA A 77 -12.42 -7.05 -1.90
CA ALA A 77 -11.66 -8.30 -1.85
C ALA A 77 -10.31 -8.09 -1.17
N LEU A 78 -9.79 -9.15 -0.58
CA LEU A 78 -8.49 -9.09 0.11
C LEU A 78 -7.72 -10.38 -0.08
N PRO A 79 -6.38 -10.29 -0.03
CA PRO A 79 -5.69 -9.02 0.19
C PRO A 79 -5.81 -8.07 -0.99
N THR A 80 -5.39 -6.82 -0.81
CA THR A 80 -5.45 -5.83 -1.87
C THR A 80 -4.39 -4.75 -1.68
N ILE A 81 -3.46 -4.67 -2.62
CA ILE A 81 -2.39 -3.68 -2.56
C ILE A 81 -2.67 -2.50 -3.47
N TYR A 82 -2.36 -1.30 -3.00
CA TYR A 82 -2.59 -0.09 -3.79
C TYR A 82 -1.31 0.75 -3.87
N HIS A 83 -0.89 1.05 -5.09
CA HIS A 83 0.31 1.85 -5.30
C HIS A 83 -0.03 3.32 -5.47
N CYS A 84 0.40 4.14 -4.52
CA CYS A 84 0.14 5.58 -4.56
C CYS A 84 1.35 6.34 -5.10
N LYS A 85 1.16 7.00 -6.24
CA LYS A 85 2.23 7.77 -6.86
C LYS A 85 1.80 9.21 -7.11
N ASP A 86 2.51 10.15 -6.49
CA ASP A 86 2.20 11.57 -6.64
C ASP A 86 0.69 11.80 -6.62
N GLY A 87 -0.01 11.05 -5.78
CA GLY A 87 -1.46 11.18 -5.69
C GLY A 87 -2.19 10.08 -6.41
N GLU A 88 -1.74 9.77 -7.63
CA GLU A 88 -2.37 8.71 -8.42
C GLU A 88 -2.37 7.39 -7.67
N PHE A 89 -3.27 6.49 -8.08
CA PHE A 89 -3.37 5.19 -7.44
C PHE A 89 -3.42 4.07 -8.48
N ARG A 90 -3.01 2.87 -8.08
CA ARG A 90 -3.01 1.72 -8.98
C ARG A 90 -3.13 0.42 -8.20
N ARG A 91 -4.22 -0.31 -8.43
CA ARG A 91 -4.45 -1.57 -7.74
C ARG A 91 -3.47 -2.63 -8.23
N TYR A 92 -2.74 -3.22 -7.28
CA TYR A 92 -1.75 -4.25 -7.60
C TYR A 92 -2.43 -5.45 -8.27
N GLN A 93 -2.10 -5.67 -9.54
CA GLN A 93 -2.67 -6.78 -10.29
C GLN A 93 -1.63 -7.87 -10.52
N GLY A 94 -0.95 -8.26 -9.45
CA GLY A 94 0.07 -9.30 -9.55
C GLY A 94 -0.16 -10.43 -8.56
N PRO A 95 0.71 -11.45 -8.62
CA PRO A 95 0.62 -12.62 -7.73
C PRO A 95 0.97 -12.27 -6.29
N ARG A 96 1.34 -11.02 -6.06
CA ARG A 96 1.70 -10.57 -4.72
C ARG A 96 2.92 -11.33 -4.20
N THR A 97 3.90 -11.53 -5.08
CA THR A 97 5.12 -12.24 -4.72
C THR A 97 6.32 -11.28 -4.63
N LYS A 98 7.23 -11.57 -3.72
CA LYS A 98 8.42 -10.74 -3.55
C LYS A 98 9.02 -10.37 -4.89
N LYS A 99 9.56 -11.36 -5.58
CA LYS A 99 10.18 -11.15 -6.89
C LYS A 99 9.34 -10.20 -7.74
N ASP A 100 8.09 -10.58 -7.99
CA ASP A 100 7.18 -9.77 -8.78
C ASP A 100 7.24 -8.30 -8.34
N PHE A 101 6.90 -8.07 -7.08
CA PHE A 101 6.91 -6.71 -6.53
C PHE A 101 8.07 -5.91 -7.10
N ILE A 102 9.29 -6.37 -6.85
CA ILE A 102 10.48 -5.70 -7.35
C ILE A 102 10.22 -5.02 -8.68
N ASN A 103 9.95 -5.82 -9.71
CA ASN A 103 9.68 -5.31 -11.04
C ASN A 103 8.62 -4.20 -11.00
N PHE A 104 7.50 -4.49 -10.35
CA PHE A 104 6.42 -3.53 -10.22
C PHE A 104 6.95 -2.16 -9.80
N ILE A 105 8.12 -2.16 -9.17
CA ILE A 105 8.74 -0.92 -8.71
C ILE A 105 9.86 -0.49 -9.65
N SER A 106 10.86 -1.33 -9.79
CA SER A 106 12.00 -1.04 -10.65
C SER A 106 11.56 -0.93 -12.11
N ASP A 107 10.81 -1.93 -12.57
CA ASP A 107 10.33 -1.94 -13.95
C ASP A 107 9.11 -1.05 -14.10
N LYS A 108 8.83 -0.25 -13.07
CA LYS A 108 7.69 0.66 -13.10
C LYS A 108 6.52 0.06 -13.88
N GLU A 109 6.33 -1.25 -13.73
CA GLU A 109 5.26 -1.94 -14.42
C GLU A 109 3.91 -1.27 -14.15
N TRP A 110 3.81 -0.60 -13.01
CA TRP A 110 2.58 0.09 -12.64
C TRP A 110 2.07 0.97 -13.78
N LYS A 111 3.01 1.52 -14.55
CA LYS A 111 2.67 2.38 -15.68
C LYS A 111 1.68 1.68 -16.61
N SER A 112 1.85 0.38 -16.78
CA SER A 112 0.97 -0.41 -17.63
C SER A 112 -0.46 -0.41 -17.10
N ILE A 113 -0.58 -0.29 -15.78
CA ILE A 113 -1.89 -0.28 -15.14
C ILE A 113 -2.52 1.11 -15.18
N GLU A 114 -3.80 1.16 -15.54
CA GLU A 114 -4.52 2.43 -15.62
C GLU A 114 -4.81 2.97 -14.23
N PRO A 115 -4.16 4.11 -13.90
CA PRO A 115 -4.33 4.77 -12.61
C PRO A 115 -5.72 5.38 -12.45
N VAL A 116 -6.21 5.44 -11.21
CA VAL A 116 -7.52 6.01 -10.92
C VAL A 116 -7.40 7.47 -10.54
N SER A 117 -8.54 8.16 -10.51
CA SER A 117 -8.57 9.58 -10.15
C SER A 117 -9.63 9.85 -9.09
N SER A 118 -10.78 9.18 -9.22
CA SER A 118 -11.88 9.35 -8.28
C SER A 118 -11.39 9.20 -6.84
N TRP A 119 -11.10 10.33 -6.21
CA TRP A 119 -10.62 10.32 -4.83
C TRP A 119 -11.52 11.17 -3.93
N PHE A 120 -12.55 10.55 -3.37
CA PHE A 120 -13.48 11.25 -2.50
C PHE A 120 -13.22 10.92 -1.04
N SER A 121 -13.10 11.95 -0.21
CA SER A 121 -12.84 11.76 1.21
C SER A 121 -13.12 13.04 1.99
N GLY A 122 -13.95 12.94 3.01
CA GLY A 122 -14.29 14.10 3.83
C GLY A 122 -15.31 13.79 4.89
N PRO A 123 -14.96 12.88 5.81
CA PRO A 123 -15.86 12.48 6.91
C PRO A 123 -16.06 13.60 7.93
N SER A 124 -17.20 14.28 7.83
CA SER A 124 -17.52 15.37 8.74
C SER A 124 -17.47 14.90 10.20
N SER A 125 -18.09 13.75 10.46
CA SER A 125 -18.12 13.20 11.81
C SER A 125 -17.76 11.72 11.79
N GLY A 126 -16.49 11.42 12.07
CA GLY A 126 -16.03 10.04 12.09
C GLY A 126 -16.58 9.25 10.91
N GLY A 1 15.98 10.22 7.33
CA GLY A 1 17.31 10.10 7.90
C GLY A 1 17.89 8.71 7.71
N SER A 2 17.03 7.71 7.66
CA SER A 2 17.48 6.33 7.49
C SER A 2 18.54 5.97 8.51
N SER A 3 18.30 6.32 9.77
CA SER A 3 19.24 6.04 10.84
C SER A 3 18.55 5.35 12.02
N GLY A 4 18.43 4.03 11.93
CA GLY A 4 17.78 3.27 12.99
C GLY A 4 16.28 3.52 13.05
N SER A 5 15.55 2.90 12.12
CA SER A 5 14.10 3.07 12.06
C SER A 5 13.41 1.93 12.80
N SER A 6 12.13 2.13 13.10
CA SER A 6 11.34 1.13 13.81
C SER A 6 10.71 0.13 12.84
N GLY A 7 11.52 -0.34 11.89
CA GLY A 7 11.02 -1.29 10.92
C GLY A 7 10.94 -0.70 9.51
N ASN A 8 10.56 -1.52 8.55
CA ASN A 8 10.43 -1.08 7.17
C ASN A 8 8.97 -0.82 6.80
N VAL A 9 8.07 -1.57 7.43
CA VAL A 9 6.64 -1.42 7.17
C VAL A 9 6.07 -0.26 7.97
N ARG A 10 5.47 0.70 7.26
CA ARG A 10 4.88 1.87 7.90
C ARG A 10 3.40 1.64 8.19
N VAL A 11 2.90 2.27 9.26
CA VAL A 11 1.50 2.14 9.64
C VAL A 11 0.71 3.39 9.29
N ILE A 12 0.00 3.34 8.16
CA ILE A 12 -0.80 4.47 7.71
C ILE A 12 -2.12 4.55 8.49
N THR A 13 -2.44 5.75 8.97
CA THR A 13 -3.66 5.97 9.73
C THR A 13 -4.65 6.81 8.94
N ASP A 14 -5.76 7.18 9.59
CA ASP A 14 -6.78 7.98 8.94
C ASP A 14 -6.26 9.40 8.67
N GLU A 15 -5.04 9.66 9.11
CA GLU A 15 -4.44 10.98 8.92
C GLU A 15 -3.15 10.87 8.10
N ASN A 16 -2.50 9.71 8.20
CA ASN A 16 -1.24 9.48 7.48
C ASN A 16 -1.50 9.31 5.99
N TRP A 17 -2.64 8.72 5.64
CA TRP A 17 -3.01 8.50 4.26
C TRP A 17 -2.58 9.68 3.38
N ARG A 18 -2.83 10.89 3.87
CA ARG A 18 -2.46 12.10 3.14
C ARG A 18 -1.04 12.01 2.60
N GLU A 19 -0.12 11.59 3.47
CA GLU A 19 1.28 11.46 3.08
C GLU A 19 1.41 10.68 1.77
N LEU A 20 0.48 9.76 1.53
CA LEU A 20 0.50 8.95 0.32
C LEU A 20 0.37 9.84 -0.91
N LEU A 21 -0.40 10.91 -0.80
CA LEU A 21 -0.60 11.84 -1.91
C LEU A 21 0.74 12.28 -2.50
N GLU A 22 1.77 12.28 -1.68
CA GLU A 22 3.10 12.67 -2.12
C GLU A 22 4.06 11.49 -2.08
N GLY A 23 4.94 11.41 -3.07
CA GLY A 23 5.90 10.31 -3.12
C GLY A 23 5.24 8.97 -3.33
N ASP A 24 6.05 7.94 -3.60
CA ASP A 24 5.54 6.60 -3.81
C ASP A 24 5.23 5.91 -2.49
N TRP A 25 4.06 5.30 -2.40
CA TRP A 25 3.64 4.60 -1.19
C TRP A 25 2.95 3.29 -1.53
N MET A 26 3.48 2.20 -1.00
CA MET A 26 2.91 0.88 -1.23
C MET A 26 2.06 0.42 -0.06
N ILE A 27 0.75 0.34 -0.28
CA ILE A 27 -0.18 -0.08 0.78
C ILE A 27 -0.66 -1.51 0.54
N GLU A 28 -1.02 -2.19 1.62
CA GLU A 28 -1.51 -3.56 1.54
C GLU A 28 -2.57 -3.83 2.60
N PHE A 29 -3.83 -3.91 2.17
CA PHE A 29 -4.93 -4.16 3.07
C PHE A 29 -5.00 -5.63 3.47
N TYR A 30 -4.75 -5.91 4.74
CA TYR A 30 -4.77 -7.27 5.25
C TYR A 30 -5.81 -7.43 6.37
N ALA A 31 -6.08 -8.68 6.75
CA ALA A 31 -7.04 -8.96 7.80
C ALA A 31 -6.61 -10.16 8.63
N PRO A 32 -6.80 -10.06 9.96
CA PRO A 32 -6.43 -11.14 10.88
C PRO A 32 -7.34 -12.36 10.74
N TRP A 33 -8.25 -12.31 9.78
CA TRP A 33 -9.18 -13.40 9.55
C TRP A 33 -9.07 -13.91 8.11
N CYS A 34 -8.43 -13.12 7.26
CA CYS A 34 -8.26 -13.49 5.85
C CYS A 34 -7.14 -14.51 5.70
N PRO A 35 -7.46 -15.63 5.02
CA PRO A 35 -6.49 -16.71 4.78
C PRO A 35 -5.39 -16.30 3.81
N ALA A 36 -5.79 -15.63 2.72
CA ALA A 36 -4.84 -15.18 1.71
C ALA A 36 -3.85 -14.16 2.30
N CYS A 37 -4.38 -13.15 2.96
CA CYS A 37 -3.55 -12.11 3.55
C CYS A 37 -2.41 -12.72 4.35
N GLN A 38 -2.68 -13.83 5.03
CA GLN A 38 -1.67 -14.51 5.83
C GLN A 38 -0.45 -14.87 4.98
N ASN A 39 -0.70 -15.21 3.72
CA ASN A 39 0.36 -15.58 2.80
C ASN A 39 1.17 -14.35 2.38
N LEU A 40 0.53 -13.19 2.47
CA LEU A 40 1.18 -11.93 2.10
C LEU A 40 1.91 -11.31 3.30
N GLN A 41 1.34 -11.49 4.48
CA GLN A 41 1.92 -10.96 5.71
C GLN A 41 3.45 -11.05 5.66
N PRO A 42 3.96 -12.27 5.46
CA PRO A 42 5.41 -12.52 5.39
C PRO A 42 6.03 -11.95 4.13
N GLU A 43 5.39 -12.18 2.99
CA GLU A 43 5.88 -11.69 1.71
C GLU A 43 6.17 -10.19 1.79
N TRP A 44 5.30 -9.46 2.47
CA TRP A 44 5.47 -8.01 2.62
C TRP A 44 6.76 -7.68 3.34
N GLU A 45 6.99 -8.32 4.48
CA GLU A 45 8.19 -8.10 5.26
C GLU A 45 9.44 -8.23 4.39
N SER A 46 9.52 -9.33 3.65
CA SER A 46 10.66 -9.58 2.79
C SER A 46 10.72 -8.57 1.65
N PHE A 47 9.60 -7.89 1.41
CA PHE A 47 9.51 -6.89 0.35
C PHE A 47 10.02 -5.54 0.84
N ALA A 48 9.38 -5.03 1.90
CA ALA A 48 9.77 -3.74 2.47
C ALA A 48 11.27 -3.66 2.68
N GLU A 49 11.91 -4.83 2.77
CA GLU A 49 13.35 -4.89 2.98
C GLU A 49 14.10 -4.08 1.92
N TRP A 50 13.90 -4.44 0.66
CA TRP A 50 14.54 -3.75 -0.45
C TRP A 50 13.69 -2.60 -0.94
N GLY A 51 12.39 -2.65 -0.63
CA GLY A 51 11.48 -1.60 -1.06
C GLY A 51 12.13 -0.22 -1.02
N GLU A 52 12.32 0.31 0.18
CA GLU A 52 12.92 1.62 0.35
C GLU A 52 14.18 1.76 -0.51
N ASP A 53 14.92 0.67 -0.63
CA ASP A 53 16.15 0.66 -1.42
C ASP A 53 15.88 1.15 -2.84
N LEU A 54 14.73 0.74 -3.39
CA LEU A 54 14.35 1.13 -4.74
C LEU A 54 13.63 2.47 -4.74
N GLU A 55 13.82 3.24 -3.68
CA GLU A 55 13.18 4.55 -3.55
C GLU A 55 11.67 4.41 -3.52
N VAL A 56 11.17 3.61 -2.59
CA VAL A 56 9.74 3.39 -2.46
C VAL A 56 9.36 3.06 -1.01
N ASN A 57 8.36 3.77 -0.49
CA ASN A 57 7.91 3.56 0.88
C ASN A 57 6.88 2.43 0.94
N ILE A 58 6.87 1.70 2.05
CA ILE A 58 5.94 0.60 2.24
C ILE A 58 5.18 0.74 3.55
N ALA A 59 3.90 0.38 3.53
CA ALA A 59 3.06 0.46 4.71
C ALA A 59 1.97 -0.61 4.69
N LYS A 60 1.28 -0.76 5.82
CA LYS A 60 0.22 -1.75 5.93
C LYS A 60 -0.99 -1.17 6.64
N VAL A 61 -2.18 -1.51 6.16
CA VAL A 61 -3.42 -1.01 6.75
C VAL A 61 -4.25 -2.16 7.32
N ASP A 62 -4.99 -1.88 8.37
CA ASP A 62 -5.84 -2.88 9.01
C ASP A 62 -7.31 -2.56 8.81
N VAL A 63 -8.05 -3.51 8.23
CA VAL A 63 -9.47 -3.33 7.98
C VAL A 63 -10.30 -3.66 9.21
N THR A 64 -9.68 -3.52 10.38
CA THR A 64 -10.36 -3.81 11.64
C THR A 64 -10.22 -2.65 12.62
N GLU A 65 -9.08 -1.96 12.55
CA GLU A 65 -8.82 -0.83 13.43
C GLU A 65 -9.06 0.49 12.71
N GLN A 66 -8.88 0.48 11.40
CA GLN A 66 -9.08 1.68 10.59
C GLN A 66 -10.34 1.56 9.74
N PRO A 67 -11.50 1.84 10.34
CA PRO A 67 -12.80 1.78 9.66
C PRO A 67 -12.96 2.87 8.62
N GLY A 68 -12.04 3.82 8.62
CA GLY A 68 -12.10 4.92 7.67
C GLY A 68 -11.40 4.60 6.36
N LEU A 69 -10.12 4.24 6.46
CA LEU A 69 -9.33 3.91 5.27
C LEU A 69 -10.09 2.93 4.38
N SER A 70 -10.67 1.90 4.98
CA SER A 70 -11.42 0.89 4.24
C SER A 70 -12.42 1.55 3.30
N GLY A 71 -13.08 2.60 3.78
CA GLY A 71 -14.05 3.30 2.97
C GLY A 71 -13.42 4.34 2.07
N ARG A 72 -12.29 4.89 2.51
CA ARG A 72 -11.59 5.90 1.74
C ARG A 72 -10.91 5.29 0.52
N PHE A 73 -10.89 3.96 0.47
CA PHE A 73 -10.27 3.25 -0.64
C PHE A 73 -11.30 2.39 -1.38
N ILE A 74 -12.42 2.12 -0.73
CA ILE A 74 -13.48 1.32 -1.31
C ILE A 74 -13.03 -0.11 -1.53
N ILE A 75 -12.54 -0.74 -0.46
CA ILE A 75 -12.08 -2.12 -0.54
C ILE A 75 -13.24 -3.09 -0.62
N ASN A 76 -13.09 -4.12 -1.45
CA ASN A 76 -14.12 -5.13 -1.63
C ASN A 76 -13.63 -6.51 -1.20
N ALA A 77 -12.44 -6.87 -1.67
CA ALA A 77 -11.86 -8.17 -1.33
C ALA A 77 -10.47 -8.00 -0.74
N LEU A 78 -9.93 -9.08 -0.16
CA LEU A 78 -8.61 -9.05 0.44
C LEU A 78 -7.88 -10.38 0.22
N PRO A 79 -6.54 -10.33 0.18
CA PRO A 79 -5.80 -9.07 0.34
C PRO A 79 -5.97 -8.14 -0.85
N THR A 80 -5.49 -6.90 -0.72
CA THR A 80 -5.59 -5.93 -1.79
C THR A 80 -4.52 -4.84 -1.64
N ILE A 81 -3.54 -4.86 -2.54
CA ILE A 81 -2.46 -3.88 -2.51
C ILE A 81 -2.76 -2.71 -3.43
N TYR A 82 -2.43 -1.51 -2.98
CA TYR A 82 -2.66 -0.30 -3.77
C TYR A 82 -1.38 0.54 -3.88
N HIS A 83 -0.99 0.84 -5.11
CA HIS A 83 0.22 1.63 -5.35
C HIS A 83 -0.14 3.10 -5.54
N CYS A 84 0.34 3.94 -4.63
CA CYS A 84 0.06 5.37 -4.71
C CYS A 84 1.28 6.12 -5.24
N LYS A 85 1.09 6.82 -6.36
CA LYS A 85 2.16 7.58 -6.97
C LYS A 85 1.75 9.04 -7.21
N ASP A 86 2.34 9.95 -6.45
CA ASP A 86 2.02 11.37 -6.58
C ASP A 86 0.51 11.59 -6.56
N GLY A 87 -0.18 10.88 -5.67
CA GLY A 87 -1.62 11.02 -5.57
C GLY A 87 -2.36 9.92 -6.32
N GLU A 88 -1.92 9.64 -7.54
CA GLU A 88 -2.54 8.61 -8.36
C GLU A 88 -2.45 7.25 -7.69
N PHE A 89 -3.34 6.34 -8.07
CA PHE A 89 -3.37 5.00 -7.50
C PHE A 89 -3.43 3.95 -8.60
N ARG A 90 -2.92 2.76 -8.31
CA ARG A 90 -2.91 1.67 -9.27
C ARG A 90 -2.88 0.32 -8.56
N ARG A 91 -3.96 -0.45 -8.70
CA ARG A 91 -4.06 -1.76 -8.08
C ARG A 91 -2.94 -2.67 -8.55
N TYR A 92 -2.33 -3.40 -7.61
CA TYR A 92 -1.24 -4.31 -7.94
C TYR A 92 -1.64 -5.27 -9.05
N GLN A 93 -2.66 -6.06 -8.80
CA GLN A 93 -3.15 -7.03 -9.78
C GLN A 93 -2.07 -8.06 -10.11
N GLY A 94 -1.45 -8.62 -9.08
CA GLY A 94 -0.41 -9.60 -9.28
C GLY A 94 -0.46 -10.71 -8.25
N PRO A 95 0.50 -11.64 -8.33
CA PRO A 95 0.59 -12.78 -7.41
C PRO A 95 0.99 -12.35 -5.99
N ARG A 96 1.39 -11.09 -5.85
CA ARG A 96 1.80 -10.55 -4.56
C ARG A 96 2.99 -11.34 -4.01
N THR A 97 4.05 -11.43 -4.79
CA THR A 97 5.26 -12.14 -4.39
C THR A 97 6.46 -11.22 -4.31
N LYS A 98 7.39 -11.52 -3.42
CA LYS A 98 8.59 -10.71 -3.25
C LYS A 98 9.18 -10.33 -4.61
N LYS A 99 9.54 -11.34 -5.40
CA LYS A 99 10.11 -11.11 -6.72
C LYS A 99 9.26 -10.13 -7.52
N ASP A 100 8.06 -10.56 -7.89
CA ASP A 100 7.14 -9.72 -8.66
C ASP A 100 7.24 -8.26 -8.21
N PHE A 101 6.97 -8.02 -6.93
CA PHE A 101 7.02 -6.67 -6.37
C PHE A 101 8.16 -5.88 -6.99
N ILE A 102 9.39 -6.32 -6.73
CA ILE A 102 10.57 -5.64 -7.27
C ILE A 102 10.29 -5.08 -8.66
N ASN A 103 10.06 -5.98 -9.61
CA ASN A 103 9.79 -5.57 -10.99
C ASN A 103 8.70 -4.50 -11.03
N PHE A 104 7.61 -4.74 -10.33
CA PHE A 104 6.50 -3.79 -10.28
C PHE A 104 6.99 -2.39 -9.92
N ILE A 105 8.00 -2.34 -9.06
CA ILE A 105 8.56 -1.07 -8.61
C ILE A 105 9.64 -0.59 -9.57
N SER A 106 10.73 -1.34 -9.68
CA SER A 106 11.83 -0.99 -10.56
C SER A 106 11.38 -0.97 -12.01
N ASP A 107 10.71 -2.04 -12.44
CA ASP A 107 10.21 -2.14 -13.81
C ASP A 107 8.97 -1.28 -14.00
N LYS A 108 8.63 -0.50 -12.98
CA LYS A 108 7.45 0.37 -13.04
C LYS A 108 6.32 -0.29 -13.83
N GLU A 109 6.15 -1.59 -13.62
CA GLU A 109 5.11 -2.34 -14.32
C GLU A 109 3.76 -1.66 -14.15
N TRP A 110 3.57 -0.98 -13.03
CA TRP A 110 2.32 -0.27 -12.75
C TRP A 110 1.89 0.56 -13.95
N LYS A 111 2.86 1.10 -14.67
CA LYS A 111 2.57 1.92 -15.85
C LYS A 111 1.62 1.20 -16.79
N SER A 112 1.76 -0.13 -16.87
CA SER A 112 0.92 -0.93 -17.74
C SER A 112 -0.41 -1.26 -17.06
N ILE A 113 -0.74 -0.49 -16.02
CA ILE A 113 -1.99 -0.69 -15.29
C ILE A 113 -2.85 0.56 -15.32
N GLU A 114 -4.16 0.37 -15.48
CA GLU A 114 -5.11 1.48 -15.52
C GLU A 114 -5.30 2.08 -14.13
N PRO A 115 -4.83 3.32 -13.96
CA PRO A 115 -4.95 4.04 -12.68
C PRO A 115 -6.39 4.43 -12.35
N VAL A 116 -6.61 4.91 -11.14
CA VAL A 116 -7.94 5.32 -10.71
C VAL A 116 -8.00 6.83 -10.46
N SER A 117 -9.17 7.40 -10.66
CA SER A 117 -9.37 8.84 -10.46
C SER A 117 -10.13 9.11 -9.16
N SER A 118 -11.33 8.54 -9.07
CA SER A 118 -12.16 8.73 -7.88
C SER A 118 -11.34 8.56 -6.61
N TRP A 119 -10.81 9.67 -6.10
CA TRP A 119 -10.00 9.64 -4.88
C TRP A 119 -10.52 10.64 -3.86
N PHE A 120 -11.50 10.22 -3.06
CA PHE A 120 -12.08 11.08 -2.04
C PHE A 120 -11.28 11.01 -0.75
N SER A 121 -10.30 11.90 -0.61
CA SER A 121 -9.46 11.93 0.58
C SER A 121 -9.10 13.37 0.95
N GLY A 122 -9.66 13.85 2.06
CA GLY A 122 -9.38 15.20 2.51
C GLY A 122 -10.10 15.53 3.80
N PRO A 123 -10.50 16.80 3.94
CA PRO A 123 -11.21 17.29 5.14
C PRO A 123 -12.62 16.72 5.25
N SER A 124 -13.35 17.16 6.27
CA SER A 124 -14.71 16.70 6.48
C SER A 124 -15.69 17.88 6.50
N SER A 125 -16.81 17.70 5.82
CA SER A 125 -17.83 18.75 5.74
C SER A 125 -19.20 18.20 6.14
N GLY A 126 -20.19 19.10 6.20
CA GLY A 126 -21.53 18.69 6.57
C GLY A 126 -21.57 17.98 7.91
N GLY A 1 16.41 9.84 9.61
CA GLY A 1 17.70 10.41 9.94
C GLY A 1 18.79 9.37 10.05
N SER A 2 19.84 9.70 10.80
CA SER A 2 20.96 8.78 10.98
C SER A 2 21.08 8.35 12.44
N SER A 3 20.27 7.37 12.83
CA SER A 3 20.27 6.87 14.19
C SER A 3 19.39 5.62 14.32
N GLY A 4 20.02 4.49 14.60
CA GLY A 4 19.29 3.25 14.74
C GLY A 4 18.50 2.89 13.50
N SER A 5 17.66 1.87 13.60
CA SER A 5 16.84 1.43 12.47
C SER A 5 15.36 1.57 12.79
N SER A 6 14.52 1.41 11.76
CA SER A 6 13.08 1.51 11.93
C SER A 6 12.36 0.43 11.12
N GLY A 7 11.09 0.20 11.46
CA GLY A 7 10.31 -0.81 10.76
C GLY A 7 10.10 -0.46 9.30
N ASN A 8 10.74 -1.22 8.41
CA ASN A 8 10.62 -0.98 6.99
C ASN A 8 9.17 -0.72 6.60
N VAL A 9 8.25 -1.42 7.26
CA VAL A 9 6.82 -1.26 6.99
C VAL A 9 6.23 -0.11 7.80
N ARG A 10 5.51 0.77 7.13
CA ARG A 10 4.88 1.92 7.79
C ARG A 10 3.41 1.62 8.10
N VAL A 11 2.97 2.08 9.27
CA VAL A 11 1.58 1.87 9.69
C VAL A 11 0.72 3.09 9.36
N ILE A 12 -0.05 2.98 8.28
CA ILE A 12 -0.92 4.08 7.86
C ILE A 12 -2.21 4.10 8.67
N THR A 13 -2.67 5.30 9.00
CA THR A 13 -3.89 5.47 9.77
C THR A 13 -4.92 6.30 9.02
N ASP A 14 -6.04 6.58 9.67
CA ASP A 14 -7.11 7.37 9.06
C ASP A 14 -6.67 8.83 8.90
N GLU A 15 -5.48 9.15 9.40
CA GLU A 15 -4.96 10.51 9.33
C GLU A 15 -3.63 10.53 8.58
N ASN A 16 -2.81 9.51 8.80
CA ASN A 16 -1.51 9.42 8.15
C ASN A 16 -1.67 9.18 6.65
N TRP A 17 -2.81 8.65 6.26
CA TRP A 17 -3.09 8.37 4.86
C TRP A 17 -2.55 9.49 3.96
N ARG A 18 -2.81 10.73 4.36
CA ARG A 18 -2.36 11.88 3.60
C ARG A 18 -0.93 11.69 3.11
N GLU A 19 -0.02 11.38 4.04
CA GLU A 19 1.38 11.16 3.70
C GLU A 19 1.50 10.40 2.38
N LEU A 20 0.59 9.46 2.16
CA LEU A 20 0.59 8.67 0.93
C LEU A 20 0.62 9.55 -0.31
N LEU A 21 -0.23 10.57 -0.31
CA LEU A 21 -0.30 11.50 -1.44
C LEU A 21 1.08 12.00 -1.82
N GLU A 22 2.03 11.87 -0.89
CA GLU A 22 3.40 12.31 -1.14
C GLU A 22 4.24 11.16 -1.67
N GLY A 23 4.91 11.39 -2.80
CA GLY A 23 5.75 10.36 -3.41
C GLY A 23 5.03 9.04 -3.55
N ASP A 24 5.76 8.01 -3.94
CA ASP A 24 5.19 6.68 -4.11
C ASP A 24 4.94 6.02 -2.76
N TRP A 25 3.90 5.19 -2.69
CA TRP A 25 3.54 4.50 -1.47
C TRP A 25 2.87 3.16 -1.76
N MET A 26 3.45 2.08 -1.25
CA MET A 26 2.89 0.75 -1.46
C MET A 26 2.04 0.32 -0.27
N ILE A 27 0.73 0.20 -0.51
CA ILE A 27 -0.19 -0.20 0.54
C ILE A 27 -0.65 -1.64 0.35
N GLU A 28 -1.04 -2.29 1.44
CA GLU A 28 -1.50 -3.67 1.39
C GLU A 28 -2.63 -3.90 2.39
N PHE A 29 -3.85 -4.06 1.87
CA PHE A 29 -5.01 -4.29 2.73
C PHE A 29 -5.09 -5.75 3.16
N TYR A 30 -4.91 -5.98 4.45
CA TYR A 30 -4.96 -7.33 5.00
C TYR A 30 -6.06 -7.46 6.05
N ALA A 31 -6.33 -8.69 6.47
CA ALA A 31 -7.35 -8.95 7.47
C ALA A 31 -6.96 -10.10 8.39
N PRO A 32 -7.21 -9.93 9.69
CA PRO A 32 -6.89 -10.93 10.70
C PRO A 32 -7.76 -12.18 10.59
N TRP A 33 -8.92 -12.02 9.96
CA TRP A 33 -9.85 -13.13 9.79
C TRP A 33 -9.78 -13.68 8.37
N CYS A 34 -8.63 -13.50 7.72
CA CYS A 34 -8.43 -13.98 6.36
C CYS A 34 -7.10 -14.73 6.24
N PRO A 35 -7.17 -15.96 5.71
CA PRO A 35 -5.99 -16.81 5.52
C PRO A 35 -5.06 -16.27 4.43
N ALA A 36 -5.63 -15.99 3.26
CA ALA A 36 -4.85 -15.48 2.14
C ALA A 36 -3.95 -14.33 2.58
N CYS A 37 -4.49 -13.44 3.40
CA CYS A 37 -3.75 -12.29 3.90
C CYS A 37 -2.56 -12.74 4.74
N GLN A 38 -2.80 -13.70 5.62
CA GLN A 38 -1.75 -14.21 6.49
C GLN A 38 -0.54 -14.66 5.68
N ASN A 39 -0.79 -15.17 4.49
CA ASN A 39 0.28 -15.64 3.61
C ASN A 39 1.11 -14.47 3.09
N LEU A 40 0.47 -13.31 2.96
CA LEU A 40 1.15 -12.12 2.48
C LEU A 40 1.92 -11.44 3.60
N GLN A 41 1.38 -11.52 4.81
CA GLN A 41 2.02 -10.91 5.98
C GLN A 41 3.54 -10.97 5.86
N PRO A 42 4.07 -12.19 5.69
CA PRO A 42 5.51 -12.41 5.55
C PRO A 42 6.06 -11.89 4.23
N GLU A 43 5.36 -12.19 3.14
CA GLU A 43 5.78 -11.74 1.82
C GLU A 43 6.03 -10.24 1.81
N TRP A 44 5.21 -9.50 2.54
CA TRP A 44 5.33 -8.04 2.61
C TRP A 44 6.65 -7.65 3.28
N GLU A 45 6.87 -8.18 4.48
CA GLU A 45 8.08 -7.88 5.23
C GLU A 45 9.33 -8.07 4.37
N SER A 46 9.36 -9.18 3.63
CA SER A 46 10.49 -9.49 2.76
C SER A 46 10.60 -8.47 1.64
N PHE A 47 9.49 -7.80 1.33
CA PHE A 47 9.46 -6.79 0.28
C PHE A 47 9.96 -5.45 0.79
N ALA A 48 9.30 -4.92 1.82
CA ALA A 48 9.68 -3.64 2.40
C ALA A 48 11.19 -3.57 2.61
N GLU A 49 11.81 -4.73 2.79
CA GLU A 49 13.26 -4.79 3.01
C GLU A 49 14.00 -4.00 1.93
N TRP A 50 13.83 -4.41 0.68
CA TRP A 50 14.49 -3.75 -0.43
C TRP A 50 13.63 -2.61 -0.97
N GLY A 51 12.41 -2.51 -0.46
CA GLY A 51 11.51 -1.47 -0.91
C GLY A 51 12.16 -0.10 -0.91
N GLU A 52 12.38 0.44 0.29
CA GLU A 52 13.01 1.76 0.42
C GLU A 52 14.24 1.87 -0.47
N ASP A 53 14.95 0.77 -0.61
CA ASP A 53 16.16 0.73 -1.44
C ASP A 53 15.83 1.10 -2.89
N LEU A 54 14.70 0.62 -3.38
CA LEU A 54 14.28 0.89 -4.75
C LEU A 54 13.54 2.23 -4.83
N GLU A 55 13.75 3.07 -3.83
CA GLU A 55 13.10 4.38 -3.80
C GLU A 55 11.58 4.24 -3.79
N VAL A 56 11.07 3.47 -2.83
CA VAL A 56 9.63 3.25 -2.72
C VAL A 56 9.24 2.95 -1.28
N ASN A 57 8.27 3.70 -0.77
CA ASN A 57 7.79 3.52 0.60
C ASN A 57 6.79 2.38 0.68
N ILE A 58 6.78 1.69 1.81
CA ILE A 58 5.87 0.57 2.02
C ILE A 58 5.11 0.71 3.33
N ALA A 59 3.80 0.50 3.28
CA ALA A 59 2.96 0.59 4.46
C ALA A 59 1.86 -0.46 4.45
N LYS A 60 1.23 -0.68 5.61
CA LYS A 60 0.17 -1.66 5.73
C LYS A 60 -1.06 -1.05 6.40
N VAL A 61 -2.23 -1.55 6.04
CA VAL A 61 -3.49 -1.06 6.61
C VAL A 61 -4.31 -2.20 7.19
N ASP A 62 -5.11 -1.88 8.20
CA ASP A 62 -5.95 -2.87 8.85
C ASP A 62 -7.43 -2.56 8.64
N VAL A 63 -8.15 -3.53 8.06
CA VAL A 63 -9.58 -3.36 7.79
C VAL A 63 -10.41 -3.72 9.02
N THR A 64 -9.81 -3.55 10.20
CA THR A 64 -10.50 -3.86 11.45
C THR A 64 -10.35 -2.72 12.44
N GLU A 65 -9.22 -2.03 12.39
CA GLU A 65 -8.95 -0.92 13.29
C GLU A 65 -9.09 0.42 12.56
N GLN A 66 -9.02 0.37 11.24
CA GLN A 66 -9.14 1.58 10.42
C GLN A 66 -10.42 1.56 9.60
N PRO A 67 -11.51 2.10 10.18
CA PRO A 67 -12.81 2.16 9.52
C PRO A 67 -12.83 3.13 8.35
N GLY A 68 -12.14 4.25 8.51
CA GLY A 68 -12.10 5.26 7.47
C GLY A 68 -11.33 4.77 6.24
N LEU A 69 -10.08 4.38 6.45
CA LEU A 69 -9.25 3.89 5.36
C LEU A 69 -10.02 2.91 4.47
N SER A 70 -10.74 1.99 5.11
CA SER A 70 -11.52 0.99 4.38
C SER A 70 -12.24 1.62 3.20
N GLY A 71 -12.94 2.73 3.46
CA GLY A 71 -13.66 3.41 2.40
C GLY A 71 -12.75 4.23 1.51
N ARG A 72 -11.78 4.92 2.11
CA ARG A 72 -10.84 5.74 1.37
C ARG A 72 -10.37 5.03 0.10
N PHE A 73 -10.46 3.70 0.11
CA PHE A 73 -10.05 2.91 -1.04
C PHE A 73 -11.18 1.99 -1.50
N ILE A 74 -12.27 1.99 -0.75
CA ILE A 74 -13.43 1.16 -1.08
C ILE A 74 -13.01 -0.28 -1.35
N ILE A 75 -12.31 -0.87 -0.39
CA ILE A 75 -11.85 -2.25 -0.53
C ILE A 75 -13.01 -3.24 -0.46
N ASN A 76 -13.18 -4.03 -1.51
CA ASN A 76 -14.26 -5.01 -1.57
C ASN A 76 -13.72 -6.43 -1.37
N ALA A 77 -12.59 -6.71 -2.01
CA ALA A 77 -11.97 -8.03 -1.90
C ALA A 77 -10.58 -7.93 -1.28
N LEU A 78 -10.10 -9.03 -0.72
CA LEU A 78 -8.79 -9.07 -0.10
C LEU A 78 -8.12 -10.43 -0.31
N PRO A 79 -6.78 -10.43 -0.32
CA PRO A 79 -5.98 -9.22 -0.15
C PRO A 79 -6.09 -8.28 -1.35
N THR A 80 -5.55 -7.07 -1.21
CA THR A 80 -5.59 -6.09 -2.28
C THR A 80 -4.51 -5.03 -2.09
N ILE A 81 -3.58 -4.96 -3.04
CA ILE A 81 -2.49 -4.00 -2.98
C ILE A 81 -2.79 -2.77 -3.84
N TYR A 82 -2.31 -1.62 -3.41
CA TYR A 82 -2.52 -0.38 -4.15
C TYR A 82 -1.26 0.48 -4.15
N HIS A 83 -0.81 0.85 -5.34
CA HIS A 83 0.38 1.67 -5.50
C HIS A 83 0.01 3.15 -5.61
N CYS A 84 0.21 3.89 -4.52
CA CYS A 84 -0.11 5.32 -4.50
C CYS A 84 1.08 6.14 -4.98
N LYS A 85 0.88 6.91 -6.05
CA LYS A 85 1.94 7.75 -6.60
C LYS A 85 1.46 9.19 -6.74
N ASP A 86 2.08 10.08 -5.96
CA ASP A 86 1.73 11.50 -6.00
C ASP A 86 0.22 11.68 -6.04
N GLY A 87 -0.51 10.76 -5.41
CA GLY A 87 -1.96 10.84 -5.39
C GLY A 87 -2.60 9.74 -6.21
N GLU A 88 -2.02 9.45 -7.37
CA GLU A 88 -2.55 8.41 -8.25
C GLU A 88 -2.65 7.08 -7.52
N PHE A 89 -3.40 6.14 -8.10
CA PHE A 89 -3.57 4.82 -7.51
C PHE A 89 -3.70 3.76 -8.59
N ARG A 90 -2.79 2.80 -8.59
CA ARG A 90 -2.80 1.72 -9.57
C ARG A 90 -2.68 0.36 -8.89
N ARG A 91 -3.81 -0.34 -8.78
CA ARG A 91 -3.84 -1.65 -8.15
C ARG A 91 -2.69 -2.51 -8.65
N TYR A 92 -2.06 -3.26 -7.75
CA TYR A 92 -0.96 -4.12 -8.09
C TYR A 92 -1.35 -5.08 -9.22
N GLN A 93 -2.37 -5.89 -8.96
CA GLN A 93 -2.85 -6.85 -9.96
C GLN A 93 -1.78 -7.89 -10.26
N GLY A 94 -1.17 -8.43 -9.21
CA GLY A 94 -0.13 -9.43 -9.40
C GLY A 94 -0.17 -10.51 -8.35
N PRO A 95 0.75 -11.48 -8.44
CA PRO A 95 0.83 -12.61 -7.50
C PRO A 95 1.29 -12.17 -6.12
N ARG A 96 1.47 -10.87 -5.94
CA ARG A 96 1.91 -10.32 -4.67
C ARG A 96 3.09 -11.11 -4.11
N THR A 97 4.07 -11.38 -4.97
CA THR A 97 5.25 -12.13 -4.57
C THR A 97 6.48 -11.23 -4.49
N LYS A 98 7.33 -11.49 -3.51
CA LYS A 98 8.55 -10.70 -3.32
C LYS A 98 9.14 -10.29 -4.66
N LYS A 99 9.59 -11.28 -5.43
CA LYS A 99 10.19 -11.04 -6.73
C LYS A 99 9.32 -10.07 -7.55
N ASP A 100 8.11 -10.51 -7.87
CA ASP A 100 7.18 -9.70 -8.64
C ASP A 100 7.26 -8.23 -8.22
N PHE A 101 6.99 -7.97 -6.95
CA PHE A 101 7.03 -6.61 -6.42
C PHE A 101 8.19 -5.82 -7.04
N ILE A 102 9.41 -6.25 -6.76
CA ILE A 102 10.59 -5.60 -7.29
C ILE A 102 10.33 -5.05 -8.69
N ASN A 103 10.11 -5.96 -9.64
CA ASN A 103 9.86 -5.57 -11.02
C ASN A 103 8.74 -4.53 -11.10
N PHE A 104 7.67 -4.77 -10.35
CA PHE A 104 6.53 -3.85 -10.32
C PHE A 104 6.99 -2.44 -9.94
N ILE A 105 8.17 -2.34 -9.34
CA ILE A 105 8.71 -1.06 -8.93
C ILE A 105 9.78 -0.57 -9.89
N SER A 106 10.72 -1.45 -10.21
CA SER A 106 11.81 -1.12 -11.12
C SER A 106 11.32 -1.05 -12.56
N ASP A 107 10.59 -2.07 -12.98
CA ASP A 107 10.05 -2.13 -14.33
C ASP A 107 8.81 -1.26 -14.46
N LYS A 108 8.56 -0.43 -13.44
CA LYS A 108 7.40 0.44 -13.43
C LYS A 108 6.21 -0.22 -14.11
N GLU A 109 5.99 -1.49 -13.80
CA GLU A 109 4.87 -2.24 -14.37
C GLU A 109 3.56 -1.49 -14.19
N TRP A 110 3.47 -0.70 -13.13
CA TRP A 110 2.27 0.08 -12.85
C TRP A 110 1.95 1.02 -14.02
N LYS A 111 2.98 1.41 -14.75
CA LYS A 111 2.81 2.30 -15.89
C LYS A 111 1.87 1.69 -16.93
N SER A 112 1.68 0.38 -16.86
CA SER A 112 0.81 -0.33 -17.79
C SER A 112 -0.43 -0.84 -17.08
N ILE A 113 -0.77 -0.23 -15.94
CA ILE A 113 -1.93 -0.64 -15.17
C ILE A 113 -2.94 0.50 -15.07
N GLU A 114 -4.22 0.16 -15.26
CA GLU A 114 -5.28 1.16 -15.19
C GLU A 114 -5.54 1.58 -13.75
N PRO A 115 -5.43 2.89 -13.48
CA PRO A 115 -5.65 3.45 -12.15
C PRO A 115 -7.11 3.38 -11.72
N VAL A 116 -7.38 3.74 -10.47
CA VAL A 116 -8.74 3.73 -9.94
C VAL A 116 -9.36 5.11 -9.98
N SER A 117 -10.69 5.17 -9.84
CA SER A 117 -11.41 6.43 -9.86
C SER A 117 -10.66 7.50 -9.08
N SER A 118 -10.87 8.76 -9.45
CA SER A 118 -10.21 9.88 -8.78
C SER A 118 -10.21 9.68 -7.28
N TRP A 119 -9.27 10.33 -6.61
CA TRP A 119 -9.14 10.24 -5.15
C TRP A 119 -9.78 11.44 -4.47
N PHE A 120 -10.97 11.26 -3.92
CA PHE A 120 -11.67 12.33 -3.24
C PHE A 120 -11.99 11.95 -1.80
N SER A 121 -10.98 12.01 -0.94
CA SER A 121 -11.15 11.66 0.47
C SER A 121 -10.57 12.76 1.38
N GLY A 122 -11.40 13.29 2.26
CA GLY A 122 -10.95 14.33 3.17
C GLY A 122 -11.99 14.67 4.21
N PRO A 123 -12.79 15.71 3.95
CA PRO A 123 -13.84 16.17 4.87
C PRO A 123 -15.00 15.17 4.95
N SER A 124 -15.59 15.07 6.14
CA SER A 124 -16.71 14.16 6.35
C SER A 124 -17.96 14.66 5.64
N SER A 125 -18.30 15.92 5.87
CA SER A 125 -19.48 16.52 5.26
C SER A 125 -19.29 16.70 3.76
N GLY A 126 -20.38 16.95 3.05
CA GLY A 126 -20.31 17.13 1.61
C GLY A 126 -21.01 16.02 0.85
N GLY A 1 17.40 12.88 6.03
CA GLY A 1 17.34 11.66 6.81
C GLY A 1 16.64 11.86 8.14
N SER A 2 15.42 11.35 8.25
CA SER A 2 14.64 11.48 9.47
C SER A 2 14.55 10.15 10.20
N SER A 3 15.24 10.07 11.34
CA SER A 3 15.25 8.85 12.14
C SER A 3 13.86 8.20 12.17
N GLY A 4 13.83 6.90 12.40
CA GLY A 4 12.57 6.18 12.44
C GLY A 4 12.55 5.10 13.50
N SER A 5 11.44 4.37 13.58
CA SER A 5 11.30 3.30 14.57
C SER A 5 11.56 1.94 13.93
N SER A 6 11.81 0.94 14.78
CA SER A 6 12.07 -0.41 14.29
C SER A 6 10.90 -0.92 13.44
N GLY A 7 11.18 -1.14 12.15
CA GLY A 7 10.15 -1.62 11.26
C GLY A 7 10.17 -0.92 9.91
N ASN A 8 10.30 -1.68 8.84
CA ASN A 8 10.34 -1.13 7.50
C ASN A 8 8.94 -0.74 7.02
N VAL A 9 7.94 -1.47 7.49
CA VAL A 9 6.55 -1.21 7.13
C VAL A 9 5.99 -0.05 7.94
N ARG A 10 5.37 0.90 7.24
CA ARG A 10 4.79 2.07 7.89
C ARG A 10 3.30 1.85 8.16
N VAL A 11 2.81 2.47 9.22
CA VAL A 11 1.40 2.34 9.59
C VAL A 11 0.62 3.60 9.22
N ILE A 12 -0.03 3.56 8.07
CA ILE A 12 -0.81 4.70 7.59
C ILE A 12 -2.17 4.76 8.29
N THR A 13 -2.59 5.96 8.67
CA THR A 13 -3.87 6.16 9.33
C THR A 13 -4.77 7.09 8.54
N ASP A 14 -5.91 7.45 9.13
CA ASP A 14 -6.86 8.34 8.47
C ASP A 14 -6.28 9.73 8.29
N GLU A 15 -5.05 9.92 8.78
CA GLU A 15 -4.39 11.21 8.67
C GLU A 15 -3.09 11.09 7.86
N ASN A 16 -2.43 9.95 7.99
CA ASN A 16 -1.19 9.70 7.27
C ASN A 16 -1.43 9.59 5.77
N TRP A 17 -2.63 9.16 5.41
CA TRP A 17 -3.00 9.01 4.00
C TRP A 17 -2.38 10.13 3.16
N ARG A 18 -2.57 11.37 3.59
CA ARG A 18 -2.04 12.52 2.88
C ARG A 18 -0.67 12.20 2.28
N GLU A 19 0.27 11.83 3.14
CA GLU A 19 1.62 11.50 2.68
C GLU A 19 1.58 10.66 1.41
N LEU A 20 0.63 9.73 1.35
CA LEU A 20 0.49 8.86 0.20
C LEU A 20 0.37 9.67 -1.10
N LEU A 21 -0.37 10.78 -1.01
CA LEU A 21 -0.55 11.65 -2.18
C LEU A 21 0.78 12.08 -2.76
N GLU A 22 1.78 12.24 -1.89
CA GLU A 22 3.12 12.65 -2.33
C GLU A 22 4.08 11.46 -2.30
N GLY A 23 4.99 11.43 -3.26
CA GLY A 23 5.96 10.35 -3.34
C GLY A 23 5.30 8.99 -3.55
N ASP A 24 6.11 7.95 -3.63
CA ASP A 24 5.60 6.61 -3.84
C ASP A 24 5.27 5.94 -2.51
N TRP A 25 4.18 5.19 -2.48
CA TRP A 25 3.74 4.51 -1.27
C TRP A 25 3.06 3.18 -1.60
N MET A 26 3.59 2.09 -1.05
CA MET A 26 3.03 0.77 -1.30
C MET A 26 2.14 0.33 -0.14
N ILE A 27 0.84 0.26 -0.41
CA ILE A 27 -0.12 -0.15 0.62
C ILE A 27 -0.65 -1.55 0.35
N GLU A 28 -0.98 -2.27 1.43
CA GLU A 28 -1.49 -3.62 1.31
C GLU A 28 -2.54 -3.91 2.39
N PHE A 29 -3.80 -3.99 1.97
CA PHE A 29 -4.89 -4.26 2.89
C PHE A 29 -4.90 -5.72 3.33
N TYR A 30 -4.65 -5.96 4.61
CA TYR A 30 -4.62 -7.31 5.15
C TYR A 30 -5.68 -7.48 6.23
N ALA A 31 -5.96 -8.73 6.59
CA ALA A 31 -6.95 -9.03 7.61
C ALA A 31 -6.51 -10.20 8.48
N PRO A 32 -6.70 -10.07 9.80
CA PRO A 32 -6.32 -11.10 10.77
C PRO A 32 -7.20 -12.35 10.67
N TRP A 33 -8.39 -12.17 10.08
CA TRP A 33 -9.33 -13.27 9.93
C TRP A 33 -9.23 -13.88 8.54
N CYS A 34 -8.64 -13.13 7.61
CA CYS A 34 -8.48 -13.60 6.23
C CYS A 34 -7.23 -14.45 6.10
N PRO A 35 -7.39 -15.67 5.55
CA PRO A 35 -6.29 -16.61 5.35
C PRO A 35 -5.33 -16.15 4.26
N ALA A 36 -5.88 -15.82 3.10
CA ALA A 36 -5.07 -15.36 1.97
C ALA A 36 -4.11 -14.26 2.40
N CYS A 37 -4.61 -13.33 3.20
CA CYS A 37 -3.79 -12.22 3.68
C CYS A 37 -2.58 -12.73 4.47
N GLN A 38 -2.79 -13.82 5.20
CA GLN A 38 -1.72 -14.41 6.00
C GLN A 38 -0.53 -14.77 5.13
N ASN A 39 -0.81 -15.24 3.91
CA ASN A 39 0.25 -15.63 2.98
C ASN A 39 1.06 -14.42 2.55
N LEU A 40 0.41 -13.26 2.51
CA LEU A 40 1.07 -12.02 2.11
C LEU A 40 1.84 -11.41 3.27
N GLN A 41 1.29 -11.57 4.49
CA GLN A 41 1.93 -11.03 5.68
C GLN A 41 3.45 -11.08 5.56
N PRO A 42 3.99 -12.28 5.32
CA PRO A 42 5.43 -12.49 5.18
C PRO A 42 5.99 -11.88 3.90
N GLU A 43 5.29 -12.12 2.79
CA GLU A 43 5.71 -11.60 1.50
C GLU A 43 5.99 -10.10 1.58
N TRP A 44 5.19 -9.40 2.38
CA TRP A 44 5.34 -7.96 2.54
C TRP A 44 6.63 -7.64 3.28
N GLU A 45 6.79 -8.23 4.46
CA GLU A 45 7.98 -8.00 5.28
C GLU A 45 9.25 -8.19 4.44
N SER A 46 9.30 -9.29 3.70
CA SER A 46 10.46 -9.59 2.87
C SER A 46 10.61 -8.57 1.75
N PHE A 47 9.50 -7.92 1.40
CA PHE A 47 9.51 -6.91 0.34
C PHE A 47 10.03 -5.58 0.86
N ALA A 48 9.38 -5.06 1.90
CA ALA A 48 9.78 -3.79 2.49
C ALA A 48 11.29 -3.74 2.71
N GLU A 49 11.91 -4.91 2.79
CA GLU A 49 13.35 -5.01 3.00
C GLU A 49 14.10 -4.20 1.96
N TRP A 50 13.91 -4.57 0.69
CA TRP A 50 14.58 -3.87 -0.42
C TRP A 50 13.74 -2.70 -0.91
N GLY A 51 12.45 -2.73 -0.60
CA GLY A 51 11.56 -1.67 -1.03
C GLY A 51 12.22 -0.30 -1.00
N GLU A 52 12.43 0.22 0.21
CA GLU A 52 13.06 1.53 0.37
C GLU A 52 14.31 1.64 -0.48
N ASP A 53 15.03 0.53 -0.61
CA ASP A 53 16.25 0.49 -1.40
C ASP A 53 16.01 1.00 -2.81
N LEU A 54 14.87 0.61 -3.38
CA LEU A 54 14.51 1.03 -4.74
C LEU A 54 13.79 2.38 -4.71
N GLU A 55 13.96 3.12 -3.62
CA GLU A 55 13.33 4.42 -3.49
C GLU A 55 11.81 4.30 -3.48
N VAL A 56 11.30 3.48 -2.58
CA VAL A 56 9.85 3.26 -2.47
C VAL A 56 9.45 2.95 -1.03
N ASN A 57 8.40 3.62 -0.56
CA ASN A 57 7.92 3.41 0.81
C ASN A 57 6.90 2.28 0.85
N ILE A 58 6.87 1.57 1.97
CA ILE A 58 5.93 0.46 2.15
C ILE A 58 5.18 0.59 3.46
N ALA A 59 3.85 0.66 3.37
CA ALA A 59 3.01 0.77 4.55
C ALA A 59 1.92 -0.31 4.55
N LYS A 60 1.18 -0.37 5.65
CA LYS A 60 0.12 -1.36 5.79
C LYS A 60 -1.11 -0.75 6.45
N VAL A 61 -2.29 -1.21 6.04
CA VAL A 61 -3.55 -0.71 6.59
C VAL A 61 -4.36 -1.84 7.22
N ASP A 62 -4.85 -1.61 8.44
CA ASP A 62 -5.64 -2.60 9.15
C ASP A 62 -7.13 -2.38 8.89
N VAL A 63 -7.77 -3.37 8.27
CA VAL A 63 -9.19 -3.29 7.96
C VAL A 63 -10.04 -3.67 9.18
N THR A 64 -9.41 -3.64 10.35
CA THR A 64 -10.11 -3.97 11.59
C THR A 64 -10.04 -2.82 12.59
N GLU A 65 -9.01 -2.00 12.46
CA GLU A 65 -8.83 -0.86 13.35
C GLU A 65 -9.11 0.45 12.64
N GLN A 66 -8.89 0.46 11.32
CA GLN A 66 -9.12 1.65 10.51
C GLN A 66 -10.30 1.45 9.57
N PRO A 67 -11.52 1.66 10.10
CA PRO A 67 -12.75 1.52 9.32
C PRO A 67 -12.91 2.61 8.26
N GLY A 68 -12.32 3.76 8.52
CA GLY A 68 -12.41 4.86 7.58
C GLY A 68 -11.62 4.60 6.31
N LEU A 69 -10.32 4.36 6.46
CA LEU A 69 -9.46 4.09 5.31
C LEU A 69 -10.05 3.01 4.42
N SER A 70 -10.24 1.82 4.99
CA SER A 70 -10.79 0.70 4.24
C SER A 70 -12.02 1.14 3.43
N GLY A 71 -12.81 2.04 4.00
CA GLY A 71 -13.99 2.53 3.32
C GLY A 71 -13.66 3.56 2.26
N ARG A 72 -12.56 4.28 2.45
CA ARG A 72 -12.14 5.30 1.50
C ARG A 72 -11.26 4.70 0.42
N PHE A 73 -11.30 3.38 0.28
CA PHE A 73 -10.51 2.68 -0.72
C PHE A 73 -11.36 1.71 -1.52
N ILE A 74 -12.65 1.63 -1.16
CA ILE A 74 -13.57 0.73 -1.84
C ILE A 74 -12.99 -0.67 -1.96
N ILE A 75 -12.60 -1.24 -0.84
CA ILE A 75 -12.02 -2.59 -0.82
C ILE A 75 -13.11 -3.65 -0.96
N ASN A 76 -13.00 -4.47 -1.99
CA ASN A 76 -13.96 -5.53 -2.24
C ASN A 76 -13.45 -6.87 -1.71
N ALA A 77 -12.24 -7.23 -2.11
CA ALA A 77 -11.64 -8.48 -1.67
C ALA A 77 -10.27 -8.25 -1.04
N LEU A 78 -9.74 -9.28 -0.39
CA LEU A 78 -8.44 -9.18 0.26
C LEU A 78 -7.66 -10.49 0.14
N PRO A 79 -6.33 -10.40 0.17
CA PRO A 79 -5.63 -9.12 0.31
C PRO A 79 -5.76 -8.25 -0.93
N THR A 80 -5.32 -6.99 -0.82
CA THR A 80 -5.39 -6.06 -1.94
C THR A 80 -4.34 -4.97 -1.81
N ILE A 81 -3.34 -5.02 -2.69
CA ILE A 81 -2.26 -4.03 -2.67
C ILE A 81 -2.57 -2.86 -3.60
N TYR A 82 -2.23 -1.66 -3.15
CA TYR A 82 -2.48 -0.45 -3.93
C TYR A 82 -1.22 0.40 -4.04
N HIS A 83 -0.89 0.82 -5.25
CA HIS A 83 0.30 1.65 -5.48
C HIS A 83 -0.08 3.12 -5.55
N CYS A 84 0.41 3.89 -4.58
CA CYS A 84 0.12 5.32 -4.52
C CYS A 84 1.36 6.14 -4.91
N LYS A 85 1.35 6.65 -6.14
CA LYS A 85 2.47 7.44 -6.64
C LYS A 85 1.98 8.78 -7.19
N ASP A 86 2.48 9.87 -6.61
CA ASP A 86 2.09 11.21 -7.05
C ASP A 86 0.58 11.41 -6.94
N GLY A 87 -0.03 10.74 -5.95
CA GLY A 87 -1.46 10.86 -5.75
C GLY A 87 -2.25 10.02 -6.73
N GLU A 88 -1.61 8.97 -7.27
CA GLU A 88 -2.27 8.09 -8.23
C GLU A 88 -2.33 6.66 -7.69
N PHE A 89 -3.55 6.17 -7.50
CA PHE A 89 -3.75 4.82 -6.99
C PHE A 89 -3.84 3.81 -8.13
N ARG A 90 -3.35 2.60 -7.89
CA ARG A 90 -3.36 1.55 -8.90
C ARG A 90 -3.55 0.18 -8.26
N ARG A 91 -4.51 -0.59 -8.74
CA ARG A 91 -4.79 -1.91 -8.21
C ARG A 91 -3.70 -2.90 -8.64
N TYR A 92 -2.98 -3.44 -7.65
CA TYR A 92 -1.92 -4.39 -7.92
C TYR A 92 -2.47 -5.68 -8.51
N GLN A 93 -2.17 -5.92 -9.79
CA GLN A 93 -2.64 -7.12 -10.46
C GLN A 93 -1.49 -8.09 -10.71
N GLY A 94 -1.12 -8.84 -9.67
CA GLY A 94 -0.04 -9.80 -9.80
C GLY A 94 -0.08 -10.86 -8.71
N PRO A 95 0.89 -11.78 -8.75
CA PRO A 95 0.99 -12.87 -7.77
C PRO A 95 1.38 -12.37 -6.38
N ARG A 96 1.55 -11.07 -6.26
CA ARG A 96 1.92 -10.46 -4.99
C ARG A 96 3.05 -11.24 -4.33
N THR A 97 4.11 -11.48 -5.09
CA THR A 97 5.26 -12.23 -4.57
C THR A 97 6.48 -11.33 -4.44
N LYS A 98 7.33 -11.63 -3.46
CA LYS A 98 8.54 -10.84 -3.24
C LYS A 98 9.16 -10.39 -4.56
N LYS A 99 9.53 -11.36 -5.39
CA LYS A 99 10.13 -11.07 -6.68
C LYS A 99 9.26 -10.11 -7.48
N ASP A 100 8.05 -10.55 -7.82
CA ASP A 100 7.13 -9.73 -8.58
C ASP A 100 7.21 -8.27 -8.15
N PHE A 101 6.98 -8.01 -6.87
CA PHE A 101 7.04 -6.65 -6.34
C PHE A 101 8.19 -5.87 -6.96
N ILE A 102 9.41 -6.31 -6.69
CA ILE A 102 10.60 -5.65 -7.21
C ILE A 102 10.33 -5.06 -8.60
N ASN A 103 10.20 -5.95 -9.59
CA ASN A 103 9.94 -5.52 -10.95
C ASN A 103 8.87 -4.43 -11.00
N PHE A 104 7.73 -4.71 -10.39
CA PHE A 104 6.62 -3.76 -10.35
C PHE A 104 7.11 -2.37 -9.95
N ILE A 105 8.14 -2.33 -9.11
CA ILE A 105 8.72 -1.07 -8.66
C ILE A 105 9.83 -0.60 -9.59
N SER A 106 10.89 -1.40 -9.69
CA SER A 106 12.01 -1.06 -10.55
C SER A 106 11.56 -0.78 -11.97
N ASP A 107 10.85 -1.74 -12.56
CA ASP A 107 10.35 -1.60 -13.92
C ASP A 107 9.21 -0.58 -13.98
N LYS A 108 8.58 -0.34 -12.83
CA LYS A 108 7.48 0.61 -12.74
C LYS A 108 6.29 0.13 -13.59
N GLU A 109 6.01 -1.16 -13.54
CA GLU A 109 4.90 -1.73 -14.30
C GLU A 109 3.60 -0.99 -14.00
N TRP A 110 3.46 -0.52 -12.76
CA TRP A 110 2.27 0.21 -12.35
C TRP A 110 1.75 1.10 -13.48
N LYS A 111 2.68 1.72 -14.20
CA LYS A 111 2.33 2.61 -15.30
C LYS A 111 1.42 1.89 -16.31
N SER A 112 1.81 0.67 -16.68
CA SER A 112 1.03 -0.12 -17.63
C SER A 112 -0.41 -0.27 -17.16
N ILE A 113 -0.60 -0.27 -15.84
CA ILE A 113 -1.93 -0.41 -15.27
C ILE A 113 -2.65 0.93 -15.23
N GLU A 114 -3.92 0.94 -15.63
CA GLU A 114 -4.72 2.16 -15.63
C GLU A 114 -5.12 2.56 -14.21
N PRO A 115 -4.72 3.77 -13.80
CA PRO A 115 -5.02 4.30 -12.47
C PRO A 115 -6.50 4.61 -12.29
N VAL A 116 -6.91 4.79 -11.04
CA VAL A 116 -8.30 5.10 -10.73
C VAL A 116 -8.51 6.60 -10.54
N SER A 117 -9.69 7.07 -10.91
CA SER A 117 -10.03 8.49 -10.79
C SER A 117 -11.26 8.68 -9.91
N SER A 118 -11.33 7.94 -8.82
CA SER A 118 -12.46 8.04 -7.90
C SER A 118 -11.98 8.10 -6.45
N TRP A 119 -10.96 8.92 -6.21
CA TRP A 119 -10.41 9.07 -4.87
C TRP A 119 -11.22 10.08 -4.06
N PHE A 120 -12.24 9.60 -3.37
CA PHE A 120 -13.10 10.47 -2.57
C PHE A 120 -12.61 10.51 -1.13
N SER A 121 -11.93 11.61 -0.77
CA SER A 121 -11.40 11.78 0.57
C SER A 121 -11.25 13.26 0.91
N GLY A 122 -11.20 13.56 2.20
CA GLY A 122 -11.06 14.95 2.64
C GLY A 122 -10.19 15.76 1.70
N PRO A 123 -10.83 16.55 0.83
CA PRO A 123 -10.13 17.39 -0.13
C PRO A 123 -9.39 18.56 0.53
N SER A 124 -8.53 19.22 -0.23
CA SER A 124 -7.76 20.35 0.29
C SER A 124 -8.51 21.66 0.05
N SER A 125 -9.38 22.01 0.98
CA SER A 125 -10.16 23.25 0.87
C SER A 125 -9.25 24.46 0.79
N GLY A 126 -8.45 24.66 1.84
CA GLY A 126 -7.53 25.79 1.86
C GLY A 126 -7.69 26.63 3.12
N GLY A 1 18.60 12.56 5.71
CA GLY A 1 17.44 12.01 6.38
C GLY A 1 17.81 11.23 7.63
N SER A 2 16.83 10.99 8.49
CA SER A 2 17.08 10.26 9.74
C SER A 2 16.93 8.76 9.51
N SER A 3 17.60 7.97 10.35
CA SER A 3 17.57 6.52 10.25
C SER A 3 17.09 5.90 11.55
N GLY A 4 16.12 5.00 11.45
CA GLY A 4 15.59 4.33 12.63
C GLY A 4 15.63 2.82 12.52
N SER A 5 15.56 2.15 13.65
CA SER A 5 15.58 0.69 13.68
C SER A 5 14.18 0.12 13.87
N SER A 6 13.21 0.69 13.15
CA SER A 6 11.83 0.24 13.24
C SER A 6 11.45 -0.57 12.01
N GLY A 7 10.44 -1.43 12.17
CA GLY A 7 9.99 -2.26 11.06
C GLY A 7 9.91 -1.49 9.76
N ASN A 8 10.43 -2.08 8.69
CA ASN A 8 10.41 -1.44 7.38
C ASN A 8 8.99 -1.03 6.98
N VAL A 9 8.03 -1.89 7.31
CA VAL A 9 6.63 -1.62 6.99
C VAL A 9 6.09 -0.45 7.83
N ARG A 10 5.49 0.52 7.16
CA ARG A 10 4.93 1.68 7.83
C ARG A 10 3.45 1.46 8.16
N VAL A 11 2.99 2.10 9.23
CA VAL A 11 1.60 1.98 9.65
C VAL A 11 0.83 3.27 9.38
N ILE A 12 0.08 3.28 8.28
CA ILE A 12 -0.71 4.45 7.91
C ILE A 12 -2.00 4.53 8.72
N THR A 13 -2.42 5.75 9.03
CA THR A 13 -3.65 5.96 9.79
C THR A 13 -4.59 6.92 9.08
N ASP A 14 -5.69 7.26 9.73
CA ASP A 14 -6.68 8.17 9.16
C ASP A 14 -6.11 9.58 9.04
N GLU A 15 -4.87 9.76 9.50
CA GLU A 15 -4.21 11.05 9.45
C GLU A 15 -2.99 11.02 8.54
N ASN A 16 -2.19 9.96 8.68
CA ASN A 16 -0.99 9.79 7.87
C ASN A 16 -1.34 9.53 6.41
N TRP A 17 -2.54 8.99 6.19
CA TRP A 17 -3.00 8.69 4.84
C TRP A 17 -2.54 9.75 3.85
N ARG A 18 -2.82 11.01 4.19
CA ARG A 18 -2.44 12.13 3.33
C ARG A 18 -1.01 11.96 2.82
N GLU A 19 -0.09 11.70 3.74
CA GLU A 19 1.32 11.53 3.38
C GLU A 19 1.45 10.67 2.13
N LEU A 20 0.53 9.71 1.98
CA LEU A 20 0.55 8.81 0.82
C LEU A 20 0.56 9.61 -0.48
N LEU A 21 -0.22 10.67 -0.53
CA LEU A 21 -0.29 11.51 -1.72
C LEU A 21 1.08 12.02 -2.12
N GLU A 22 2.01 12.01 -1.16
CA GLU A 22 3.37 12.47 -1.41
C GLU A 22 4.30 11.29 -1.69
N GLY A 23 5.04 11.37 -2.79
CA GLY A 23 5.95 10.31 -3.14
C GLY A 23 5.25 8.97 -3.33
N ASP A 24 6.03 7.94 -3.64
CA ASP A 24 5.47 6.61 -3.83
C ASP A 24 5.13 5.96 -2.50
N TRP A 25 4.06 5.17 -2.49
CA TRP A 25 3.62 4.49 -1.26
C TRP A 25 2.90 3.20 -1.61
N MET A 26 3.43 2.09 -1.11
CA MET A 26 2.84 0.78 -1.36
C MET A 26 1.96 0.35 -0.18
N ILE A 27 0.65 0.29 -0.40
CA ILE A 27 -0.28 -0.10 0.64
C ILE A 27 -0.85 -1.49 0.37
N GLU A 28 -1.18 -2.22 1.44
CA GLU A 28 -1.73 -3.56 1.32
C GLU A 28 -2.80 -3.81 2.37
N PHE A 29 -4.06 -3.84 1.94
CA PHE A 29 -5.17 -4.06 2.86
C PHE A 29 -5.28 -5.53 3.22
N TYR A 30 -5.03 -5.84 4.50
CA TYR A 30 -5.10 -7.22 4.97
C TYR A 30 -6.06 -7.34 6.16
N ALA A 31 -6.28 -8.57 6.61
CA ALA A 31 -7.17 -8.81 7.74
C ALA A 31 -6.65 -9.95 8.61
N PRO A 32 -6.75 -9.77 9.94
CA PRO A 32 -6.30 -10.77 10.91
C PRO A 32 -7.17 -12.02 10.91
N TRP A 33 -8.28 -11.96 10.19
CA TRP A 33 -9.19 -13.09 10.11
C TRP A 33 -9.27 -13.63 8.68
N CYS A 34 -8.18 -13.45 7.93
CA CYS A 34 -8.13 -13.92 6.54
C CYS A 34 -6.94 -14.86 6.35
N PRO A 35 -7.20 -15.99 5.67
CA PRO A 35 -6.17 -17.00 5.40
C PRO A 35 -5.14 -16.51 4.39
N ALA A 36 -5.61 -15.85 3.34
CA ALA A 36 -4.71 -15.34 2.31
C ALA A 36 -3.74 -14.32 2.88
N CYS A 37 -4.24 -13.46 3.76
CA CYS A 37 -3.41 -12.43 4.39
C CYS A 37 -2.21 -13.06 5.08
N GLN A 38 -2.45 -14.10 5.87
CA GLN A 38 -1.38 -14.77 6.59
C GLN A 38 -0.27 -15.20 5.64
N ASN A 39 -0.64 -15.43 4.38
CA ASN A 39 0.32 -15.86 3.36
C ASN A 39 1.14 -14.67 2.86
N LEU A 40 0.49 -13.51 2.77
CA LEU A 40 1.16 -12.30 2.31
C LEU A 40 1.97 -11.66 3.43
N GLN A 41 1.57 -11.94 4.67
CA GLN A 41 2.27 -11.39 5.83
C GLN A 41 3.77 -11.40 5.62
N PRO A 42 4.33 -12.59 5.37
CA PRO A 42 5.77 -12.77 5.15
C PRO A 42 6.23 -12.17 3.82
N GLU A 43 5.46 -12.43 2.77
CA GLU A 43 5.80 -11.92 1.44
C GLU A 43 6.01 -10.41 1.48
N TRP A 44 5.22 -9.73 2.31
CA TRP A 44 5.32 -8.28 2.44
C TRP A 44 6.63 -7.88 3.12
N GLU A 45 6.97 -8.59 4.19
CA GLU A 45 8.19 -8.31 4.93
C GLU A 45 9.41 -8.36 4.00
N SER A 46 9.52 -9.43 3.23
CA SER A 46 10.63 -9.59 2.31
C SER A 46 10.67 -8.45 1.30
N PHE A 47 9.51 -7.87 1.03
CA PHE A 47 9.42 -6.76 0.08
C PHE A 47 9.97 -5.48 0.69
N ALA A 48 9.36 -5.05 1.79
CA ALA A 48 9.78 -3.83 2.47
C ALA A 48 11.30 -3.82 2.70
N GLU A 49 11.92 -5.00 2.61
CA GLU A 49 13.36 -5.12 2.80
C GLU A 49 14.11 -4.25 1.80
N TRP A 50 13.82 -4.44 0.51
CA TRP A 50 14.48 -3.68 -0.54
C TRP A 50 13.65 -2.46 -0.92
N GLY A 51 12.39 -2.44 -0.48
CA GLY A 51 11.51 -1.33 -0.79
C GLY A 51 12.24 0.00 -0.75
N GLU A 52 12.56 0.47 0.44
CA GLU A 52 13.26 1.74 0.60
C GLU A 52 14.52 1.79 -0.26
N ASP A 53 15.03 0.60 -0.60
CA ASP A 53 16.23 0.51 -1.42
C ASP A 53 15.98 1.05 -2.82
N LEU A 54 14.80 0.79 -3.36
CA LEU A 54 14.43 1.25 -4.69
C LEU A 54 13.73 2.60 -4.61
N GLU A 55 13.93 3.31 -3.52
CA GLU A 55 13.31 4.62 -3.33
C GLU A 55 11.79 4.50 -3.31
N VAL A 56 11.28 3.65 -2.43
CA VAL A 56 9.84 3.44 -2.31
C VAL A 56 9.43 3.17 -0.87
N ASN A 57 8.34 3.78 -0.44
CA ASN A 57 7.85 3.61 0.92
C ASN A 57 6.75 2.55 0.97
N ILE A 58 6.82 1.69 1.97
CA ILE A 58 5.83 0.63 2.13
C ILE A 58 5.02 0.82 3.41
N ALA A 59 3.71 0.57 3.33
CA ALA A 59 2.83 0.71 4.48
C ALA A 59 1.72 -0.33 4.45
N LYS A 60 1.12 -0.58 5.61
CA LYS A 60 0.04 -1.56 5.71
C LYS A 60 -1.17 -0.96 6.42
N VAL A 61 -2.36 -1.38 6.00
CA VAL A 61 -3.59 -0.88 6.60
C VAL A 61 -4.41 -2.02 7.21
N ASP A 62 -5.02 -1.74 8.36
CA ASP A 62 -5.83 -2.74 9.05
C ASP A 62 -7.33 -2.46 8.87
N VAL A 63 -8.05 -3.44 8.34
CA VAL A 63 -9.49 -3.28 8.13
C VAL A 63 -10.27 -3.59 9.39
N THR A 64 -9.63 -3.41 10.55
CA THR A 64 -10.27 -3.66 11.83
C THR A 64 -10.14 -2.45 12.75
N GLU A 65 -9.07 -1.69 12.59
CA GLU A 65 -8.83 -0.51 13.41
C GLU A 65 -9.05 0.76 12.60
N GLN A 66 -8.93 0.65 11.27
CA GLN A 66 -9.12 1.79 10.40
C GLN A 66 -10.35 1.61 9.51
N PRO A 67 -11.54 1.90 10.07
CA PRO A 67 -12.80 1.76 9.35
C PRO A 67 -12.96 2.81 8.26
N GLY A 68 -12.29 3.95 8.42
CA GLY A 68 -12.37 5.01 7.44
C GLY A 68 -11.59 4.69 6.18
N LEU A 69 -10.28 4.53 6.31
CA LEU A 69 -9.43 4.21 5.16
C LEU A 69 -10.10 3.18 4.25
N SER A 70 -10.78 2.22 4.86
CA SER A 70 -11.45 1.17 4.10
C SER A 70 -12.41 1.78 3.08
N GLY A 71 -13.14 2.81 3.50
CA GLY A 71 -14.08 3.47 2.61
C GLY A 71 -13.41 4.43 1.66
N ARG A 72 -12.39 5.14 2.14
CA ARG A 72 -11.66 6.10 1.33
C ARG A 72 -10.98 5.40 0.15
N PHE A 73 -10.92 4.08 0.20
CA PHE A 73 -10.29 3.29 -0.85
C PHE A 73 -11.32 2.40 -1.54
N ILE A 74 -12.48 2.23 -0.91
CA ILE A 74 -13.54 1.40 -1.46
C ILE A 74 -13.06 -0.02 -1.69
N ILE A 75 -12.48 -0.63 -0.65
CA ILE A 75 -11.98 -1.99 -0.73
C ILE A 75 -13.13 -2.99 -0.85
N ASN A 76 -13.08 -3.81 -1.89
CA ASN A 76 -14.11 -4.81 -2.12
C ASN A 76 -13.68 -6.18 -1.57
N ALA A 77 -12.46 -6.57 -1.89
CA ALA A 77 -11.92 -7.85 -1.43
C ALA A 77 -10.54 -7.67 -0.81
N LEU A 78 -10.05 -8.73 -0.17
CA LEU A 78 -8.74 -8.69 0.47
C LEU A 78 -8.03 -10.03 0.34
N PRO A 79 -6.69 -10.00 0.32
CA PRO A 79 -5.93 -8.75 0.42
C PRO A 79 -6.07 -7.89 -0.83
N THR A 80 -5.59 -6.65 -0.75
CA THR A 80 -5.66 -5.74 -1.88
C THR A 80 -4.59 -4.65 -1.78
N ILE A 81 -3.56 -4.76 -2.63
CA ILE A 81 -2.47 -3.79 -2.63
C ILE A 81 -2.77 -2.63 -3.58
N TYR A 82 -2.34 -1.44 -3.20
CA TYR A 82 -2.56 -0.25 -4.01
C TYR A 82 -1.27 0.55 -4.16
N HIS A 83 -0.98 0.96 -5.39
CA HIS A 83 0.24 1.73 -5.66
C HIS A 83 -0.09 3.22 -5.73
N CYS A 84 0.42 3.98 -4.76
CA CYS A 84 0.18 5.42 -4.70
C CYS A 84 1.44 6.18 -5.09
N LYS A 85 1.39 6.82 -6.27
CA LYS A 85 2.53 7.60 -6.75
C LYS A 85 2.11 9.02 -7.11
N ASP A 86 2.43 9.96 -6.23
CA ASP A 86 2.09 11.36 -6.45
C ASP A 86 0.58 11.55 -6.46
N GLY A 87 -0.12 10.76 -5.67
CA GLY A 87 -1.57 10.85 -5.60
C GLY A 87 -2.26 9.74 -6.37
N GLU A 88 -1.78 9.47 -7.59
CA GLU A 88 -2.36 8.43 -8.42
C GLU A 88 -2.56 7.15 -7.63
N PHE A 89 -3.36 6.23 -8.18
CA PHE A 89 -3.63 4.96 -7.52
C PHE A 89 -3.81 3.85 -8.54
N ARG A 90 -2.91 2.86 -8.51
CA ARG A 90 -2.98 1.75 -9.43
C ARG A 90 -3.00 0.41 -8.68
N ARG A 91 -4.10 -0.32 -8.84
CA ARG A 91 -4.25 -1.61 -8.17
C ARG A 91 -3.13 -2.57 -8.57
N TYR A 92 -2.73 -3.42 -7.64
CA TYR A 92 -1.66 -4.39 -7.89
C TYR A 92 -2.23 -5.69 -8.44
N GLN A 93 -2.26 -5.81 -9.77
CA GLN A 93 -2.78 -7.01 -10.41
C GLN A 93 -1.66 -8.02 -10.67
N GLY A 94 -1.30 -8.77 -9.64
CA GLY A 94 -0.26 -9.76 -9.78
C GLY A 94 -0.31 -10.83 -8.71
N PRO A 95 0.72 -11.69 -8.67
CA PRO A 95 0.79 -12.77 -7.68
C PRO A 95 1.04 -12.26 -6.27
N ARG A 96 1.38 -10.99 -6.15
CA ARG A 96 1.64 -10.38 -4.86
C ARG A 96 2.84 -11.02 -4.18
N THR A 97 3.84 -11.41 -4.98
CA THR A 97 5.04 -12.04 -4.45
C THR A 97 6.19 -11.05 -4.37
N LYS A 98 7.19 -11.38 -3.56
CA LYS A 98 8.36 -10.52 -3.39
C LYS A 98 9.03 -10.23 -4.73
N LYS A 99 9.60 -11.27 -5.33
CA LYS A 99 10.28 -11.13 -6.62
C LYS A 99 9.49 -10.21 -7.54
N ASP A 100 8.24 -10.56 -7.78
CA ASP A 100 7.37 -9.77 -8.66
C ASP A 100 7.38 -8.30 -8.23
N PHE A 101 7.01 -8.04 -6.98
CA PHE A 101 6.97 -6.68 -6.45
C PHE A 101 8.14 -5.86 -7.00
N ILE A 102 9.36 -6.33 -6.72
CA ILE A 102 10.56 -5.63 -7.18
C ILE A 102 10.33 -4.96 -8.53
N ASN A 103 10.13 -5.77 -9.56
CA ASN A 103 9.89 -5.27 -10.91
C ASN A 103 8.83 -4.18 -10.90
N PHE A 104 7.68 -4.49 -10.30
CA PHE A 104 6.58 -3.54 -10.22
C PHE A 104 7.07 -2.16 -9.77
N ILE A 105 8.20 -2.15 -9.06
CA ILE A 105 8.78 -0.92 -8.57
C ILE A 105 9.85 -0.39 -9.52
N SER A 106 10.87 -1.20 -9.76
CA SER A 106 11.96 -0.82 -10.66
C SER A 106 11.46 -0.71 -12.10
N ASP A 107 10.87 -1.79 -12.59
CA ASP A 107 10.35 -1.82 -13.96
C ASP A 107 9.12 -0.91 -14.09
N LYS A 108 8.56 -0.53 -12.95
CA LYS A 108 7.38 0.33 -12.94
C LYS A 108 6.24 -0.28 -13.76
N GLU A 109 5.96 -1.55 -13.50
CA GLU A 109 4.90 -2.26 -14.21
C GLU A 109 3.58 -1.51 -14.09
N TRP A 110 3.35 -0.91 -12.93
CA TRP A 110 2.12 -0.16 -12.69
C TRP A 110 1.69 0.59 -13.94
N LYS A 111 2.66 1.10 -14.69
CA LYS A 111 2.38 1.85 -15.92
C LYS A 111 1.41 1.09 -16.80
N SER A 112 1.67 -0.20 -17.01
CA SER A 112 0.81 -1.04 -17.84
C SER A 112 -0.60 -1.11 -17.26
N ILE A 113 -0.70 -1.03 -15.94
CA ILE A 113 -1.99 -1.09 -15.26
C ILE A 113 -2.66 0.28 -15.24
N GLU A 114 -3.96 0.30 -15.46
CA GLU A 114 -4.72 1.55 -15.47
C GLU A 114 -5.10 1.96 -14.06
N PRO A 115 -5.10 3.28 -13.80
CA PRO A 115 -5.45 3.83 -12.48
C PRO A 115 -6.92 3.66 -12.15
N VAL A 116 -7.24 3.70 -10.87
CA VAL A 116 -8.62 3.55 -10.42
C VAL A 116 -9.45 4.79 -10.76
N SER A 117 -10.76 4.70 -10.55
CA SER A 117 -11.65 5.81 -10.84
C SER A 117 -11.07 7.13 -10.35
N SER A 118 -10.88 7.23 -9.04
CA SER A 118 -10.33 8.44 -8.42
C SER A 118 -10.07 8.22 -6.94
N TRP A 119 -9.57 9.26 -6.28
CA TRP A 119 -9.28 9.20 -4.85
C TRP A 119 -10.39 9.85 -4.04
N PHE A 120 -11.34 9.04 -3.57
CA PHE A 120 -12.45 9.56 -2.77
C PHE A 120 -12.09 9.62 -1.30
N SER A 121 -11.89 10.84 -0.79
CA SER A 121 -11.53 11.04 0.61
C SER A 121 -12.29 12.23 1.20
N GLY A 122 -12.28 12.33 2.52
CA GLY A 122 -12.97 13.42 3.19
C GLY A 122 -12.07 14.63 3.40
N PRO A 123 -12.59 15.62 4.14
CA PRO A 123 -11.85 16.86 4.42
C PRO A 123 -10.69 16.62 5.39
N SER A 124 -10.96 15.88 6.46
CA SER A 124 -9.93 15.59 7.46
C SER A 124 -9.57 16.83 8.26
N SER A 125 -10.60 17.60 8.62
CA SER A 125 -10.40 18.82 9.39
C SER A 125 -11.21 18.78 10.69
N GLY A 126 -10.72 19.51 11.71
CA GLY A 126 -11.40 19.54 12.98
C GLY A 126 -10.94 18.44 13.91
N GLY A 1 19.07 12.83 9.40
CA GLY A 1 18.78 13.81 10.43
C GLY A 1 17.63 13.39 11.33
N SER A 2 16.43 13.32 10.76
CA SER A 2 15.25 12.94 11.52
C SER A 2 14.98 11.44 11.38
N SER A 3 15.34 10.67 12.40
CA SER A 3 15.15 9.23 12.38
C SER A 3 15.25 8.65 13.79
N GLY A 4 14.59 7.51 14.01
CA GLY A 4 14.62 6.88 15.31
C GLY A 4 14.20 5.42 15.25
N SER A 5 12.97 5.18 14.84
CA SER A 5 12.43 3.82 14.75
C SER A 5 12.41 3.35 13.30
N SER A 6 13.37 2.51 12.94
CA SER A 6 13.47 1.98 11.59
C SER A 6 12.63 0.71 11.43
N GLY A 7 11.53 0.83 10.72
CA GLY A 7 10.66 -0.31 10.50
C GLY A 7 10.53 -0.69 9.04
N ASN A 8 10.49 -1.99 8.77
CA ASN A 8 10.37 -2.48 7.41
C ASN A 8 9.06 -2.01 6.77
N VAL A 9 7.99 -2.04 7.54
CA VAL A 9 6.68 -1.62 7.05
C VAL A 9 6.13 -0.47 7.88
N ARG A 10 5.49 0.49 7.21
CA ARG A 10 4.92 1.65 7.88
C ARG A 10 3.43 1.43 8.16
N VAL A 11 2.95 2.01 9.25
CA VAL A 11 1.55 1.89 9.63
C VAL A 11 0.79 3.19 9.36
N ILE A 12 0.12 3.25 8.21
CA ILE A 12 -0.64 4.42 7.83
C ILE A 12 -2.02 4.41 8.46
N THR A 13 -2.46 5.57 8.94
CA THR A 13 -3.77 5.69 9.57
C THR A 13 -4.69 6.62 8.78
N ASP A 14 -5.87 6.89 9.33
CA ASP A 14 -6.83 7.77 8.67
C ASP A 14 -6.31 9.21 8.61
N GLU A 15 -5.15 9.43 9.21
CA GLU A 15 -4.54 10.76 9.23
C GLU A 15 -3.28 10.81 8.37
N ASN A 16 -2.39 9.85 8.60
CA ASN A 16 -1.14 9.77 7.85
C ASN A 16 -1.40 9.51 6.38
N TRP A 17 -2.58 8.96 6.09
CA TRP A 17 -2.95 8.65 4.70
C TRP A 17 -2.45 9.73 3.75
N ARG A 18 -2.66 10.99 4.12
CA ARG A 18 -2.22 12.11 3.30
C ARG A 18 -0.81 11.87 2.75
N GLU A 19 0.09 11.47 3.64
CA GLU A 19 1.48 11.22 3.26
C GLU A 19 1.54 10.41 1.97
N LEU A 20 0.60 9.48 1.81
CA LEU A 20 0.54 8.64 0.63
C LEU A 20 0.53 9.49 -0.65
N LEU A 21 -0.21 10.59 -0.60
CA LEU A 21 -0.30 11.49 -1.76
C LEU A 21 1.08 12.02 -2.14
N GLU A 22 2.00 12.02 -1.18
CA GLU A 22 3.35 12.50 -1.43
C GLU A 22 4.32 11.34 -1.66
N GLY A 23 5.11 11.44 -2.71
CA GLY A 23 6.07 10.38 -3.03
C GLY A 23 5.40 9.04 -3.22
N ASP A 24 6.19 8.03 -3.53
CA ASP A 24 5.67 6.68 -3.74
C ASP A 24 5.30 6.02 -2.41
N TRP A 25 4.22 5.25 -2.43
CA TRP A 25 3.76 4.57 -1.22
C TRP A 25 3.06 3.27 -1.57
N MET A 26 3.57 2.16 -1.04
CA MET A 26 2.99 0.85 -1.30
C MET A 26 2.08 0.42 -0.15
N ILE A 27 0.78 0.39 -0.42
CA ILE A 27 -0.20 0.00 0.59
C ILE A 27 -0.75 -1.39 0.32
N GLU A 28 -1.11 -2.11 1.38
CA GLU A 28 -1.65 -3.46 1.25
C GLU A 28 -2.70 -3.73 2.32
N PHE A 29 -3.96 -3.74 1.93
CA PHE A 29 -5.06 -3.98 2.86
C PHE A 29 -5.09 -5.45 3.28
N TYR A 30 -4.91 -5.68 4.58
CA TYR A 30 -4.91 -7.04 5.11
C TYR A 30 -5.92 -7.17 6.25
N ALA A 31 -6.13 -8.40 6.70
CA ALA A 31 -7.07 -8.67 7.79
C ALA A 31 -6.55 -9.78 8.71
N PRO A 32 -6.70 -9.59 10.02
CA PRO A 32 -6.25 -10.56 11.02
C PRO A 32 -7.12 -11.82 11.02
N TRP A 33 -8.20 -11.79 10.27
CA TRP A 33 -9.10 -12.93 10.17
C TRP A 33 -9.14 -13.49 8.75
N CYS A 34 -8.15 -13.11 7.95
CA CYS A 34 -8.07 -13.57 6.57
C CYS A 34 -6.95 -14.60 6.41
N PRO A 35 -7.28 -15.73 5.78
CA PRO A 35 -6.33 -16.82 5.54
C PRO A 35 -5.26 -16.44 4.52
N ALA A 36 -5.63 -15.56 3.59
CA ALA A 36 -4.70 -15.12 2.55
C ALA A 36 -3.65 -14.18 3.13
N CYS A 37 -4.08 -13.26 3.98
CA CYS A 37 -3.17 -12.31 4.61
C CYS A 37 -2.03 -13.02 5.32
N GLN A 38 -2.38 -14.02 6.13
CA GLN A 38 -1.39 -14.79 6.88
C GLN A 38 -0.27 -15.27 5.95
N ASN A 39 -0.60 -15.44 4.67
CA ASN A 39 0.38 -15.91 3.69
C ASN A 39 1.17 -14.73 3.12
N LEU A 40 0.53 -13.57 3.05
CA LEU A 40 1.18 -12.38 2.52
C LEU A 40 2.01 -11.69 3.60
N GLN A 41 1.71 -11.99 4.86
CA GLN A 41 2.45 -11.41 5.98
C GLN A 41 3.95 -11.37 5.69
N PRO A 42 4.52 -12.55 5.40
CA PRO A 42 5.95 -12.68 5.10
C PRO A 42 6.32 -12.05 3.76
N GLU A 43 5.50 -12.32 2.75
CA GLU A 43 5.75 -11.79 1.41
C GLU A 43 5.98 -10.28 1.46
N TRP A 44 5.31 -9.62 2.39
CA TRP A 44 5.45 -8.17 2.54
C TRP A 44 6.73 -7.82 3.27
N GLU A 45 6.90 -8.37 4.48
CA GLU A 45 8.10 -8.11 5.27
C GLU A 45 9.35 -8.28 4.43
N SER A 46 9.38 -9.32 3.62
CA SER A 46 10.54 -9.60 2.76
C SER A 46 10.67 -8.54 1.68
N PHE A 47 9.56 -7.89 1.35
CA PHE A 47 9.54 -6.85 0.32
C PHE A 47 10.10 -5.54 0.87
N ALA A 48 9.49 -5.06 1.95
CA ALA A 48 9.91 -3.81 2.58
C ALA A 48 11.43 -3.77 2.74
N GLU A 49 12.06 -4.95 2.72
CA GLU A 49 13.50 -5.04 2.87
C GLU A 49 14.21 -4.22 1.79
N TRP A 50 13.96 -4.56 0.53
CA TRP A 50 14.58 -3.85 -0.58
C TRP A 50 13.72 -2.67 -1.02
N GLY A 51 12.44 -2.70 -0.64
CA GLY A 51 11.53 -1.63 -1.01
C GLY A 51 12.21 -0.26 -0.98
N GLU A 52 12.47 0.24 0.22
CA GLU A 52 13.11 1.54 0.38
C GLU A 52 14.37 1.63 -0.47
N ASP A 53 15.00 0.49 -0.74
CA ASP A 53 16.21 0.44 -1.54
C ASP A 53 15.93 0.95 -2.95
N LEU A 54 14.77 0.59 -3.49
CA LEU A 54 14.39 1.01 -4.84
C LEU A 54 13.69 2.37 -4.82
N GLU A 55 13.88 3.10 -3.72
CA GLU A 55 13.27 4.42 -3.57
C GLU A 55 11.74 4.30 -3.55
N VAL A 56 11.23 3.48 -2.64
CA VAL A 56 9.79 3.29 -2.50
C VAL A 56 9.41 2.95 -1.07
N ASN A 57 8.40 3.64 -0.55
CA ASN A 57 7.94 3.41 0.81
C ASN A 57 6.90 2.28 0.85
N ILE A 58 6.88 1.56 1.96
CA ILE A 58 5.94 0.45 2.13
C ILE A 58 5.18 0.57 3.45
N ALA A 59 3.86 0.47 3.38
CA ALA A 59 3.01 0.57 4.56
C ALA A 59 1.93 -0.51 4.55
N LYS A 60 1.21 -0.61 5.66
CA LYS A 60 0.14 -1.60 5.77
C LYS A 60 -1.10 -0.98 6.41
N VAL A 61 -2.26 -1.19 5.78
CA VAL A 61 -3.52 -0.65 6.28
C VAL A 61 -4.39 -1.76 6.86
N ASP A 62 -5.24 -1.39 7.81
CA ASP A 62 -6.13 -2.36 8.46
C ASP A 62 -7.57 -2.16 7.97
N VAL A 63 -8.28 -3.27 7.77
CA VAL A 63 -9.66 -3.22 7.31
C VAL A 63 -10.63 -3.33 8.49
N THR A 64 -10.15 -3.90 9.59
CA THR A 64 -10.98 -4.07 10.78
C THR A 64 -10.70 -2.97 11.79
N GLU A 65 -9.44 -2.54 11.87
CA GLU A 65 -9.04 -1.50 12.81
C GLU A 65 -9.34 -0.11 12.23
N GLN A 66 -9.24 0.00 10.91
CA GLN A 66 -9.50 1.27 10.24
C GLN A 66 -10.71 1.17 9.33
N PRO A 67 -11.91 1.31 9.91
CA PRO A 67 -13.17 1.24 9.16
C PRO A 67 -13.37 2.43 8.23
N GLY A 68 -12.56 3.48 8.43
CA GLY A 68 -12.67 4.66 7.60
C GLY A 68 -11.85 4.54 6.32
N LEU A 69 -10.65 3.99 6.44
CA LEU A 69 -9.77 3.84 5.29
C LEU A 69 -10.34 2.82 4.30
N SER A 70 -10.90 1.74 4.85
CA SER A 70 -11.48 0.69 4.01
C SER A 70 -12.37 1.29 2.93
N GLY A 71 -13.25 2.20 3.32
CA GLY A 71 -14.15 2.84 2.38
C GLY A 71 -13.44 3.87 1.51
N ARG A 72 -12.58 4.66 2.13
CA ARG A 72 -11.85 5.70 1.42
C ARG A 72 -11.25 5.14 0.12
N PHE A 73 -11.10 3.82 0.06
CA PHE A 73 -10.55 3.16 -1.12
C PHE A 73 -11.60 2.27 -1.78
N ILE A 74 -12.61 1.88 -1.02
CA ILE A 74 -13.67 1.03 -1.53
C ILE A 74 -13.15 -0.38 -1.82
N ILE A 75 -12.41 -0.95 -0.88
CA ILE A 75 -11.85 -2.28 -1.03
C ILE A 75 -12.97 -3.32 -1.21
N ASN A 76 -12.89 -4.06 -2.31
CA ASN A 76 -13.88 -5.10 -2.60
C ASN A 76 -13.44 -6.45 -2.05
N ALA A 77 -12.16 -6.75 -2.20
CA ALA A 77 -11.62 -8.02 -1.71
C ALA A 77 -10.27 -7.81 -1.02
N LEU A 78 -9.80 -8.83 -0.32
CA LEU A 78 -8.52 -8.75 0.38
C LEU A 78 -7.79 -10.09 0.32
N PRO A 79 -6.44 -10.02 0.37
CA PRO A 79 -5.71 -8.76 0.49
C PRO A 79 -5.79 -7.93 -0.78
N THR A 80 -5.36 -6.67 -0.70
CA THR A 80 -5.38 -5.78 -1.85
C THR A 80 -4.29 -4.72 -1.74
N ILE A 81 -3.40 -4.70 -2.73
CA ILE A 81 -2.31 -3.73 -2.75
C ILE A 81 -2.66 -2.52 -3.61
N TYR A 82 -2.10 -1.36 -3.24
CA TYR A 82 -2.35 -0.13 -3.98
C TYR A 82 -1.07 0.69 -4.12
N HIS A 83 -0.73 1.04 -5.35
CA HIS A 83 0.45 1.83 -5.63
C HIS A 83 0.12 3.31 -5.71
N CYS A 84 0.61 4.07 -4.73
CA CYS A 84 0.36 5.51 -4.69
C CYS A 84 1.59 6.29 -5.15
N LYS A 85 1.48 6.95 -6.30
CA LYS A 85 2.57 7.73 -6.84
C LYS A 85 2.17 9.19 -7.01
N ASP A 86 2.79 10.06 -6.21
CA ASP A 86 2.50 11.49 -6.27
C ASP A 86 0.99 11.74 -6.37
N GLY A 87 0.22 10.93 -5.64
CA GLY A 87 -1.22 11.07 -5.67
C GLY A 87 -1.90 9.99 -6.47
N GLU A 88 -1.37 9.71 -7.65
CA GLU A 88 -1.93 8.69 -8.52
C GLU A 88 -2.20 7.40 -7.75
N PHE A 89 -2.93 6.48 -8.36
CA PHE A 89 -3.26 5.21 -7.74
C PHE A 89 -3.51 4.12 -8.78
N ARG A 90 -2.82 3.00 -8.64
CA ARG A 90 -2.97 1.89 -9.56
C ARG A 90 -3.23 0.58 -8.82
N ARG A 91 -4.36 -0.04 -9.11
CA ARG A 91 -4.73 -1.29 -8.46
C ARG A 91 -3.72 -2.39 -8.80
N TYR A 92 -3.14 -3.00 -7.78
CA TYR A 92 -2.16 -4.06 -7.98
C TYR A 92 -2.82 -5.29 -8.61
N GLN A 93 -2.25 -5.74 -9.72
CA GLN A 93 -2.77 -6.91 -10.42
C GLN A 93 -1.69 -7.97 -10.59
N GLY A 94 -1.35 -8.65 -9.51
CA GLY A 94 -0.33 -9.69 -9.56
C GLY A 94 -0.55 -10.77 -8.52
N PRO A 95 0.34 -11.77 -8.52
CA PRO A 95 0.27 -12.90 -7.58
C PRO A 95 0.58 -12.47 -6.14
N ARG A 96 0.98 -11.22 -5.98
CA ARG A 96 1.31 -10.69 -4.66
C ARG A 96 2.51 -11.42 -4.07
N THR A 97 3.58 -11.51 -4.84
CA THR A 97 4.79 -12.19 -4.41
C THR A 97 5.98 -11.23 -4.37
N LYS A 98 6.95 -11.52 -3.53
CA LYS A 98 8.15 -10.69 -3.40
C LYS A 98 8.67 -10.29 -4.77
N LYS A 99 9.20 -11.27 -5.51
CA LYS A 99 9.74 -11.02 -6.83
C LYS A 99 8.90 -9.98 -7.58
N ASP A 100 7.66 -10.34 -7.88
CA ASP A 100 6.76 -9.44 -8.58
C ASP A 100 6.95 -8.00 -8.12
N PHE A 101 6.70 -7.75 -6.84
CA PHE A 101 6.85 -6.42 -6.27
C PHE A 101 8.08 -5.71 -6.85
N ILE A 102 9.25 -6.27 -6.59
CA ILE A 102 10.50 -5.70 -7.10
C ILE A 102 10.29 -5.04 -8.46
N ASN A 103 9.94 -5.84 -9.46
CA ASN A 103 9.71 -5.33 -10.80
C ASN A 103 8.68 -4.21 -10.80
N PHE A 104 7.47 -4.52 -10.34
CA PHE A 104 6.40 -3.54 -10.28
C PHE A 104 6.94 -2.17 -9.85
N ILE A 105 8.04 -2.19 -9.12
CA ILE A 105 8.66 -0.95 -8.66
C ILE A 105 9.71 -0.45 -9.64
N SER A 106 10.76 -1.24 -9.83
CA SER A 106 11.84 -0.88 -10.74
C SER A 106 11.32 -0.74 -12.16
N ASP A 107 10.67 -1.79 -12.66
CA ASP A 107 10.12 -1.79 -14.01
C ASP A 107 8.89 -0.89 -14.09
N LYS A 108 8.35 -0.52 -12.93
CA LYS A 108 7.17 0.34 -12.88
C LYS A 108 6.03 -0.25 -13.69
N GLU A 109 5.74 -1.53 -13.46
CA GLU A 109 4.67 -2.22 -14.16
C GLU A 109 3.37 -1.43 -14.06
N TRP A 110 3.21 -0.71 -12.97
CA TRP A 110 2.00 0.08 -12.74
C TRP A 110 1.68 0.93 -13.96
N LYS A 111 2.72 1.36 -14.68
CA LYS A 111 2.55 2.19 -15.87
C LYS A 111 1.55 1.55 -16.83
N SER A 112 1.61 0.23 -16.95
CA SER A 112 0.71 -0.50 -17.84
C SER A 112 -0.55 -0.94 -17.10
N ILE A 113 -0.84 -0.25 -16.00
CA ILE A 113 -2.02 -0.56 -15.19
C ILE A 113 -2.99 0.61 -15.16
N GLU A 114 -4.28 0.31 -15.26
CA GLU A 114 -5.31 1.35 -15.23
C GLU A 114 -5.44 1.95 -13.85
N PRO A 115 -5.20 3.27 -13.75
CA PRO A 115 -5.28 3.99 -12.48
C PRO A 115 -6.71 4.12 -11.97
N VAL A 116 -6.85 4.57 -10.73
CA VAL A 116 -8.18 4.74 -10.13
C VAL A 116 -8.40 6.18 -9.69
N SER A 117 -9.51 6.77 -10.15
CA SER A 117 -9.83 8.15 -9.80
C SER A 117 -11.07 8.21 -8.93
N SER A 118 -11.09 7.40 -7.87
CA SER A 118 -12.23 7.36 -6.95
C SER A 118 -11.79 7.67 -5.52
N TRP A 119 -11.48 8.94 -5.27
CA TRP A 119 -11.05 9.36 -3.95
C TRP A 119 -11.93 10.50 -3.42
N PHE A 120 -12.62 10.24 -2.33
CA PHE A 120 -13.50 11.24 -1.72
C PHE A 120 -13.18 11.41 -0.24
N SER A 121 -12.15 12.21 0.04
CA SER A 121 -11.75 12.47 1.42
C SER A 121 -11.49 13.95 1.65
N GLY A 122 -12.35 14.59 2.44
CA GLY A 122 -12.19 16.00 2.72
C GLY A 122 -12.27 16.86 1.46
N PRO A 123 -12.47 18.17 1.65
CA PRO A 123 -12.57 19.11 0.53
C PRO A 123 -11.23 19.32 -0.17
N SER A 124 -11.27 19.34 -1.50
CA SER A 124 -10.05 19.53 -2.29
C SER A 124 -9.55 20.97 -2.18
N SER A 125 -8.31 21.19 -2.61
CA SER A 125 -7.72 22.52 -2.56
C SER A 125 -8.45 23.49 -3.49
N GLY A 126 -8.73 23.03 -4.71
CA GLY A 126 -9.42 23.87 -5.67
C GLY A 126 -8.52 24.34 -6.79
N GLY A 1 18.95 7.35 3.16
CA GLY A 1 18.73 6.39 4.23
C GLY A 1 17.91 6.98 5.37
N SER A 2 16.99 6.19 5.91
CA SER A 2 16.14 6.64 7.01
C SER A 2 16.09 5.60 8.11
N SER A 3 17.02 5.69 9.05
CA SER A 3 17.08 4.75 10.17
C SER A 3 15.73 4.66 10.87
N GLY A 4 15.29 3.43 11.15
CA GLY A 4 14.02 3.22 11.82
C GLY A 4 14.02 2.00 12.70
N SER A 5 13.70 2.19 13.98
CA SER A 5 13.66 1.08 14.93
C SER A 5 12.51 0.13 14.62
N SER A 6 11.30 0.68 14.60
CA SER A 6 10.11 -0.12 14.33
C SER A 6 10.23 -0.82 12.98
N GLY A 7 9.25 -1.68 12.69
CA GLY A 7 9.27 -2.41 11.43
C GLY A 7 9.35 -1.48 10.22
N ASN A 8 10.21 -1.83 9.27
CA ASN A 8 10.38 -1.03 8.06
C ASN A 8 9.03 -0.60 7.50
N VAL A 9 8.02 -1.45 7.67
CA VAL A 9 6.68 -1.15 7.18
C VAL A 9 6.06 0.00 7.95
N ARG A 10 5.46 0.94 7.21
CA ARG A 10 4.83 2.11 7.83
C ARG A 10 3.35 1.83 8.12
N VAL A 11 2.85 2.42 9.19
CA VAL A 11 1.46 2.26 9.58
C VAL A 11 0.62 3.47 9.20
N ILE A 12 -0.09 3.36 8.09
CA ILE A 12 -0.93 4.45 7.61
C ILE A 12 -2.23 4.53 8.42
N THR A 13 -2.64 5.76 8.74
CA THR A 13 -3.87 5.97 9.49
C THR A 13 -4.79 6.96 8.79
N ASP A 14 -5.89 7.32 9.45
CA ASP A 14 -6.85 8.26 8.88
C ASP A 14 -6.24 9.65 8.77
N GLU A 15 -5.01 9.79 9.25
CA GLU A 15 -4.32 11.08 9.20
C GLU A 15 -3.07 10.99 8.34
N ASN A 16 -2.26 9.96 8.56
CA ASN A 16 -1.04 9.75 7.81
C ASN A 16 -1.34 9.53 6.33
N TRP A 17 -2.53 9.04 6.04
CA TRP A 17 -2.95 8.78 4.67
C TRP A 17 -2.41 9.86 3.73
N ARG A 18 -2.61 11.12 4.10
CA ARG A 18 -2.16 12.24 3.30
C ARG A 18 -0.76 11.98 2.74
N GLU A 19 0.17 11.66 3.64
CA GLU A 19 1.54 11.39 3.23
C GLU A 19 1.58 10.57 1.94
N LEU A 20 0.61 9.67 1.79
CA LEU A 20 0.54 8.83 0.60
C LEU A 20 0.56 9.67 -0.67
N LEU A 21 -0.20 10.76 -0.66
CA LEU A 21 -0.26 11.65 -1.81
C LEU A 21 1.13 12.17 -2.18
N GLU A 22 2.06 12.03 -1.26
CA GLU A 22 3.43 12.49 -1.48
C GLU A 22 4.34 11.32 -1.84
N GLY A 23 5.14 11.49 -2.89
CA GLY A 23 6.04 10.44 -3.32
C GLY A 23 5.36 9.09 -3.45
N ASP A 24 6.11 8.08 -3.82
CA ASP A 24 5.57 6.73 -3.98
C ASP A 24 5.26 6.11 -2.63
N TRP A 25 4.20 5.31 -2.57
CA TRP A 25 3.79 4.66 -1.34
C TRP A 25 3.07 3.34 -1.63
N MET A 26 3.61 2.25 -1.11
CA MET A 26 3.02 0.93 -1.32
C MET A 26 2.15 0.54 -0.13
N ILE A 27 0.84 0.44 -0.36
CA ILE A 27 -0.11 0.08 0.68
C ILE A 27 -0.60 -1.35 0.50
N GLU A 28 -0.82 -2.04 1.60
CA GLU A 28 -1.30 -3.42 1.56
C GLU A 28 -2.43 -3.64 2.58
N PHE A 29 -3.62 -3.94 2.08
CA PHE A 29 -4.77 -4.17 2.95
C PHE A 29 -4.84 -5.63 3.38
N TYR A 30 -4.57 -5.88 4.65
CA TYR A 30 -4.61 -7.22 5.20
C TYR A 30 -5.61 -7.34 6.35
N ALA A 31 -5.99 -8.56 6.69
CA ALA A 31 -6.93 -8.80 7.77
C ALA A 31 -6.57 -10.07 8.53
N PRO A 32 -6.66 -10.00 9.88
CA PRO A 32 -6.36 -11.14 10.75
C PRO A 32 -7.40 -12.24 10.65
N TRP A 33 -8.53 -11.92 10.05
CA TRP A 33 -9.61 -12.90 9.88
C TRP A 33 -9.67 -13.41 8.45
N CYS A 34 -8.53 -13.37 7.77
CA CYS A 34 -8.44 -13.83 6.39
C CYS A 34 -7.19 -14.65 6.17
N PRO A 35 -7.34 -15.81 5.51
CA PRO A 35 -6.23 -16.73 5.22
C PRO A 35 -5.28 -16.15 4.18
N ALA A 36 -5.83 -15.72 3.05
CA ALA A 36 -5.04 -15.15 1.97
C ALA A 36 -4.14 -14.03 2.48
N CYS A 37 -4.71 -13.12 3.27
CA CYS A 37 -3.96 -12.00 3.82
C CYS A 37 -2.74 -12.50 4.60
N GLN A 38 -2.91 -13.61 5.31
CA GLN A 38 -1.83 -14.19 6.09
C GLN A 38 -0.68 -14.63 5.20
N ASN A 39 -0.99 -14.89 3.93
CA ASN A 39 0.02 -15.33 2.97
C ASN A 39 0.87 -14.15 2.50
N LEU A 40 0.28 -12.96 2.53
CA LEU A 40 0.97 -11.75 2.11
C LEU A 40 1.74 -11.13 3.26
N GLN A 41 1.27 -11.39 4.48
CA GLN A 41 1.92 -10.85 5.68
C GLN A 41 3.43 -10.98 5.58
N PRO A 42 3.90 -12.22 5.34
CA PRO A 42 5.33 -12.51 5.23
C PRO A 42 5.95 -11.92 3.96
N GLU A 43 5.27 -12.13 2.83
CA GLU A 43 5.75 -11.63 1.56
C GLU A 43 6.06 -10.14 1.65
N TRP A 44 5.17 -9.39 2.31
CA TRP A 44 5.36 -7.96 2.46
C TRP A 44 6.65 -7.64 3.21
N GLU A 45 6.79 -8.21 4.40
CA GLU A 45 7.98 -7.98 5.21
C GLU A 45 9.25 -8.14 4.36
N SER A 46 9.36 -9.26 3.66
CA SER A 46 10.52 -9.54 2.83
C SER A 46 10.66 -8.48 1.73
N PHE A 47 9.52 -7.94 1.31
CA PHE A 47 9.51 -6.92 0.26
C PHE A 47 10.04 -5.59 0.79
N ALA A 48 9.39 -5.06 1.82
CA ALA A 48 9.80 -3.80 2.41
C ALA A 48 11.31 -3.74 2.61
N GLU A 49 11.93 -4.92 2.75
CA GLU A 49 13.37 -5.00 2.94
C GLU A 49 14.11 -4.19 1.88
N TRP A 50 13.92 -4.56 0.62
CA TRP A 50 14.56 -3.87 -0.49
C TRP A 50 13.70 -2.71 -0.98
N GLY A 51 12.50 -2.60 -0.44
CA GLY A 51 11.60 -1.53 -0.82
C GLY A 51 12.27 -0.17 -0.83
N GLU A 52 12.55 0.34 0.35
CA GLU A 52 13.20 1.65 0.48
C GLU A 52 14.45 1.73 -0.40
N ASP A 53 15.10 0.59 -0.59
CA ASP A 53 16.30 0.53 -1.41
C ASP A 53 15.99 0.91 -2.86
N LEU A 54 14.82 0.51 -3.33
CA LEU A 54 14.41 0.81 -4.70
C LEU A 54 13.70 2.17 -4.76
N GLU A 55 13.92 3.00 -3.75
CA GLU A 55 13.31 4.32 -3.69
C GLU A 55 11.78 4.21 -3.68
N VAL A 56 11.27 3.44 -2.71
CA VAL A 56 9.83 3.25 -2.58
C VAL A 56 9.44 2.97 -1.13
N ASN A 57 8.42 3.66 -0.64
CA ASN A 57 7.95 3.48 0.73
C ASN A 57 6.92 2.37 0.80
N ILE A 58 6.90 1.67 1.94
CA ILE A 58 5.95 0.57 2.14
C ILE A 58 5.20 0.73 3.47
N ALA A 59 3.89 0.51 3.42
CA ALA A 59 3.07 0.62 4.62
C ALA A 59 2.05 -0.51 4.69
N LYS A 60 1.23 -0.50 5.74
CA LYS A 60 0.21 -1.53 5.93
C LYS A 60 -1.02 -0.95 6.60
N VAL A 61 -2.20 -1.34 6.12
CA VAL A 61 -3.45 -0.86 6.68
C VAL A 61 -4.18 -1.98 7.42
N ASP A 62 -4.70 -1.67 8.60
CA ASP A 62 -5.43 -2.64 9.40
C ASP A 62 -6.93 -2.40 9.31
N VAL A 63 -7.54 -2.87 8.23
CA VAL A 63 -8.98 -2.71 8.03
C VAL A 63 -9.74 -2.87 9.35
N THR A 64 -9.16 -3.63 10.27
CA THR A 64 -9.78 -3.87 11.56
C THR A 64 -9.77 -2.60 12.42
N GLU A 65 -8.61 -1.96 12.50
CA GLU A 65 -8.46 -0.75 13.30
C GLU A 65 -8.96 0.47 12.51
N GLN A 66 -8.66 0.49 11.21
CA GLN A 66 -9.07 1.59 10.35
C GLN A 66 -10.19 1.16 9.41
N PRO A 67 -11.43 1.21 9.91
CA PRO A 67 -12.61 0.83 9.14
C PRO A 67 -12.92 1.82 8.03
N GLY A 68 -12.45 3.05 8.19
CA GLY A 68 -12.68 4.07 7.19
C GLY A 68 -11.81 3.89 5.96
N LEU A 69 -10.50 3.90 6.16
CA LEU A 69 -9.56 3.74 5.06
C LEU A 69 -10.06 2.72 4.05
N SER A 70 -10.76 1.71 4.55
CA SER A 70 -11.31 0.66 3.69
C SER A 70 -12.24 1.25 2.64
N GLY A 71 -13.20 2.06 3.10
CA GLY A 71 -14.15 2.66 2.18
C GLY A 71 -13.51 3.70 1.28
N ARG A 72 -12.64 4.53 1.86
CA ARG A 72 -11.95 5.57 1.09
C ARG A 72 -11.18 4.95 -0.08
N PHE A 73 -11.03 3.64 -0.06
CA PHE A 73 -10.30 2.93 -1.11
C PHE A 73 -11.20 1.88 -1.78
N ILE A 74 -12.39 1.70 -1.22
CA ILE A 74 -13.34 0.72 -1.76
C ILE A 74 -12.74 -0.68 -1.77
N ILE A 75 -12.29 -1.12 -0.60
CA ILE A 75 -11.70 -2.45 -0.47
C ILE A 75 -12.78 -3.51 -0.26
N ASN A 76 -13.07 -4.25 -1.33
CA ASN A 76 -14.08 -5.31 -1.27
C ASN A 76 -13.44 -6.67 -1.04
N ALA A 77 -12.35 -6.93 -1.75
CA ALA A 77 -11.64 -8.19 -1.63
C ALA A 77 -10.28 -7.99 -0.95
N LEU A 78 -9.81 -9.04 -0.28
CA LEU A 78 -8.53 -8.98 0.41
C LEU A 78 -7.79 -10.32 0.32
N PRO A 79 -6.45 -10.27 0.37
CA PRO A 79 -5.72 -9.01 0.51
C PRO A 79 -5.79 -8.15 -0.74
N THR A 80 -5.33 -6.91 -0.64
CA THR A 80 -5.34 -5.99 -1.76
C THR A 80 -4.30 -4.88 -1.59
N ILE A 81 -3.30 -4.89 -2.45
CA ILE A 81 -2.24 -3.89 -2.39
C ILE A 81 -2.51 -2.74 -3.36
N TYR A 82 -2.21 -1.52 -2.92
CA TYR A 82 -2.43 -0.34 -3.76
C TYR A 82 -1.15 0.50 -3.85
N HIS A 83 -0.80 0.88 -5.07
CA HIS A 83 0.40 1.69 -5.30
C HIS A 83 0.04 3.16 -5.45
N CYS A 84 0.54 3.98 -4.53
CA CYS A 84 0.28 5.42 -4.56
C CYS A 84 1.51 6.19 -5.02
N LYS A 85 1.40 6.84 -6.18
CA LYS A 85 2.51 7.62 -6.73
C LYS A 85 2.08 9.06 -6.97
N ASP A 86 2.74 10.00 -6.29
CA ASP A 86 2.43 11.41 -6.44
C ASP A 86 0.92 11.65 -6.41
N GLY A 87 0.22 10.83 -5.63
CA GLY A 87 -1.22 10.96 -5.53
C GLY A 87 -1.96 9.89 -6.30
N GLU A 88 -1.49 9.59 -7.51
CA GLU A 88 -2.12 8.57 -8.35
C GLU A 88 -2.17 7.23 -7.61
N PHE A 89 -3.29 6.53 -7.77
CA PHE A 89 -3.47 5.23 -7.13
C PHE A 89 -3.65 4.13 -8.17
N ARG A 90 -2.92 3.04 -8.01
CA ARG A 90 -2.99 1.92 -8.93
C ARG A 90 -2.98 0.59 -8.18
N ARG A 91 -4.14 -0.07 -8.15
CA ARG A 91 -4.27 -1.35 -7.46
C ARG A 91 -3.20 -2.33 -7.93
N TYR A 92 -2.88 -3.30 -7.08
CA TYR A 92 -1.87 -4.31 -7.42
C TYR A 92 -2.51 -5.53 -8.06
N GLN A 93 -2.22 -5.73 -9.35
CA GLN A 93 -2.77 -6.87 -10.09
C GLN A 93 -1.66 -7.83 -10.49
N GLY A 94 -1.21 -8.64 -9.54
CA GLY A 94 -0.15 -9.60 -9.83
C GLY A 94 -0.10 -10.72 -8.80
N PRO A 95 0.99 -11.51 -8.84
CA PRO A 95 1.17 -12.63 -7.91
C PRO A 95 1.43 -12.18 -6.48
N ARG A 96 1.60 -10.87 -6.31
CA ARG A 96 1.83 -10.30 -4.99
C ARG A 96 2.97 -11.04 -4.28
N THR A 97 4.03 -11.32 -5.02
CA THR A 97 5.19 -12.04 -4.46
C THR A 97 6.39 -11.11 -4.35
N LYS A 98 7.38 -11.54 -3.57
CA LYS A 98 8.59 -10.75 -3.36
C LYS A 98 9.21 -10.35 -4.70
N LYS A 99 9.67 -11.34 -5.45
CA LYS A 99 10.28 -11.09 -6.76
C LYS A 99 9.40 -10.16 -7.60
N ASP A 100 8.16 -10.57 -7.82
CA ASP A 100 7.22 -9.78 -8.60
C ASP A 100 7.28 -8.30 -8.19
N PHE A 101 7.01 -8.04 -6.91
CA PHE A 101 7.03 -6.69 -6.38
C PHE A 101 8.17 -5.88 -7.01
N ILE A 102 9.40 -6.30 -6.75
CA ILE A 102 10.57 -5.61 -7.29
C ILE A 102 10.28 -5.02 -8.66
N ASN A 103 10.07 -5.90 -9.64
CA ASN A 103 9.78 -5.46 -11.00
C ASN A 103 8.68 -4.40 -11.02
N PHE A 104 7.59 -4.68 -10.32
CA PHE A 104 6.46 -3.76 -10.25
C PHE A 104 6.93 -2.36 -9.84
N ILE A 105 8.10 -2.31 -9.21
CA ILE A 105 8.66 -1.04 -8.77
C ILE A 105 9.72 -0.53 -9.74
N SER A 106 10.72 -1.36 -10.02
CA SER A 106 11.79 -1.00 -10.92
C SER A 106 11.28 -0.96 -12.37
N ASP A 107 10.64 -2.04 -12.80
CA ASP A 107 10.10 -2.12 -14.15
C ASP A 107 8.84 -1.26 -14.29
N LYS A 108 8.51 -0.53 -13.23
CA LYS A 108 7.33 0.33 -13.23
C LYS A 108 6.18 -0.33 -14.02
N GLU A 109 5.84 -1.55 -13.65
CA GLU A 109 4.75 -2.26 -14.32
C GLU A 109 3.41 -1.60 -14.06
N TRP A 110 3.34 -0.82 -12.99
CA TRP A 110 2.11 -0.12 -12.63
C TRP A 110 1.52 0.59 -13.84
N LYS A 111 2.38 1.10 -14.71
CA LYS A 111 1.95 1.80 -15.91
C LYS A 111 0.89 0.99 -16.66
N SER A 112 1.13 -0.31 -16.77
CA SER A 112 0.20 -1.19 -17.48
C SER A 112 -1.15 -1.24 -16.76
N ILE A 113 -1.11 -1.10 -15.44
CA ILE A 113 -2.34 -1.13 -14.65
C ILE A 113 -3.01 0.24 -14.61
N GLU A 114 -4.32 0.26 -14.82
CA GLU A 114 -5.07 1.51 -14.81
C GLU A 114 -5.40 1.95 -13.39
N PRO A 115 -5.38 3.27 -13.16
CA PRO A 115 -5.66 3.84 -11.83
C PRO A 115 -7.13 3.70 -11.45
N VAL A 116 -7.41 3.82 -10.16
CA VAL A 116 -8.77 3.71 -9.65
C VAL A 116 -9.63 4.88 -10.11
N SER A 117 -10.94 4.77 -9.90
CA SER A 117 -11.87 5.82 -10.30
C SER A 117 -11.33 7.19 -9.91
N SER A 118 -11.17 7.41 -8.61
CA SER A 118 -10.67 8.69 -8.11
C SER A 118 -10.40 8.61 -6.61
N TRP A 119 -9.89 9.71 -6.05
CA TRP A 119 -9.59 9.77 -4.62
C TRP A 119 -10.82 10.19 -3.83
N PHE A 120 -11.72 10.92 -4.48
CA PHE A 120 -12.95 11.38 -3.83
C PHE A 120 -12.71 11.60 -2.33
N SER A 121 -11.71 12.41 -2.00
CA SER A 121 -11.39 12.70 -0.62
C SER A 121 -10.55 13.98 -0.50
N GLY A 122 -11.19 15.05 -0.05
CA GLY A 122 -10.50 16.32 0.09
C GLY A 122 -11.36 17.39 0.75
N PRO A 123 -11.06 17.70 2.01
CA PRO A 123 -11.81 18.71 2.77
C PRO A 123 -11.56 20.12 2.26
N SER A 124 -12.53 20.67 1.53
CA SER A 124 -12.42 22.01 0.99
C SER A 124 -13.65 22.84 1.31
N SER A 125 -13.66 23.45 2.50
CA SER A 125 -14.78 24.27 2.93
C SER A 125 -14.39 25.13 4.12
N GLY A 126 -15.16 26.18 4.37
CA GLY A 126 -14.89 27.07 5.48
C GLY A 126 -16.15 27.70 6.06
N GLY A 1 14.81 10.76 9.25
CA GLY A 1 15.46 9.55 9.70
C GLY A 1 14.82 8.97 10.95
N SER A 2 15.44 7.94 11.51
CA SER A 2 14.92 7.29 12.71
C SER A 2 16.05 6.76 13.58
N SER A 3 15.76 6.54 14.86
CA SER A 3 16.76 6.04 15.79
C SER A 3 16.45 4.61 16.20
N GLY A 4 15.28 4.42 16.82
CA GLY A 4 14.88 3.09 17.25
C GLY A 4 13.51 2.70 16.74
N SER A 5 13.32 2.82 15.43
CA SER A 5 12.05 2.48 14.81
C SER A 5 12.08 1.07 14.23
N SER A 6 11.66 0.10 15.03
CA SER A 6 11.65 -1.30 14.60
C SER A 6 10.51 -1.55 13.62
N GLY A 7 10.87 -1.85 12.37
CA GLY A 7 9.88 -2.11 11.35
C GLY A 7 9.97 -1.14 10.18
N ASN A 8 10.26 -1.67 9.00
CA ASN A 8 10.39 -0.85 7.80
C ASN A 8 9.01 -0.42 7.30
N VAL A 9 8.04 -1.30 7.43
CA VAL A 9 6.68 -1.02 6.99
C VAL A 9 6.05 0.09 7.82
N ARG A 10 5.36 1.01 7.14
CA ARG A 10 4.71 2.12 7.82
C ARG A 10 3.23 1.84 8.05
N VAL A 11 2.67 2.42 9.12
CA VAL A 11 1.27 2.23 9.44
C VAL A 11 0.45 3.45 9.08
N ILE A 12 -0.18 3.41 7.92
CA ILE A 12 -1.01 4.53 7.46
C ILE A 12 -2.34 4.57 8.20
N THR A 13 -2.63 5.72 8.82
CA THR A 13 -3.87 5.88 9.56
C THR A 13 -4.91 6.62 8.73
N ASP A 14 -6.05 6.92 9.35
CA ASP A 14 -7.13 7.62 8.66
C ASP A 14 -6.71 9.06 8.32
N GLU A 15 -5.52 9.44 8.75
CA GLU A 15 -5.01 10.78 8.50
C GLU A 15 -3.68 10.72 7.75
N ASN A 16 -2.96 9.62 7.92
CA ASN A 16 -1.67 9.45 7.25
C ASN A 16 -1.86 9.19 5.77
N TRP A 17 -2.99 8.60 5.42
CA TRP A 17 -3.30 8.30 4.02
C TRP A 17 -2.87 9.44 3.10
N ARG A 18 -3.18 10.66 3.51
CA ARG A 18 -2.83 11.83 2.73
C ARG A 18 -1.40 11.72 2.19
N GLU A 19 -0.45 11.50 3.09
CA GLU A 19 0.95 11.37 2.70
C GLU A 19 1.09 10.53 1.43
N LEU A 20 0.21 9.55 1.29
CA LEU A 20 0.23 8.67 0.12
C LEU A 20 0.19 9.48 -1.18
N LEU A 21 -0.65 10.52 -1.20
CA LEU A 21 -0.78 11.37 -2.37
C LEU A 21 0.57 11.95 -2.77
N GLU A 22 1.53 11.92 -1.85
CA GLU A 22 2.86 12.44 -2.12
C GLU A 22 3.88 11.30 -2.23
N GLY A 23 4.82 11.46 -3.15
CA GLY A 23 5.83 10.43 -3.34
C GLY A 23 5.24 9.05 -3.52
N ASP A 24 6.10 8.06 -3.78
CA ASP A 24 5.64 6.69 -3.97
C ASP A 24 5.26 6.07 -2.63
N TRP A 25 4.20 5.26 -2.65
CA TRP A 25 3.73 4.60 -1.44
C TRP A 25 3.05 3.27 -1.78
N MET A 26 3.56 2.18 -1.19
CA MET A 26 3.02 0.86 -1.42
C MET A 26 2.13 0.41 -0.26
N ILE A 27 0.83 0.36 -0.50
CA ILE A 27 -0.12 -0.05 0.53
C ILE A 27 -0.61 -1.47 0.29
N GLU A 28 -1.02 -2.14 1.37
CA GLU A 28 -1.51 -3.50 1.28
C GLU A 28 -2.62 -3.75 2.30
N PHE A 29 -3.85 -3.82 1.81
CA PHE A 29 -5.01 -4.04 2.68
C PHE A 29 -5.13 -5.52 3.05
N TYR A 30 -4.83 -5.83 4.31
CA TYR A 30 -4.89 -7.21 4.80
C TYR A 30 -5.93 -7.34 5.89
N ALA A 31 -6.19 -8.58 6.31
CA ALA A 31 -7.16 -8.85 7.36
C ALA A 31 -6.71 -10.02 8.24
N PRO A 32 -6.93 -9.89 9.55
CA PRO A 32 -6.56 -10.92 10.53
C PRO A 32 -7.42 -12.17 10.40
N TRP A 33 -8.59 -12.02 9.79
CA TRP A 33 -9.51 -13.14 9.60
C TRP A 33 -9.47 -13.64 8.16
N CYS A 34 -8.47 -13.21 7.41
CA CYS A 34 -8.34 -13.60 6.01
C CYS A 34 -7.19 -14.60 5.85
N PRO A 35 -7.49 -15.73 5.20
CA PRO A 35 -6.49 -16.79 4.96
C PRO A 35 -5.44 -16.37 3.94
N ALA A 36 -5.83 -15.49 3.03
CA ALA A 36 -4.92 -15.00 2.00
C ALA A 36 -3.92 -14.00 2.56
N CYS A 37 -4.29 -13.37 3.68
CA CYS A 37 -3.43 -12.38 4.32
C CYS A 37 -2.28 -13.07 5.06
N GLN A 38 -2.63 -14.00 5.95
CA GLN A 38 -1.63 -14.73 6.72
C GLN A 38 -0.51 -15.23 5.82
N ASN A 39 -0.80 -15.35 4.52
CA ASN A 39 0.19 -15.82 3.55
C ASN A 39 1.06 -14.67 3.05
N LEU A 40 0.43 -13.52 2.84
CA LEU A 40 1.15 -12.34 2.36
C LEU A 40 1.94 -11.68 3.48
N GLN A 41 1.45 -11.84 4.72
CA GLN A 41 2.13 -11.27 5.87
C GLN A 41 3.63 -11.31 5.71
N PRO A 42 4.18 -12.53 5.50
CA PRO A 42 5.61 -12.73 5.33
C PRO A 42 6.13 -12.18 4.00
N GLU A 43 5.38 -12.44 2.93
CA GLU A 43 5.76 -11.96 1.61
C GLU A 43 5.99 -10.45 1.61
N TRP A 44 5.20 -9.74 2.42
CA TRP A 44 5.33 -8.30 2.52
C TRP A 44 6.62 -7.90 3.22
N GLU A 45 6.80 -8.40 4.44
CA GLU A 45 8.01 -8.11 5.21
C GLU A 45 9.26 -8.28 4.36
N SER A 46 9.31 -9.38 3.60
CA SER A 46 10.46 -9.66 2.75
C SER A 46 10.57 -8.63 1.63
N PHE A 47 9.45 -7.99 1.30
CA PHE A 47 9.43 -6.99 0.25
C PHE A 47 9.91 -5.64 0.77
N ALA A 48 9.26 -5.15 1.81
CA ALA A 48 9.63 -3.87 2.41
C ALA A 48 11.13 -3.80 2.69
N GLU A 49 11.77 -4.97 2.71
CA GLU A 49 13.21 -5.04 2.96
C GLU A 49 13.98 -4.23 1.93
N TRP A 50 13.81 -4.59 0.66
CA TRP A 50 14.50 -3.89 -0.43
C TRP A 50 13.66 -2.73 -0.95
N GLY A 51 12.40 -2.70 -0.55
CA GLY A 51 11.51 -1.63 -0.99
C GLY A 51 12.18 -0.27 -0.94
N GLU A 52 12.36 0.25 0.27
CA GLU A 52 12.99 1.55 0.45
C GLU A 52 14.28 1.65 -0.36
N ASP A 53 14.94 0.52 -0.55
CA ASP A 53 16.19 0.47 -1.31
C ASP A 53 15.97 0.98 -2.73
N LEU A 54 14.85 0.61 -3.32
CA LEU A 54 14.52 1.04 -4.68
C LEU A 54 13.82 2.39 -4.68
N GLU A 55 13.99 3.14 -3.60
CA GLU A 55 13.38 4.46 -3.48
C GLU A 55 11.85 4.34 -3.48
N VAL A 56 11.32 3.54 -2.57
CA VAL A 56 9.89 3.34 -2.45
C VAL A 56 9.48 3.02 -1.02
N ASN A 57 8.39 3.64 -0.57
CA ASN A 57 7.90 3.42 0.79
C ASN A 57 6.85 2.32 0.82
N ILE A 58 6.82 1.57 1.92
CA ILE A 58 5.87 0.47 2.07
C ILE A 58 5.12 0.58 3.39
N ALA A 59 3.79 0.60 3.31
CA ALA A 59 2.95 0.71 4.50
C ALA A 59 1.89 -0.40 4.51
N LYS A 60 1.17 -0.49 5.63
CA LYS A 60 0.13 -1.50 5.77
C LYS A 60 -1.12 -0.91 6.42
N VAL A 61 -2.28 -1.36 5.97
CA VAL A 61 -3.55 -0.88 6.52
C VAL A 61 -4.35 -2.01 7.16
N ASP A 62 -4.90 -1.74 8.33
CA ASP A 62 -5.69 -2.74 9.05
C ASP A 62 -7.18 -2.50 8.83
N VAL A 63 -7.85 -3.47 8.22
CA VAL A 63 -9.28 -3.38 7.96
C VAL A 63 -10.10 -3.79 9.18
N THR A 64 -9.51 -3.62 10.36
CA THR A 64 -10.18 -3.97 11.61
C THR A 64 -10.06 -2.87 12.64
N GLU A 65 -8.93 -2.16 12.62
CA GLU A 65 -8.68 -1.07 13.55
C GLU A 65 -8.95 0.28 12.89
N GLN A 66 -8.88 0.30 11.56
CA GLN A 66 -9.10 1.53 10.80
C GLN A 66 -10.42 1.46 10.03
N PRO A 67 -11.51 1.88 10.69
CA PRO A 67 -12.84 1.88 10.09
C PRO A 67 -12.98 2.93 8.98
N GLY A 68 -12.28 4.04 9.14
CA GLY A 68 -12.34 5.10 8.15
C GLY A 68 -11.62 4.73 6.86
N LEU A 69 -10.32 4.49 6.97
CA LEU A 69 -9.51 4.13 5.81
C LEU A 69 -10.24 3.13 4.92
N SER A 70 -10.74 2.06 5.53
CA SER A 70 -11.46 1.03 4.80
C SER A 70 -12.64 1.63 4.04
N GLY A 71 -13.33 2.57 4.67
CA GLY A 71 -14.46 3.21 4.03
C GLY A 71 -14.06 4.14 2.92
N ARG A 72 -13.16 5.07 3.22
CA ARG A 72 -12.67 6.03 2.23
C ARG A 72 -12.15 5.31 0.99
N PHE A 73 -11.21 4.40 1.19
CA PHE A 73 -10.62 3.65 0.09
C PHE A 73 -11.68 2.81 -0.62
N ILE A 74 -11.67 2.86 -1.95
CA ILE A 74 -12.62 2.09 -2.74
C ILE A 74 -12.27 0.61 -2.77
N ILE A 75 -12.03 0.05 -1.58
CA ILE A 75 -11.67 -1.37 -1.47
C ILE A 75 -12.87 -2.26 -1.78
N ASN A 76 -12.60 -3.42 -2.35
CA ASN A 76 -13.66 -4.37 -2.70
C ASN A 76 -13.40 -5.72 -2.05
N ALA A 77 -12.16 -6.20 -2.14
CA ALA A 77 -11.80 -7.49 -1.55
C ALA A 77 -10.40 -7.43 -0.94
N LEU A 78 -9.98 -8.54 -0.34
CA LEU A 78 -8.66 -8.61 0.28
C LEU A 78 -8.06 -10.00 0.09
N PRO A 79 -6.71 -10.06 0.05
CA PRO A 79 -5.87 -8.86 0.18
C PRO A 79 -5.96 -7.95 -1.04
N THR A 80 -5.40 -6.75 -0.93
CA THR A 80 -5.42 -5.79 -2.02
C THR A 80 -4.34 -4.73 -1.85
N ILE A 81 -3.36 -4.75 -2.74
CA ILE A 81 -2.26 -3.79 -2.69
C ILE A 81 -2.51 -2.61 -3.63
N TYR A 82 -2.23 -1.41 -3.14
CA TYR A 82 -2.42 -0.20 -3.94
C TYR A 82 -1.14 0.62 -4.00
N HIS A 83 -0.78 1.08 -5.19
CA HIS A 83 0.42 1.87 -5.38
C HIS A 83 0.07 3.35 -5.56
N CYS A 84 0.47 4.17 -4.59
CA CYS A 84 0.20 5.60 -4.63
C CYS A 84 1.44 6.38 -5.03
N LYS A 85 1.45 6.91 -6.25
CA LYS A 85 2.58 7.67 -6.76
C LYS A 85 2.13 9.05 -7.25
N ASP A 86 2.55 10.09 -6.56
CA ASP A 86 2.20 11.45 -6.93
C ASP A 86 0.68 11.62 -6.98
N GLY A 87 -0.02 10.93 -6.09
CA GLY A 87 -1.46 11.01 -6.05
C GLY A 87 -2.13 10.14 -7.09
N GLU A 88 -1.44 9.07 -7.49
CA GLU A 88 -1.97 8.15 -8.49
C GLU A 88 -2.02 6.73 -7.94
N PHE A 89 -3.24 6.24 -7.71
CA PHE A 89 -3.43 4.89 -7.19
C PHE A 89 -3.55 3.88 -8.32
N ARG A 90 -2.73 2.83 -8.26
CA ARG A 90 -2.74 1.79 -9.29
C ARG A 90 -2.75 0.40 -8.65
N ARG A 91 -3.91 -0.25 -8.64
CA ARG A 91 -4.04 -1.58 -8.07
C ARG A 91 -2.92 -2.49 -8.55
N TYR A 92 -2.24 -3.14 -7.60
CA TYR A 92 -1.15 -4.05 -7.94
C TYR A 92 -1.56 -5.02 -9.04
N GLN A 93 -2.57 -5.84 -8.75
CA GLN A 93 -3.06 -6.82 -9.71
C GLN A 93 -1.95 -7.79 -10.11
N GLY A 94 -1.17 -8.22 -9.14
CA GLY A 94 -0.08 -9.14 -9.41
C GLY A 94 -0.13 -10.37 -8.52
N PRO A 95 0.84 -11.28 -8.70
CA PRO A 95 0.93 -12.52 -7.92
C PRO A 95 1.29 -12.26 -6.46
N ARG A 96 1.55 -11.00 -6.13
CA ARG A 96 1.91 -10.62 -4.77
C ARG A 96 3.12 -11.41 -4.30
N THR A 97 4.11 -11.57 -5.18
CA THR A 97 5.33 -12.31 -4.85
C THR A 97 6.53 -11.38 -4.74
N LYS A 98 7.34 -11.60 -3.71
CA LYS A 98 8.52 -10.77 -3.49
C LYS A 98 9.16 -10.37 -4.81
N LYS A 99 9.66 -11.35 -5.56
CA LYS A 99 10.29 -11.10 -6.85
C LYS A 99 9.45 -10.13 -7.67
N ASP A 100 8.25 -10.56 -8.03
CA ASP A 100 7.35 -9.72 -8.83
C ASP A 100 7.43 -8.26 -8.38
N PHE A 101 7.09 -8.01 -7.12
CA PHE A 101 7.11 -6.67 -6.57
C PHE A 101 8.29 -5.88 -7.13
N ILE A 102 9.49 -6.33 -6.83
CA ILE A 102 10.71 -5.67 -7.31
C ILE A 102 10.49 -5.04 -8.69
N ASN A 103 10.34 -5.90 -9.70
CA ASN A 103 10.13 -5.44 -11.06
C ASN A 103 9.05 -4.36 -11.10
N PHE A 104 7.89 -4.66 -10.54
CA PHE A 104 6.78 -3.72 -10.50
C PHE A 104 7.25 -2.33 -10.11
N ILE A 105 8.29 -2.28 -9.28
CA ILE A 105 8.84 -1.01 -8.82
C ILE A 105 9.97 -0.54 -9.74
N SER A 106 11.03 -1.34 -9.83
CA SER A 106 12.17 -1.01 -10.66
C SER A 106 11.75 -0.87 -12.13
N ASP A 107 11.09 -1.90 -12.65
CA ASP A 107 10.63 -1.88 -14.04
C ASP A 107 9.40 -0.99 -14.20
N LYS A 108 9.04 -0.30 -13.12
CA LYS A 108 7.89 0.59 -13.14
C LYS A 108 6.76 0.01 -13.99
N GLU A 109 6.38 -1.23 -13.70
CA GLU A 109 5.32 -1.89 -14.44
C GLU A 109 3.98 -1.20 -14.20
N TRP A 110 3.88 -0.48 -13.10
CA TRP A 110 2.65 0.24 -12.76
C TRP A 110 2.14 1.04 -13.95
N LYS A 111 3.07 1.51 -14.78
CA LYS A 111 2.71 2.30 -15.95
C LYS A 111 1.67 1.57 -16.80
N SER A 112 1.89 0.28 -17.04
CA SER A 112 0.97 -0.51 -17.83
C SER A 112 -0.44 -0.48 -17.23
N ILE A 113 -0.50 -0.38 -15.91
CA ILE A 113 -1.79 -0.34 -15.21
C ILE A 113 -2.35 1.08 -15.17
N GLU A 114 -3.63 1.22 -15.50
CA GLU A 114 -4.28 2.52 -15.50
C GLU A 114 -4.65 2.95 -14.09
N PRO A 115 -4.32 4.20 -13.74
CA PRO A 115 -4.61 4.76 -12.41
C PRO A 115 -6.10 4.98 -12.19
N VAL A 116 -6.49 5.14 -10.93
CA VAL A 116 -7.89 5.36 -10.58
C VAL A 116 -8.17 6.85 -10.37
N SER A 117 -9.38 7.28 -10.71
CA SER A 117 -9.78 8.66 -10.55
C SER A 117 -10.68 8.84 -9.34
N SER A 118 -11.74 8.03 -9.27
CA SER A 118 -12.68 8.10 -8.17
C SER A 118 -11.98 7.87 -6.82
N TRP A 119 -11.81 8.95 -6.08
CA TRP A 119 -11.14 8.86 -4.77
C TRP A 119 -12.06 9.38 -3.67
N PHE A 120 -13.10 8.62 -3.36
CA PHE A 120 -14.05 9.00 -2.33
C PHE A 120 -13.36 9.06 -0.96
N SER A 121 -12.80 10.22 -0.63
CA SER A 121 -12.11 10.41 0.64
C SER A 121 -11.95 11.89 0.95
N GLY A 122 -12.09 12.23 2.22
CA GLY A 122 -11.96 13.62 2.64
C GLY A 122 -13.14 14.09 3.48
N PRO A 123 -13.05 15.34 3.96
CA PRO A 123 -14.11 15.93 4.79
C PRO A 123 -15.38 16.22 4.00
N SER A 124 -16.33 15.29 4.07
CA SER A 124 -17.60 15.44 3.35
C SER A 124 -18.49 16.47 4.04
N SER A 125 -18.80 16.22 5.30
CA SER A 125 -19.64 17.12 6.08
C SER A 125 -19.16 18.56 5.95
N GLY A 126 -20.08 19.50 6.16
CA GLY A 126 -19.73 20.90 6.06
C GLY A 126 -19.88 21.45 4.66
N GLY A 1 18.45 12.07 3.94
CA GLY A 1 17.32 12.18 4.85
C GLY A 1 16.80 10.83 5.28
N SER A 2 17.00 10.48 6.55
CA SER A 2 16.55 9.21 7.08
C SER A 2 15.82 9.39 8.41
N SER A 3 14.69 8.72 8.55
CA SER A 3 13.91 8.82 9.78
C SER A 3 13.47 7.43 10.25
N GLY A 4 12.93 6.64 9.33
CA GLY A 4 12.47 5.31 9.67
C GLY A 4 13.63 4.34 9.87
N SER A 5 14.29 4.45 11.01
CA SER A 5 15.42 3.58 11.32
C SER A 5 14.99 2.12 11.34
N SER A 6 14.04 1.80 12.21
CA SER A 6 13.55 0.44 12.33
C SER A 6 12.13 0.32 11.76
N GLY A 7 11.75 -0.90 11.40
CA GLY A 7 10.43 -1.12 10.84
C GLY A 7 10.28 -0.53 9.45
N ASN A 8 10.71 -1.28 8.44
CA ASN A 8 10.61 -0.82 7.06
C ASN A 8 9.16 -0.50 6.69
N VAL A 9 8.24 -1.34 7.16
CA VAL A 9 6.83 -1.14 6.87
C VAL A 9 6.27 0.05 7.65
N ARG A 10 5.42 0.83 6.99
CA ARG A 10 4.81 1.99 7.62
C ARG A 10 3.35 1.74 7.97
N VAL A 11 2.86 2.41 9.00
CA VAL A 11 1.48 2.25 9.45
C VAL A 11 0.64 3.44 9.03
N ILE A 12 -0.13 3.27 7.96
CA ILE A 12 -1.00 4.34 7.47
C ILE A 12 -2.31 4.38 8.24
N THR A 13 -2.66 5.57 8.73
CA THR A 13 -3.89 5.74 9.49
C THR A 13 -4.86 6.65 8.75
N ASP A 14 -6.00 6.94 9.38
CA ASP A 14 -7.01 7.81 8.78
C ASP A 14 -6.50 9.24 8.66
N GLU A 15 -5.30 9.48 9.17
CA GLU A 15 -4.71 10.81 9.12
C GLU A 15 -3.42 10.80 8.31
N ASN A 16 -2.73 9.66 8.32
CA ASN A 16 -1.47 9.52 7.58
C ASN A 16 -1.73 9.42 6.08
N TRP A 17 -2.91 8.91 5.73
CA TRP A 17 -3.28 8.75 4.32
C TRP A 17 -2.77 9.92 3.50
N ARG A 18 -2.92 11.13 4.02
CA ARG A 18 -2.47 12.33 3.32
C ARG A 18 -1.07 12.13 2.74
N GLU A 19 -0.18 11.57 3.56
CA GLU A 19 1.20 11.33 3.13
C GLU A 19 1.23 10.57 1.81
N LEU A 20 0.24 9.70 1.62
CA LEU A 20 0.16 8.90 0.40
C LEU A 20 0.19 9.80 -0.84
N LEU A 21 -0.10 11.07 -0.66
CA LEU A 21 -0.09 12.02 -1.76
C LEU A 21 1.31 12.56 -2.01
N GLU A 22 2.30 11.89 -1.41
CA GLU A 22 3.70 12.30 -1.58
C GLU A 22 4.56 11.10 -2.00
N GLY A 23 5.33 11.29 -3.07
CA GLY A 23 6.18 10.23 -3.56
C GLY A 23 5.44 8.91 -3.71
N ASP A 24 6.19 7.85 -4.00
CA ASP A 24 5.60 6.53 -4.17
C ASP A 24 5.23 5.92 -2.82
N TRP A 25 4.17 5.12 -2.81
CA TRP A 25 3.72 4.48 -1.58
C TRP A 25 3.03 3.14 -1.89
N MET A 26 3.54 2.07 -1.28
CA MET A 26 2.97 0.74 -1.48
C MET A 26 2.12 0.32 -0.29
N ILE A 27 0.81 0.24 -0.49
CA ILE A 27 -0.10 -0.15 0.57
C ILE A 27 -0.60 -1.58 0.36
N GLU A 28 -1.01 -2.22 1.46
CA GLU A 28 -1.51 -3.59 1.40
C GLU A 28 -2.61 -3.81 2.42
N PHE A 29 -3.82 -4.09 1.94
CA PHE A 29 -4.96 -4.32 2.81
C PHE A 29 -4.99 -5.77 3.29
N TYR A 30 -4.81 -5.96 4.60
CA TYR A 30 -4.83 -7.29 5.19
C TYR A 30 -5.88 -7.41 6.27
N ALA A 31 -6.12 -8.63 6.74
CA ALA A 31 -7.11 -8.87 7.78
C ALA A 31 -6.66 -10.01 8.70
N PRO A 32 -6.87 -9.82 10.01
CA PRO A 32 -6.50 -10.83 11.02
C PRO A 32 -7.38 -12.07 10.95
N TRP A 33 -8.61 -11.89 10.48
CA TRP A 33 -9.55 -13.00 10.35
C TRP A 33 -9.52 -13.58 8.96
N CYS A 34 -8.45 -13.34 8.22
CA CYS A 34 -8.30 -13.84 6.87
C CYS A 34 -7.02 -14.66 6.72
N PRO A 35 -7.17 -15.92 6.27
CA PRO A 35 -6.03 -16.82 6.08
C PRO A 35 -5.14 -16.41 4.91
N ALA A 36 -5.77 -15.99 3.82
CA ALA A 36 -5.04 -15.55 2.64
C ALA A 36 -4.06 -14.43 2.97
N CYS A 37 -4.52 -13.48 3.78
CA CYS A 37 -3.69 -12.34 4.18
C CYS A 37 -2.51 -12.81 5.02
N GLN A 38 -2.73 -13.82 5.84
CA GLN A 38 -1.68 -14.36 6.70
C GLN A 38 -0.49 -14.83 5.87
N ASN A 39 -0.77 -15.34 4.68
CA ASN A 39 0.29 -15.83 3.79
C ASN A 39 1.11 -14.67 3.23
N LEU A 40 0.44 -13.53 3.03
CA LEU A 40 1.11 -12.35 2.50
C LEU A 40 1.89 -11.62 3.60
N GLN A 41 1.41 -11.75 4.83
CA GLN A 41 2.06 -11.11 5.97
C GLN A 41 3.58 -11.15 5.83
N PRO A 42 4.13 -12.37 5.67
CA PRO A 42 5.57 -12.57 5.52
C PRO A 42 6.09 -12.06 4.18
N GLU A 43 5.37 -12.39 3.11
CA GLU A 43 5.77 -11.96 1.77
C GLU A 43 5.99 -10.46 1.72
N TRP A 44 5.18 -9.71 2.47
CA TRP A 44 5.28 -8.27 2.50
C TRP A 44 6.59 -7.84 3.19
N GLU A 45 6.83 -8.36 4.38
CA GLU A 45 8.03 -8.03 5.13
C GLU A 45 9.27 -8.18 4.25
N SER A 46 9.38 -9.34 3.59
CA SER A 46 10.52 -9.61 2.73
C SER A 46 10.66 -8.54 1.64
N PHE A 47 9.52 -8.01 1.20
CA PHE A 47 9.50 -6.99 0.16
C PHE A 47 10.05 -5.67 0.70
N ALA A 48 9.42 -5.16 1.75
CA ALA A 48 9.85 -3.91 2.36
C ALA A 48 11.36 -3.87 2.53
N GLU A 49 11.97 -5.04 2.69
CA GLU A 49 13.41 -5.14 2.87
C GLU A 49 14.15 -4.30 1.83
N TRP A 50 13.92 -4.62 0.56
CA TRP A 50 14.56 -3.90 -0.53
C TRP A 50 13.70 -2.73 -1.00
N GLY A 51 12.49 -2.64 -0.46
CA GLY A 51 11.59 -1.57 -0.83
C GLY A 51 12.27 -0.22 -0.82
N GLU A 52 12.60 0.28 0.35
CA GLU A 52 13.27 1.57 0.48
C GLU A 52 14.52 1.63 -0.37
N ASP A 53 15.17 0.48 -0.55
CA ASP A 53 16.38 0.39 -1.35
C ASP A 53 16.11 0.80 -2.79
N LEU A 54 14.91 0.49 -3.27
CA LEU A 54 14.54 0.83 -4.63
C LEU A 54 13.85 2.19 -4.69
N GLU A 55 14.00 2.97 -3.63
CA GLU A 55 13.40 4.30 -3.56
C GLU A 55 11.88 4.19 -3.57
N VAL A 56 11.34 3.43 -2.62
CA VAL A 56 9.90 3.25 -2.52
C VAL A 56 9.48 3.00 -1.07
N ASN A 57 8.35 3.58 -0.67
CA ASN A 57 7.84 3.41 0.68
C ASN A 57 6.80 2.30 0.75
N ILE A 58 6.76 1.61 1.88
CA ILE A 58 5.80 0.52 2.07
C ILE A 58 5.01 0.69 3.35
N ALA A 59 3.73 0.37 3.29
CA ALA A 59 2.85 0.48 4.45
C ALA A 59 1.76 -0.58 4.44
N LYS A 60 1.08 -0.75 5.57
CA LYS A 60 0.01 -1.73 5.69
C LYS A 60 -1.22 -1.12 6.36
N VAL A 61 -2.39 -1.42 5.82
CA VAL A 61 -3.64 -0.91 6.37
C VAL A 61 -4.43 -2.02 7.05
N ASP A 62 -4.94 -1.72 8.24
CA ASP A 62 -5.73 -2.69 9.01
C ASP A 62 -7.21 -2.46 8.80
N VAL A 63 -7.90 -3.45 8.23
CA VAL A 63 -9.33 -3.36 7.98
C VAL A 63 -10.12 -3.72 9.24
N THR A 64 -9.53 -3.49 10.39
CA THR A 64 -10.19 -3.79 11.67
C THR A 64 -10.09 -2.61 12.63
N GLU A 65 -8.99 -1.86 12.54
CA GLU A 65 -8.78 -0.71 13.40
C GLU A 65 -9.06 0.59 12.65
N GLN A 66 -8.86 0.57 11.34
CA GLN A 66 -9.10 1.75 10.52
C GLN A 66 -10.37 1.59 9.70
N PRO A 67 -11.52 1.99 10.28
CA PRO A 67 -12.81 1.90 9.62
C PRO A 67 -12.95 2.88 8.46
N GLY A 68 -12.23 4.00 8.54
CA GLY A 68 -12.27 5.00 7.50
C GLY A 68 -11.64 4.52 6.21
N LEU A 69 -10.33 4.30 6.23
CA LEU A 69 -9.61 3.84 5.06
C LEU A 69 -10.37 2.74 4.35
N SER A 70 -10.78 1.72 5.10
CA SER A 70 -11.52 0.59 4.55
C SER A 70 -12.71 1.09 3.73
N GLY A 71 -13.36 2.14 4.22
CA GLY A 71 -14.51 2.69 3.53
C GLY A 71 -14.12 3.46 2.28
N ARG A 72 -13.26 4.46 2.44
CA ARG A 72 -12.80 5.27 1.32
C ARG A 72 -12.13 4.41 0.25
N PHE A 73 -11.02 3.80 0.62
CA PHE A 73 -10.28 2.94 -0.31
C PHE A 73 -11.06 1.67 -0.61
N ILE A 74 -12.07 1.78 -1.46
CA ILE A 74 -12.90 0.64 -1.83
C ILE A 74 -12.08 -0.64 -1.81
N ILE A 75 -12.53 -1.62 -1.03
CA ILE A 75 -11.84 -2.90 -0.93
C ILE A 75 -12.75 -4.05 -1.36
N ASN A 76 -13.68 -4.41 -0.48
CA ASN A 76 -14.62 -5.49 -0.77
C ASN A 76 -13.90 -6.68 -1.42
N ALA A 77 -12.61 -6.81 -1.13
CA ALA A 77 -11.81 -7.90 -1.68
C ALA A 77 -10.41 -7.90 -1.10
N LEU A 78 -9.97 -9.06 -0.63
CA LEU A 78 -8.63 -9.19 -0.04
C LEU A 78 -8.02 -10.54 -0.38
N PRO A 79 -6.68 -10.58 -0.45
CA PRO A 79 -5.84 -9.41 -0.21
C PRO A 79 -5.95 -8.37 -1.33
N THR A 80 -5.39 -7.20 -1.09
CA THR A 80 -5.43 -6.12 -2.08
C THR A 80 -4.30 -5.12 -1.87
N ILE A 81 -3.60 -4.79 -2.94
CA ILE A 81 -2.49 -3.85 -2.87
C ILE A 81 -2.76 -2.63 -3.73
N TYR A 82 -2.33 -1.46 -3.24
CA TYR A 82 -2.52 -0.21 -3.97
C TYR A 82 -1.21 0.56 -4.09
N HIS A 83 -0.87 0.96 -5.31
CA HIS A 83 0.36 1.71 -5.55
C HIS A 83 0.07 3.19 -5.73
N CYS A 84 0.40 3.98 -4.71
CA CYS A 84 0.18 5.42 -4.75
C CYS A 84 1.47 6.16 -5.09
N LYS A 85 1.43 6.90 -6.19
CA LYS A 85 2.59 7.67 -6.63
C LYS A 85 2.23 9.13 -6.88
N ASP A 86 2.88 10.03 -6.17
CA ASP A 86 2.63 11.46 -6.32
C ASP A 86 1.13 11.74 -6.33
N GLY A 87 0.38 10.97 -5.55
CA GLY A 87 -1.05 11.16 -5.48
C GLY A 87 -1.81 10.11 -6.28
N GLU A 88 -1.35 9.87 -7.50
CA GLU A 88 -2.00 8.88 -8.37
C GLU A 88 -2.19 7.55 -7.64
N PHE A 89 -3.21 6.80 -8.06
CA PHE A 89 -3.50 5.51 -7.44
C PHE A 89 -3.61 4.42 -8.50
N ARG A 90 -2.76 3.41 -8.39
CA ARG A 90 -2.77 2.30 -9.35
C ARG A 90 -2.77 0.96 -8.61
N ARG A 91 -3.87 0.22 -8.76
CA ARG A 91 -4.01 -1.08 -8.12
C ARG A 91 -2.90 -2.02 -8.56
N TYR A 92 -2.22 -2.63 -7.58
CA TYR A 92 -1.14 -3.56 -7.87
C TYR A 92 -1.52 -4.54 -8.98
N GLN A 93 -2.55 -5.35 -8.71
CA GLN A 93 -3.02 -6.32 -9.68
C GLN A 93 -1.92 -7.32 -10.02
N GLY A 94 -1.29 -7.88 -8.99
CA GLY A 94 -0.22 -8.84 -9.21
C GLY A 94 -0.34 -10.05 -8.31
N PRO A 95 0.59 -11.00 -8.45
CA PRO A 95 0.61 -12.23 -7.65
C PRO A 95 0.97 -11.96 -6.19
N ARG A 96 1.58 -10.81 -5.93
CA ARG A 96 1.99 -10.43 -4.58
C ARG A 96 3.16 -11.29 -4.12
N THR A 97 4.19 -11.39 -4.95
CA THR A 97 5.36 -12.18 -4.62
C THR A 97 6.61 -11.30 -4.57
N LYS A 98 7.46 -11.54 -3.58
CA LYS A 98 8.69 -10.77 -3.42
C LYS A 98 9.26 -10.36 -4.77
N LYS A 99 9.59 -11.35 -5.59
CA LYS A 99 10.14 -11.10 -6.91
C LYS A 99 9.27 -10.10 -7.68
N ASP A 100 8.07 -10.53 -8.03
CA ASP A 100 7.14 -9.67 -8.77
C ASP A 100 7.25 -8.22 -8.30
N PHE A 101 7.01 -8.01 -7.01
CA PHE A 101 7.07 -6.67 -6.43
C PHE A 101 8.20 -5.85 -7.07
N ILE A 102 9.43 -6.30 -6.87
CA ILE A 102 10.59 -5.62 -7.41
C ILE A 102 10.29 -5.06 -8.81
N ASN A 103 10.09 -5.97 -9.77
CA ASN A 103 9.80 -5.56 -11.14
C ASN A 103 8.75 -4.45 -11.17
N PHE A 104 7.63 -4.69 -10.50
CA PHE A 104 6.55 -3.71 -10.45
C PHE A 104 7.09 -2.32 -10.12
N ILE A 105 8.17 -2.29 -9.34
CA ILE A 105 8.78 -1.02 -8.96
C ILE A 105 9.85 -0.60 -9.96
N SER A 106 10.89 -1.40 -10.09
CA SER A 106 11.99 -1.11 -11.01
C SER A 106 11.46 -0.93 -12.43
N ASP A 107 10.72 -1.93 -12.91
CA ASP A 107 10.15 -1.88 -14.26
C ASP A 107 8.93 -0.99 -14.29
N LYS A 108 8.69 -0.27 -13.20
CA LYS A 108 7.54 0.63 -13.11
C LYS A 108 6.33 0.05 -13.85
N GLU A 109 6.09 -1.24 -13.64
CA GLU A 109 4.96 -1.90 -14.29
C GLU A 109 3.67 -1.13 -14.06
N TRP A 110 3.60 -0.42 -12.95
CA TRP A 110 2.41 0.36 -12.60
C TRP A 110 1.98 1.23 -13.78
N LYS A 111 2.94 1.62 -14.61
CA LYS A 111 2.66 2.46 -15.76
C LYS A 111 1.70 1.76 -16.72
N SER A 112 1.95 0.48 -16.96
CA SER A 112 1.10 -0.31 -17.86
C SER A 112 -0.33 -0.40 -17.32
N ILE A 113 -0.46 -0.33 -16.00
CA ILE A 113 -1.76 -0.41 -15.36
C ILE A 113 -2.43 0.96 -15.29
N GLU A 114 -3.73 0.99 -15.53
CA GLU A 114 -4.49 2.24 -15.50
C GLU A 114 -4.89 2.60 -14.08
N PRO A 115 -4.89 3.91 -13.77
CA PRO A 115 -5.25 4.40 -12.44
C PRO A 115 -6.74 4.24 -12.15
N VAL A 116 -7.09 4.24 -10.86
CA VAL A 116 -8.48 4.10 -10.45
C VAL A 116 -9.30 5.32 -10.84
N SER A 117 -10.62 5.19 -10.75
CA SER A 117 -11.52 6.29 -11.10
C SER A 117 -10.92 7.63 -10.70
N SER A 118 -10.74 7.83 -9.39
CA SER A 118 -10.17 9.06 -8.88
C SER A 118 -9.96 8.98 -7.36
N TRP A 119 -9.46 10.07 -6.79
CA TRP A 119 -9.20 10.10 -5.35
C TRP A 119 -10.24 10.97 -4.64
N PHE A 120 -11.12 10.32 -3.89
CA PHE A 120 -12.16 11.03 -3.16
C PHE A 120 -12.20 10.59 -1.70
N SER A 121 -11.32 11.17 -0.89
CA SER A 121 -11.25 10.83 0.53
C SER A 121 -12.46 11.38 1.28
N GLY A 122 -12.76 12.65 1.07
CA GLY A 122 -13.89 13.27 1.73
C GLY A 122 -13.49 14.48 2.55
N PRO A 123 -14.10 14.63 3.73
CA PRO A 123 -13.82 15.76 4.64
C PRO A 123 -12.43 15.67 5.26
N SER A 124 -11.95 16.79 5.77
CA SER A 124 -10.63 16.84 6.39
C SER A 124 -10.71 16.43 7.85
N SER A 125 -11.53 17.13 8.62
CA SER A 125 -11.68 16.84 10.05
C SER A 125 -12.06 15.38 10.26
N GLY A 126 -11.57 14.81 11.35
CA GLY A 126 -11.87 13.42 11.66
C GLY A 126 -11.77 13.12 13.15
N GLY A 1 15.28 15.20 11.07
CA GLY A 1 16.17 14.23 11.70
C GLY A 1 15.43 13.03 12.24
N SER A 2 15.03 12.12 11.34
CA SER A 2 14.29 10.92 11.72
C SER A 2 15.25 9.85 12.24
N SER A 3 15.14 9.54 13.52
CA SER A 3 16.00 8.53 14.15
C SER A 3 15.18 7.60 15.03
N GLY A 4 15.26 6.31 14.75
CA GLY A 4 14.52 5.33 15.53
C GLY A 4 13.72 4.37 14.67
N SER A 5 14.39 3.74 13.71
CA SER A 5 13.73 2.80 12.80
C SER A 5 12.72 1.94 13.55
N SER A 6 11.44 2.18 13.30
CA SER A 6 10.38 1.42 13.96
C SER A 6 9.72 0.45 12.98
N GLY A 7 10.54 -0.25 12.22
CA GLY A 7 10.01 -1.21 11.26
C GLY A 7 10.00 -0.66 9.84
N ASN A 8 10.43 -1.46 8.89
CA ASN A 8 10.47 -1.05 7.49
C ASN A 8 9.07 -0.69 6.99
N VAL A 9 8.07 -1.44 7.46
CA VAL A 9 6.69 -1.20 7.06
C VAL A 9 6.09 -0.01 7.83
N ARG A 10 5.34 0.82 7.13
CA ARG A 10 4.71 1.99 7.73
C ARG A 10 3.22 1.72 8.01
N VAL A 11 2.71 2.34 9.07
CA VAL A 11 1.31 2.17 9.44
C VAL A 11 0.50 3.41 9.09
N ILE A 12 -0.29 3.32 8.03
CA ILE A 12 -1.12 4.43 7.59
C ILE A 12 -2.46 4.45 8.32
N THR A 13 -2.86 5.63 8.78
CA THR A 13 -4.13 5.78 9.49
C THR A 13 -5.09 6.67 8.71
N ASP A 14 -6.23 6.97 9.33
CA ASP A 14 -7.24 7.82 8.70
C ASP A 14 -6.71 9.24 8.51
N GLU A 15 -5.51 9.49 8.99
CA GLU A 15 -4.89 10.80 8.88
C GLU A 15 -3.64 10.74 8.03
N ASN A 16 -2.80 9.73 8.26
CA ASN A 16 -1.57 9.56 7.51
C ASN A 16 -1.85 9.49 6.01
N TRP A 17 -3.07 9.11 5.66
CA TRP A 17 -3.46 9.01 4.25
C TRP A 17 -2.83 10.13 3.43
N ARG A 18 -3.03 11.37 3.88
CA ARG A 18 -2.49 12.52 3.18
C ARG A 18 -1.11 12.22 2.61
N GLU A 19 -0.25 11.62 3.44
CA GLU A 19 1.10 11.27 3.02
C GLU A 19 1.09 10.49 1.71
N LEU A 20 0.15 9.55 1.60
CA LEU A 20 0.02 8.73 0.40
C LEU A 20 -0.09 9.60 -0.85
N LEU A 21 -0.38 10.88 -0.65
CA LEU A 21 -0.51 11.83 -1.75
C LEU A 21 0.84 12.45 -2.09
N GLU A 22 1.92 11.78 -1.70
CA GLU A 22 3.27 12.26 -1.97
C GLU A 22 4.23 11.11 -2.20
N GLY A 23 5.01 11.20 -3.28
CA GLY A 23 5.96 10.15 -3.60
C GLY A 23 5.30 8.79 -3.73
N ASP A 24 6.10 7.78 -4.08
CA ASP A 24 5.59 6.42 -4.23
C ASP A 24 5.23 5.82 -2.88
N TRP A 25 4.15 5.03 -2.86
CA TRP A 25 3.70 4.40 -1.63
C TRP A 25 3.04 3.06 -1.92
N MET A 26 3.52 2.00 -1.28
CA MET A 26 2.97 0.67 -1.48
C MET A 26 2.10 0.26 -0.30
N ILE A 27 0.80 0.19 -0.53
CA ILE A 27 -0.15 -0.19 0.52
C ILE A 27 -0.74 -1.57 0.25
N GLU A 28 -1.09 -2.28 1.32
CA GLU A 28 -1.67 -3.61 1.19
C GLU A 28 -2.73 -3.85 2.27
N PHE A 29 -3.99 -3.83 1.86
CA PHE A 29 -5.10 -4.03 2.79
C PHE A 29 -5.17 -5.50 3.23
N TYR A 30 -4.89 -5.74 4.51
CA TYR A 30 -4.93 -7.08 5.07
C TYR A 30 -5.89 -7.17 6.24
N ALA A 31 -6.14 -8.39 6.70
CA ALA A 31 -7.04 -8.62 7.83
C ALA A 31 -6.54 -9.74 8.72
N PRO A 32 -6.64 -9.55 10.04
CA PRO A 32 -6.20 -10.53 11.03
C PRO A 32 -7.10 -11.77 11.05
N TRP A 33 -8.17 -11.72 10.28
CA TRP A 33 -9.12 -12.84 10.21
C TRP A 33 -9.20 -13.39 8.79
N CYS A 34 -8.18 -13.12 7.99
CA CYS A 34 -8.14 -13.58 6.61
C CYS A 34 -6.99 -14.57 6.40
N PRO A 35 -7.28 -15.69 5.74
CA PRO A 35 -6.29 -16.73 5.46
C PRO A 35 -5.25 -16.29 4.44
N ALA A 36 -5.72 -15.64 3.37
CA ALA A 36 -4.84 -15.15 2.32
C ALA A 36 -3.74 -14.25 2.90
N CYS A 37 -4.13 -13.39 3.82
CA CYS A 37 -3.18 -12.46 4.45
C CYS A 37 -2.11 -13.23 5.20
N GLN A 38 -2.49 -14.33 5.83
CA GLN A 38 -1.56 -15.15 6.60
C GLN A 38 -0.39 -15.60 5.72
N ASN A 39 -0.59 -15.53 4.40
CA ASN A 39 0.45 -15.93 3.46
C ASN A 39 1.25 -14.72 2.98
N LEU A 40 0.59 -13.57 2.92
CA LEU A 40 1.23 -12.34 2.49
C LEU A 40 2.07 -11.73 3.61
N GLN A 41 1.63 -11.94 4.84
CA GLN A 41 2.34 -11.41 6.01
C GLN A 41 3.85 -11.46 5.79
N PRO A 42 4.36 -12.67 5.52
CA PRO A 42 5.79 -12.88 5.30
C PRO A 42 6.27 -12.28 3.98
N GLU A 43 5.50 -12.51 2.92
CA GLU A 43 5.84 -11.98 1.60
C GLU A 43 6.10 -10.48 1.66
N TRP A 44 5.33 -9.79 2.49
CA TRP A 44 5.47 -8.35 2.63
C TRP A 44 6.78 -8.00 3.34
N GLU A 45 6.92 -8.47 4.57
CA GLU A 45 8.13 -8.21 5.36
C GLU A 45 9.37 -8.35 4.49
N SER A 46 9.43 -9.43 3.73
CA SER A 46 10.58 -9.70 2.85
C SER A 46 10.71 -8.61 1.79
N PHE A 47 9.57 -8.06 1.37
CA PHE A 47 9.56 -7.01 0.36
C PHE A 47 10.09 -5.70 0.92
N ALA A 48 9.51 -5.26 2.04
CA ALA A 48 9.92 -4.02 2.68
C ALA A 48 11.44 -3.99 2.89
N GLU A 49 12.06 -5.16 2.83
CA GLU A 49 13.50 -5.28 3.01
C GLU A 49 14.25 -4.43 1.99
N TRP A 50 13.99 -4.68 0.72
CA TRP A 50 14.64 -3.94 -0.36
C TRP A 50 13.77 -2.75 -0.80
N GLY A 51 12.61 -2.61 -0.17
CA GLY A 51 11.72 -1.51 -0.51
C GLY A 51 12.43 -0.17 -0.56
N GLU A 52 12.80 0.34 0.60
CA GLU A 52 13.50 1.62 0.68
C GLU A 52 14.74 1.63 -0.19
N ASP A 53 15.29 0.44 -0.43
CA ASP A 53 16.48 0.30 -1.26
C ASP A 53 16.21 0.69 -2.70
N LEU A 54 14.99 0.40 -3.16
CA LEU A 54 14.59 0.73 -4.53
C LEU A 54 13.94 2.10 -4.59
N GLU A 55 14.04 2.85 -3.50
CA GLU A 55 13.46 4.19 -3.43
C GLU A 55 11.94 4.12 -3.44
N VAL A 56 11.38 3.38 -2.49
CA VAL A 56 9.93 3.22 -2.37
C VAL A 56 9.52 2.99 -0.93
N ASN A 57 8.40 3.59 -0.54
CA ASN A 57 7.89 3.46 0.82
C ASN A 57 6.79 2.40 0.89
N ILE A 58 6.86 1.56 1.91
CA ILE A 58 5.87 0.50 2.10
C ILE A 58 5.07 0.70 3.37
N ALA A 59 3.75 0.50 3.28
CA ALA A 59 2.88 0.66 4.43
C ALA A 59 1.76 -0.37 4.42
N LYS A 60 1.28 -0.75 5.60
CA LYS A 60 0.21 -1.73 5.72
C LYS A 60 -1.02 -1.11 6.38
N VAL A 61 -2.18 -1.36 5.78
CA VAL A 61 -3.44 -0.83 6.32
C VAL A 61 -4.30 -1.95 6.88
N ASP A 62 -5.16 -1.60 7.84
CA ASP A 62 -6.04 -2.56 8.47
C ASP A 62 -7.51 -2.25 8.15
N VAL A 63 -8.25 -3.28 7.76
CA VAL A 63 -9.66 -3.11 7.42
C VAL A 63 -10.54 -3.26 8.65
N THR A 64 -9.92 -3.59 9.78
CA THR A 64 -10.64 -3.77 11.04
C THR A 64 -10.29 -2.68 12.04
N GLU A 65 -9.03 -2.25 12.01
CA GLU A 65 -8.57 -1.20 12.92
C GLU A 65 -8.82 0.18 12.34
N GLN A 66 -8.82 0.27 11.01
CA GLN A 66 -9.06 1.54 10.33
C GLN A 66 -10.38 1.52 9.59
N PRO A 67 -11.47 1.85 10.32
CA PRO A 67 -12.82 1.87 9.74
C PRO A 67 -13.02 3.03 8.76
N GLY A 68 -12.01 3.90 8.68
CA GLY A 68 -12.09 5.03 7.78
C GLY A 68 -11.39 4.78 6.46
N LEU A 69 -10.21 4.16 6.53
CA LEU A 69 -9.43 3.86 5.33
C LEU A 69 -10.16 2.84 4.46
N SER A 70 -10.79 1.85 5.09
CA SER A 70 -11.51 0.82 4.37
C SER A 70 -12.46 1.44 3.35
N GLY A 71 -13.35 2.31 3.82
CA GLY A 71 -14.29 2.96 2.93
C GLY A 71 -13.64 3.97 2.00
N ARG A 72 -12.55 4.59 2.49
CA ARG A 72 -11.84 5.58 1.70
C ARG A 72 -11.39 5.00 0.36
N PHE A 73 -11.18 3.69 0.34
CA PHE A 73 -10.75 3.01 -0.87
C PHE A 73 -11.79 2.01 -1.34
N ILE A 74 -12.74 1.71 -0.46
CA ILE A 74 -13.80 0.75 -0.78
C ILE A 74 -13.23 -0.61 -1.13
N ILE A 75 -12.34 -1.11 -0.28
CA ILE A 75 -11.72 -2.41 -0.51
C ILE A 75 -12.70 -3.55 -0.22
N ASN A 76 -13.41 -3.98 -1.25
CA ASN A 76 -14.39 -5.06 -1.11
C ASN A 76 -13.73 -6.41 -1.38
N ALA A 77 -12.43 -6.48 -1.19
CA ALA A 77 -11.69 -7.72 -1.41
C ALA A 77 -10.29 -7.64 -0.81
N LEU A 78 -9.85 -8.73 -0.19
CA LEU A 78 -8.53 -8.78 0.44
C LEU A 78 -7.91 -10.16 0.27
N PRO A 79 -6.57 -10.20 0.23
CA PRO A 79 -5.74 -9.01 0.33
C PRO A 79 -5.85 -8.12 -0.90
N THR A 80 -5.29 -6.91 -0.81
CA THR A 80 -5.32 -5.98 -1.92
C THR A 80 -4.22 -4.94 -1.81
N ILE A 81 -3.40 -4.83 -2.84
CA ILE A 81 -2.29 -3.88 -2.85
C ILE A 81 -2.61 -2.66 -3.71
N TYR A 82 -2.26 -1.49 -3.23
CA TYR A 82 -2.52 -0.25 -3.96
C TYR A 82 -1.26 0.61 -4.03
N HIS A 83 -0.92 1.07 -5.23
CA HIS A 83 0.25 1.91 -5.44
C HIS A 83 -0.14 3.38 -5.51
N CYS A 84 0.30 4.15 -4.52
CA CYS A 84 0.00 5.58 -4.48
C CYS A 84 1.25 6.41 -4.75
N LYS A 85 1.35 6.93 -5.98
CA LYS A 85 2.49 7.74 -6.36
C LYS A 85 2.04 9.07 -6.97
N ASP A 86 2.68 10.15 -6.55
CA ASP A 86 2.34 11.49 -7.04
C ASP A 86 0.84 11.74 -6.94
N GLY A 87 0.28 11.46 -5.77
CA GLY A 87 -1.14 11.67 -5.56
C GLY A 87 -1.99 10.82 -6.47
N GLU A 88 -1.34 9.93 -7.23
CA GLU A 88 -2.05 9.05 -8.15
C GLU A 88 -2.23 7.65 -7.56
N PHE A 89 -3.08 6.85 -8.18
CA PHE A 89 -3.35 5.50 -7.71
C PHE A 89 -3.32 4.51 -8.87
N ARG A 90 -3.08 3.24 -8.54
CA ARG A 90 -3.02 2.19 -9.56
C ARG A 90 -3.09 0.81 -8.91
N ARG A 91 -4.20 0.12 -9.12
CA ARG A 91 -4.39 -1.21 -8.57
C ARG A 91 -3.25 -2.14 -8.99
N TYR A 92 -2.67 -2.83 -8.01
CA TYR A 92 -1.57 -3.75 -8.29
C TYR A 92 -2.10 -5.10 -8.77
N GLN A 93 -2.12 -5.28 -10.09
CA GLN A 93 -2.59 -6.52 -10.68
C GLN A 93 -1.46 -7.53 -10.84
N GLY A 94 -1.11 -8.20 -9.74
CA GLY A 94 -0.04 -9.18 -9.78
C GLY A 94 -0.25 -10.30 -8.79
N PRO A 95 0.65 -11.30 -8.82
CA PRO A 95 0.58 -12.46 -7.93
C PRO A 95 0.89 -12.10 -6.48
N ARG A 96 1.28 -10.84 -6.27
CA ARG A 96 1.61 -10.36 -4.93
C ARG A 96 2.80 -11.14 -4.35
N THR A 97 3.78 -11.42 -5.20
CA THR A 97 4.97 -12.15 -4.78
C THR A 97 6.15 -11.21 -4.57
N LYS A 98 7.05 -11.59 -3.67
CA LYS A 98 8.24 -10.80 -3.38
C LYS A 98 8.90 -10.32 -4.67
N LYS A 99 9.30 -11.26 -5.50
CA LYS A 99 9.95 -10.94 -6.77
C LYS A 99 9.16 -9.88 -7.53
N ASP A 100 7.94 -10.24 -7.93
CA ASP A 100 7.08 -9.32 -8.66
C ASP A 100 7.25 -7.89 -8.16
N PHE A 101 6.96 -7.68 -6.89
CA PHE A 101 7.08 -6.36 -6.29
C PHE A 101 8.28 -5.61 -6.84
N ILE A 102 9.46 -6.21 -6.71
CA ILE A 102 10.68 -5.60 -7.21
C ILE A 102 10.47 -4.97 -8.58
N ASN A 103 10.15 -5.79 -9.57
CA ASN A 103 9.92 -5.32 -10.92
C ASN A 103 8.83 -4.24 -10.94
N PHE A 104 7.67 -4.58 -10.40
CA PHE A 104 6.55 -3.65 -10.35
C PHE A 104 7.01 -2.26 -9.93
N ILE A 105 8.12 -2.22 -9.20
CA ILE A 105 8.67 -0.95 -8.72
C ILE A 105 9.72 -0.42 -9.69
N SER A 106 10.74 -1.23 -9.96
CA SER A 106 11.81 -0.85 -10.86
C SER A 106 11.31 -0.76 -12.30
N ASP A 107 10.72 -1.85 -12.78
CA ASP A 107 10.19 -1.91 -14.14
C ASP A 107 8.98 -0.99 -14.29
N LYS A 108 8.40 -0.59 -13.17
CA LYS A 108 7.24 0.29 -13.17
C LYS A 108 6.11 -0.32 -14.00
N GLU A 109 5.81 -1.60 -13.74
CA GLU A 109 4.75 -2.29 -14.46
C GLU A 109 3.41 -1.57 -14.27
N TRP A 110 3.33 -0.75 -13.24
CA TRP A 110 2.11 0.00 -12.96
C TRP A 110 1.67 0.81 -14.17
N LYS A 111 2.65 1.26 -14.96
CA LYS A 111 2.36 2.04 -16.15
C LYS A 111 1.28 1.38 -17.00
N SER A 112 1.45 0.08 -17.24
CA SER A 112 0.48 -0.66 -18.04
C SER A 112 -0.88 -0.71 -17.37
N ILE A 113 -0.87 -0.62 -16.04
CA ILE A 113 -2.10 -0.65 -15.27
C ILE A 113 -2.74 0.74 -15.19
N GLU A 114 -4.06 0.79 -15.40
CA GLU A 114 -4.78 2.05 -15.35
C GLU A 114 -5.09 2.45 -13.91
N PRO A 115 -4.97 3.76 -13.62
CA PRO A 115 -5.23 4.30 -12.28
C PRO A 115 -6.72 4.26 -11.92
N VAL A 116 -7.01 4.33 -10.62
CA VAL A 116 -8.39 4.32 -10.16
C VAL A 116 -8.95 5.72 -10.01
N SER A 117 -10.25 5.82 -9.73
CA SER A 117 -10.90 7.11 -9.58
C SER A 117 -11.76 7.12 -8.32
N SER A 118 -12.40 8.26 -8.06
CA SER A 118 -13.26 8.41 -6.89
C SER A 118 -12.42 8.44 -5.61
N TRP A 119 -11.41 9.30 -5.59
CA TRP A 119 -10.54 9.42 -4.42
C TRP A 119 -11.21 10.23 -3.31
N PHE A 120 -12.10 11.13 -3.71
CA PHE A 120 -12.82 11.97 -2.75
C PHE A 120 -11.94 12.26 -1.54
N SER A 121 -10.75 12.79 -1.79
CA SER A 121 -9.81 13.12 -0.72
C SER A 121 -8.72 14.05 -1.21
N GLY A 122 -8.68 15.26 -0.67
CA GLY A 122 -7.67 16.23 -1.07
C GLY A 122 -7.47 17.32 -0.04
N PRO A 123 -6.65 18.32 -0.39
CA PRO A 123 -6.36 19.44 0.51
C PRO A 123 -7.56 20.37 0.69
N SER A 124 -7.48 21.24 1.68
CA SER A 124 -8.56 22.18 1.97
C SER A 124 -9.16 22.73 0.67
N SER A 125 -10.48 22.70 0.57
CA SER A 125 -11.18 23.19 -0.61
C SER A 125 -12.56 23.70 -0.26
N GLY A 126 -13.24 24.29 -1.24
CA GLY A 126 -14.57 24.82 -1.01
C GLY A 126 -15.60 24.18 -1.92
N GLY A 1 16.64 9.64 4.15
CA GLY A 1 17.13 9.84 5.50
C GLY A 1 17.50 8.52 6.18
N SER A 2 17.82 8.59 7.46
CA SER A 2 18.19 7.41 8.22
C SER A 2 17.11 7.06 9.25
N SER A 3 16.69 5.80 9.24
CA SER A 3 15.66 5.33 10.16
C SER A 3 15.96 3.91 10.64
N GLY A 4 15.68 3.65 11.91
CA GLY A 4 15.92 2.34 12.47
C GLY A 4 14.90 1.96 13.53
N SER A 5 13.63 2.19 13.24
CA SER A 5 12.56 1.88 14.18
C SER A 5 12.15 0.41 14.07
N SER A 6 11.23 -0.01 14.92
CA SER A 6 10.75 -1.38 14.93
C SER A 6 9.95 -1.69 13.67
N GLY A 7 10.51 -2.51 12.79
CA GLY A 7 9.84 -2.87 11.55
C GLY A 7 10.11 -1.87 10.45
N ASN A 8 10.08 -2.35 9.20
CA ASN A 8 10.32 -1.50 8.04
C ASN A 8 9.01 -0.97 7.48
N VAL A 9 7.94 -1.72 7.70
CA VAL A 9 6.62 -1.32 7.21
C VAL A 9 6.04 -0.18 8.05
N ARG A 10 5.37 0.75 7.39
CA ARG A 10 4.77 1.89 8.08
C ARG A 10 3.26 1.69 8.22
N VAL A 11 2.71 2.22 9.32
CA VAL A 11 1.28 2.10 9.58
C VAL A 11 0.54 3.38 9.20
N ILE A 12 -0.03 3.40 8.00
CA ILE A 12 -0.76 4.56 7.52
C ILE A 12 -2.17 4.61 8.11
N THR A 13 -2.45 5.66 8.88
CA THR A 13 -3.76 5.82 9.50
C THR A 13 -4.66 6.69 8.65
N ASP A 14 -5.84 7.03 9.18
CA ASP A 14 -6.80 7.86 8.47
C ASP A 14 -6.27 9.29 8.32
N GLU A 15 -5.08 9.54 8.85
CA GLU A 15 -4.47 10.86 8.78
C GLU A 15 -3.21 10.83 7.92
N ASN A 16 -2.37 9.83 8.15
CA ASN A 16 -1.13 9.68 7.40
C ASN A 16 -1.41 9.52 5.91
N TRP A 17 -2.60 9.02 5.59
CA TRP A 17 -3.00 8.81 4.20
C TRP A 17 -2.46 9.92 3.30
N ARG A 18 -2.62 11.16 3.76
CA ARG A 18 -2.15 12.31 3.00
C ARG A 18 -0.74 12.07 2.45
N GLU A 19 0.15 11.60 3.33
CA GLU A 19 1.52 11.33 2.93
C GLU A 19 1.57 10.52 1.64
N LEU A 20 0.61 9.63 1.48
CA LEU A 20 0.53 8.78 0.28
C LEU A 20 0.57 9.63 -0.98
N LEU A 21 -0.03 10.81 -0.91
CA LEU A 21 -0.07 11.71 -2.05
C LEU A 21 1.33 12.17 -2.43
N GLU A 22 2.25 12.12 -1.48
CA GLU A 22 3.63 12.52 -1.73
C GLU A 22 4.52 11.31 -1.95
N GLY A 23 5.32 11.35 -3.01
CA GLY A 23 6.21 10.25 -3.32
C GLY A 23 5.47 8.93 -3.47
N ASP A 24 6.20 7.88 -3.82
CA ASP A 24 5.61 6.56 -3.99
C ASP A 24 5.27 5.93 -2.64
N TRP A 25 4.20 5.15 -2.61
CA TRP A 25 3.76 4.49 -1.39
C TRP A 25 3.06 3.17 -1.69
N MET A 26 3.58 2.09 -1.12
CA MET A 26 3.00 0.77 -1.34
C MET A 26 2.14 0.34 -0.15
N ILE A 27 0.83 0.30 -0.36
CA ILE A 27 -0.10 -0.09 0.69
C ILE A 27 -0.69 -1.47 0.43
N GLU A 28 -1.08 -2.15 1.50
CA GLU A 28 -1.65 -3.48 1.39
C GLU A 28 -2.72 -3.71 2.46
N PHE A 29 -3.97 -3.75 2.04
CA PHE A 29 -5.08 -3.96 2.96
C PHE A 29 -5.19 -5.43 3.37
N TYR A 30 -4.91 -5.70 4.64
CA TYR A 30 -4.97 -7.06 5.16
C TYR A 30 -5.96 -7.16 6.32
N ALA A 31 -6.18 -8.38 6.79
CA ALA A 31 -7.10 -8.62 7.90
C ALA A 31 -6.61 -9.76 8.79
N PRO A 32 -6.75 -9.57 10.11
CA PRO A 32 -6.33 -10.58 11.09
C PRO A 32 -7.21 -11.82 11.07
N TRP A 33 -8.35 -11.72 10.41
CA TRP A 33 -9.29 -12.83 10.31
C TRP A 33 -9.38 -13.34 8.87
N CYS A 34 -8.29 -13.23 8.14
CA CYS A 34 -8.24 -13.68 6.75
C CYS A 34 -7.03 -14.56 6.50
N PRO A 35 -7.26 -15.71 5.85
CA PRO A 35 -6.19 -16.67 5.53
C PRO A 35 -5.23 -16.14 4.47
N ALA A 36 -5.78 -15.58 3.40
CA ALA A 36 -4.97 -15.04 2.32
C ALA A 36 -3.90 -14.09 2.86
N CYS A 37 -4.26 -13.34 3.89
CA CYS A 37 -3.34 -12.38 4.50
C CYS A 37 -2.20 -13.11 5.21
N GLN A 38 -2.54 -14.18 5.92
CA GLN A 38 -1.56 -14.97 6.65
C GLN A 38 -0.44 -15.42 5.73
N ASN A 39 -0.67 -15.32 4.43
CA ASN A 39 0.33 -15.73 3.44
C ASN A 39 1.14 -14.54 2.96
N LEU A 40 0.49 -13.38 2.88
CA LEU A 40 1.15 -12.15 2.43
C LEU A 40 1.97 -11.54 3.56
N GLN A 41 1.52 -11.73 4.79
CA GLN A 41 2.21 -11.20 5.96
C GLN A 41 3.72 -11.25 5.76
N PRO A 42 4.24 -12.47 5.51
CA PRO A 42 5.67 -12.68 5.29
C PRO A 42 6.16 -12.09 3.97
N GLU A 43 5.41 -12.34 2.91
CA GLU A 43 5.76 -11.83 1.59
C GLU A 43 6.01 -10.33 1.63
N TRP A 44 5.24 -9.63 2.46
CA TRP A 44 5.37 -8.19 2.60
C TRP A 44 6.66 -7.83 3.32
N GLU A 45 6.88 -8.44 4.48
CA GLU A 45 8.07 -8.18 5.28
C GLU A 45 9.33 -8.34 4.43
N SER A 46 9.36 -9.39 3.61
CA SER A 46 10.51 -9.66 2.76
C SER A 46 10.62 -8.61 1.67
N PHE A 47 9.49 -8.01 1.31
CA PHE A 47 9.46 -6.99 0.26
C PHE A 47 10.01 -5.67 0.79
N ALA A 48 9.43 -5.19 1.89
CA ALA A 48 9.87 -3.93 2.49
C ALA A 48 11.38 -3.90 2.68
N GLU A 49 12.00 -5.08 2.63
CA GLU A 49 13.44 -5.19 2.79
C GLU A 49 14.18 -4.37 1.74
N TRP A 50 13.92 -4.67 0.48
CA TRP A 50 14.55 -3.97 -0.63
C TRP A 50 13.71 -2.78 -1.07
N GLY A 51 12.53 -2.64 -0.47
CA GLY A 51 11.65 -1.54 -0.82
C GLY A 51 12.35 -0.20 -0.79
N GLU A 52 12.72 0.24 0.41
CA GLU A 52 13.40 1.52 0.57
C GLU A 52 14.61 1.61 -0.36
N ASP A 53 15.20 0.47 -0.67
CA ASP A 53 16.37 0.42 -1.54
C ASP A 53 16.01 0.88 -2.95
N LEU A 54 14.84 0.44 -3.43
CA LEU A 54 14.38 0.81 -4.76
C LEU A 54 13.67 2.16 -4.74
N GLU A 55 13.93 2.95 -3.70
CA GLU A 55 13.32 4.26 -3.57
C GLU A 55 11.80 4.16 -3.56
N VAL A 56 11.28 3.35 -2.65
CA VAL A 56 9.83 3.15 -2.54
C VAL A 56 9.43 2.83 -1.10
N ASN A 57 8.51 3.62 -0.56
CA ASN A 57 8.04 3.43 0.80
C ASN A 57 6.97 2.34 0.86
N ILE A 58 6.97 1.58 1.95
CA ILE A 58 5.99 0.50 2.13
C ILE A 58 5.24 0.67 3.44
N ALA A 59 3.91 0.54 3.36
CA ALA A 59 3.06 0.68 4.54
C ALA A 59 1.96 -0.38 4.55
N LYS A 60 1.23 -0.47 5.66
CA LYS A 60 0.15 -1.44 5.79
C LYS A 60 -1.06 -0.81 6.47
N VAL A 61 -2.24 -1.23 6.05
CA VAL A 61 -3.49 -0.71 6.62
C VAL A 61 -4.31 -1.82 7.25
N ASP A 62 -4.91 -1.52 8.40
CA ASP A 62 -5.73 -2.49 9.11
C ASP A 62 -7.22 -2.21 8.89
N VAL A 63 -7.94 -3.22 8.39
CA VAL A 63 -9.37 -3.08 8.14
C VAL A 63 -10.18 -3.35 9.40
N THR A 64 -9.55 -3.15 10.56
CA THR A 64 -10.21 -3.38 11.84
C THR A 64 -10.13 -2.15 12.73
N GLU A 65 -9.06 -1.37 12.56
CA GLU A 65 -8.86 -0.16 13.35
C GLU A 65 -9.16 1.09 12.52
N GLN A 66 -9.03 0.96 11.21
CA GLN A 66 -9.29 2.08 10.30
C GLN A 66 -10.52 1.82 9.45
N PRO A 67 -11.71 2.13 10.00
CA PRO A 67 -12.97 1.93 9.30
C PRO A 67 -13.15 2.91 8.14
N GLY A 68 -12.38 3.98 8.15
CA GLY A 68 -12.46 4.98 7.09
C GLY A 68 -11.65 4.60 5.88
N LEU A 69 -10.47 4.02 6.11
CA LEU A 69 -9.58 3.60 5.02
C LEU A 69 -10.13 2.35 4.33
N SER A 70 -10.94 1.59 5.06
CA SER A 70 -11.52 0.37 4.51
C SER A 70 -12.61 0.69 3.50
N GLY A 71 -13.47 1.65 3.84
CA GLY A 71 -14.55 2.03 2.96
C GLY A 71 -14.15 3.14 1.99
N ARG A 72 -13.20 3.96 2.41
CA ARG A 72 -12.72 5.06 1.58
C ARG A 72 -12.02 4.54 0.34
N PHE A 73 -11.16 3.53 0.52
CA PHE A 73 -10.43 2.95 -0.60
C PHE A 73 -11.25 1.86 -1.28
N ILE A 74 -12.57 2.00 -1.24
CA ILE A 74 -13.47 1.03 -1.85
C ILE A 74 -12.92 -0.38 -1.71
N ILE A 75 -12.42 -0.71 -0.52
CA ILE A 75 -11.86 -2.04 -0.27
C ILE A 75 -12.96 -3.02 0.10
N ASN A 76 -13.13 -4.05 -0.73
CA ASN A 76 -14.14 -5.07 -0.48
C ASN A 76 -13.50 -6.43 -0.27
N ALA A 77 -12.44 -6.71 -1.02
CA ALA A 77 -11.73 -7.97 -0.91
C ALA A 77 -10.33 -7.78 -0.35
N LEU A 78 -9.78 -8.83 0.25
CA LEU A 78 -8.44 -8.77 0.83
C LEU A 78 -7.70 -10.09 0.64
N PRO A 79 -6.37 -10.02 0.57
CA PRO A 79 -5.64 -8.75 0.65
C PRO A 79 -5.86 -7.87 -0.56
N THR A 80 -5.40 -6.62 -0.47
CA THR A 80 -5.55 -5.68 -1.57
C THR A 80 -4.44 -4.63 -1.55
N ILE A 81 -3.51 -4.73 -2.48
CA ILE A 81 -2.40 -3.80 -2.57
C ILE A 81 -2.75 -2.61 -3.48
N TYR A 82 -2.26 -1.43 -3.11
CA TYR A 82 -2.52 -0.23 -3.89
C TYR A 82 -1.24 0.59 -4.05
N HIS A 83 -0.92 0.94 -5.30
CA HIS A 83 0.27 1.73 -5.59
C HIS A 83 -0.07 3.22 -5.68
N CYS A 84 0.40 3.99 -4.71
CA CYS A 84 0.15 5.42 -4.68
C CYS A 84 1.38 6.21 -5.11
N LYS A 85 1.28 6.92 -6.23
CA LYS A 85 2.39 7.71 -6.74
C LYS A 85 1.97 9.15 -6.98
N ASP A 86 2.63 10.07 -6.28
CA ASP A 86 2.32 11.50 -6.41
C ASP A 86 0.81 11.73 -6.39
N GLY A 87 0.10 10.88 -5.65
CA GLY A 87 -1.34 11.01 -5.56
C GLY A 87 -2.07 9.94 -6.35
N GLU A 88 -1.59 9.67 -7.56
CA GLU A 88 -2.21 8.67 -8.42
C GLU A 88 -2.41 7.35 -7.66
N PHE A 89 -3.34 6.54 -8.14
CA PHE A 89 -3.62 5.25 -7.52
C PHE A 89 -3.76 4.16 -8.56
N ARG A 90 -3.14 3.01 -8.29
CA ARG A 90 -3.18 1.88 -9.21
C ARG A 90 -3.30 0.56 -8.46
N ARG A 91 -4.33 -0.21 -8.76
CA ARG A 91 -4.56 -1.49 -8.10
C ARG A 91 -3.53 -2.52 -8.57
N TYR A 92 -2.77 -3.06 -7.62
CA TYR A 92 -1.75 -4.05 -7.94
C TYR A 92 -2.38 -5.32 -8.50
N GLN A 93 -2.20 -5.54 -9.80
CA GLN A 93 -2.75 -6.71 -10.46
C GLN A 93 -1.66 -7.74 -10.76
N GLY A 94 -1.22 -8.45 -9.73
CA GLY A 94 -0.18 -9.45 -9.90
C GLY A 94 -0.28 -10.56 -8.89
N PRO A 95 0.71 -11.47 -8.90
CA PRO A 95 0.75 -12.61 -7.98
C PRO A 95 1.04 -12.19 -6.54
N ARG A 96 1.43 -10.92 -6.37
CA ARG A 96 1.74 -10.40 -5.04
C ARG A 96 2.88 -11.16 -4.40
N THR A 97 3.92 -11.44 -5.19
CA THR A 97 5.08 -12.17 -4.69
C THR A 97 6.29 -11.25 -4.54
N LYS A 98 7.18 -11.60 -3.62
CA LYS A 98 8.39 -10.81 -3.39
C LYS A 98 9.04 -10.39 -4.70
N LYS A 99 9.35 -11.38 -5.54
CA LYS A 99 9.98 -11.12 -6.82
C LYS A 99 9.16 -10.12 -7.63
N ASP A 100 7.95 -10.53 -8.00
CA ASP A 100 7.06 -9.67 -8.77
C ASP A 100 7.18 -8.21 -8.34
N PHE A 101 6.88 -7.95 -7.06
CA PHE A 101 6.95 -6.60 -6.53
C PHE A 101 8.14 -5.85 -7.12
N ILE A 102 9.35 -6.33 -6.85
CA ILE A 102 10.56 -5.70 -7.37
C ILE A 102 10.32 -5.08 -8.75
N ASN A 103 10.05 -5.93 -9.73
CA ASN A 103 9.80 -5.47 -11.09
C ASN A 103 8.74 -4.38 -11.10
N PHE A 104 7.60 -4.66 -10.48
CA PHE A 104 6.50 -3.71 -10.41
C PHE A 104 6.99 -2.33 -10.00
N ILE A 105 8.09 -2.30 -9.24
CA ILE A 105 8.67 -1.05 -8.78
C ILE A 105 9.75 -0.55 -9.73
N SER A 106 10.82 -1.33 -9.85
CA SER A 106 11.93 -0.97 -10.73
C SER A 106 11.44 -0.76 -12.16
N ASP A 107 10.76 -1.77 -12.69
CA ASP A 107 10.24 -1.70 -14.06
C ASP A 107 9.02 -0.79 -14.12
N LYS A 108 8.69 -0.16 -13.00
CA LYS A 108 7.54 0.73 -12.92
C LYS A 108 6.37 0.19 -13.74
N GLU A 109 6.22 -1.13 -13.73
CA GLU A 109 5.13 -1.77 -14.48
C GLU A 109 3.81 -1.07 -14.22
N TRP A 110 3.68 -0.46 -13.05
CA TRP A 110 2.47 0.25 -12.68
C TRP A 110 2.01 1.18 -13.82
N LYS A 111 2.97 1.80 -14.48
CA LYS A 111 2.67 2.72 -15.58
C LYS A 111 1.72 2.07 -16.58
N SER A 112 1.98 0.80 -16.90
CA SER A 112 1.15 0.06 -17.85
C SER A 112 -0.30 0.01 -17.37
N ILE A 113 -0.48 0.03 -16.05
CA ILE A 113 -1.81 -0.01 -15.46
C ILE A 113 -2.44 1.38 -15.42
N GLU A 114 -3.71 1.46 -15.83
CA GLU A 114 -4.42 2.73 -15.84
C GLU A 114 -4.78 3.16 -14.43
N PRO A 115 -4.31 4.35 -14.02
CA PRO A 115 -4.56 4.90 -12.69
C PRO A 115 -6.02 5.33 -12.52
N VAL A 116 -6.43 5.48 -11.27
CA VAL A 116 -7.80 5.89 -10.96
C VAL A 116 -7.87 7.37 -10.63
N SER A 117 -8.95 8.02 -11.06
CA SER A 117 -9.14 9.44 -10.80
C SER A 117 -10.41 9.68 -9.97
N SER A 118 -10.56 8.92 -8.90
CA SER A 118 -11.72 9.06 -8.02
C SER A 118 -11.30 9.06 -6.56
N TRP A 119 -10.94 10.24 -6.06
CA TRP A 119 -10.51 10.39 -4.67
C TRP A 119 -11.45 11.33 -3.92
N PHE A 120 -12.31 10.75 -3.08
CA PHE A 120 -13.26 11.54 -2.30
C PHE A 120 -12.83 11.62 -0.84
N SER A 121 -11.96 12.58 -0.54
CA SER A 121 -11.46 12.75 0.81
C SER A 121 -11.12 14.22 1.07
N GLY A 122 -11.92 14.87 1.91
CA GLY A 122 -11.70 16.26 2.23
C GLY A 122 -12.18 16.63 3.62
N PRO A 123 -12.71 17.86 3.77
CA PRO A 123 -13.22 18.35 5.05
C PRO A 123 -14.50 17.63 5.48
N SER A 124 -14.35 16.59 6.31
CA SER A 124 -15.49 15.83 6.78
C SER A 124 -16.13 16.51 7.99
N SER A 125 -15.30 16.91 8.95
CA SER A 125 -15.78 17.58 10.15
C SER A 125 -15.82 19.09 9.97
N GLY A 126 -16.82 19.73 10.54
CA GLY A 126 -16.96 21.17 10.43
C GLY A 126 -16.70 21.88 11.74
N GLY A 1 9.12 14.06 7.94
CA GLY A 1 10.10 13.74 8.96
C GLY A 1 9.98 12.32 9.47
N SER A 2 11.01 11.52 9.27
CA SER A 2 11.00 10.14 9.71
C SER A 2 10.71 10.05 11.20
N SER A 3 9.58 9.46 11.55
CA SER A 3 9.18 9.31 12.94
C SER A 3 8.76 7.87 13.25
N GLY A 4 9.26 7.35 14.35
CA GLY A 4 8.92 5.98 14.74
C GLY A 4 9.60 4.95 13.86
N SER A 5 10.54 4.21 14.44
CA SER A 5 11.28 3.19 13.70
C SER A 5 10.53 1.86 13.72
N SER A 6 9.21 1.93 13.52
CA SER A 6 8.39 0.73 13.52
C SER A 6 8.65 -0.13 12.28
N GLY A 7 9.72 -0.90 12.32
CA GLY A 7 10.07 -1.75 11.19
C GLY A 7 10.06 -1.00 9.88
N ASN A 8 10.34 -1.72 8.79
CA ASN A 8 10.37 -1.11 7.47
C ASN A 8 8.96 -0.77 7.00
N VAL A 9 7.98 -1.55 7.47
CA VAL A 9 6.59 -1.34 7.10
C VAL A 9 5.99 -0.17 7.89
N ARG A 10 5.36 0.76 7.16
CA ARG A 10 4.74 1.91 7.80
C ARG A 10 3.26 1.67 8.04
N VAL A 11 2.72 2.32 9.07
CA VAL A 11 1.31 2.18 9.41
C VAL A 11 0.51 3.42 9.02
N ILE A 12 -0.19 3.34 7.90
CA ILE A 12 -0.99 4.46 7.42
C ILE A 12 -2.29 4.58 8.20
N THR A 13 -2.66 5.82 8.53
CA THR A 13 -3.89 6.08 9.28
C THR A 13 -4.92 6.78 8.42
N ASP A 14 -6.04 7.15 9.02
CA ASP A 14 -7.11 7.84 8.30
C ASP A 14 -6.72 9.28 7.99
N GLU A 15 -5.55 9.68 8.47
CA GLU A 15 -5.06 11.03 8.24
C GLU A 15 -3.72 11.02 7.52
N ASN A 16 -2.96 9.94 7.71
CA ASN A 16 -1.66 9.80 7.07
C ASN A 16 -1.80 9.60 5.57
N TRP A 17 -2.93 9.01 5.15
CA TRP A 17 -3.19 8.77 3.74
C TRP A 17 -2.68 9.92 2.89
N ARG A 18 -2.98 11.14 3.31
CA ARG A 18 -2.56 12.33 2.58
C ARG A 18 -1.10 12.21 2.13
N GLU A 19 -0.24 11.78 3.06
CA GLU A 19 1.17 11.62 2.76
C GLU A 19 1.38 10.84 1.46
N LEU A 20 0.48 9.88 1.22
CA LEU A 20 0.56 9.05 0.02
C LEU A 20 0.59 9.92 -1.24
N LEU A 21 -0.12 11.05 -1.19
CA LEU A 21 -0.18 11.97 -2.32
C LEU A 21 1.23 12.41 -2.73
N GLU A 22 2.14 12.40 -1.77
CA GLU A 22 3.52 12.81 -2.03
C GLU A 22 4.44 11.60 -2.09
N GLY A 23 5.29 11.55 -3.12
CA GLY A 23 6.20 10.44 -3.28
C GLY A 23 5.49 9.11 -3.46
N ASP A 24 6.26 8.05 -3.67
CA ASP A 24 5.69 6.72 -3.88
C ASP A 24 5.32 6.08 -2.54
N TRP A 25 4.22 5.34 -2.54
CA TRP A 25 3.74 4.68 -1.32
C TRP A 25 3.06 3.36 -1.65
N MET A 26 3.55 2.27 -1.10
CA MET A 26 2.97 0.96 -1.33
C MET A 26 2.12 0.52 -0.15
N ILE A 27 0.80 0.48 -0.36
CA ILE A 27 -0.12 0.08 0.70
C ILE A 27 -0.65 -1.33 0.44
N GLU A 28 -1.07 -2.00 1.51
CA GLU A 28 -1.61 -3.35 1.41
C GLU A 28 -2.70 -3.58 2.45
N PHE A 29 -3.95 -3.59 1.98
CA PHE A 29 -5.09 -3.79 2.86
C PHE A 29 -5.26 -5.28 3.20
N TYR A 30 -4.96 -5.63 4.45
CA TYR A 30 -5.07 -7.01 4.90
C TYR A 30 -6.06 -7.13 6.06
N ALA A 31 -6.28 -8.35 6.52
CA ALA A 31 -7.19 -8.60 7.62
C ALA A 31 -6.69 -9.74 8.51
N PRO A 32 -6.82 -9.55 9.83
CA PRO A 32 -6.37 -10.55 10.81
C PRO A 32 -7.25 -11.79 10.81
N TRP A 33 -8.45 -11.67 10.26
CA TRP A 33 -9.38 -12.79 10.19
C TRP A 33 -9.45 -13.35 8.77
N CYS A 34 -8.37 -13.18 8.01
CA CYS A 34 -8.31 -13.67 6.64
C CYS A 34 -7.07 -14.54 6.42
N PRO A 35 -7.28 -15.69 5.78
CA PRO A 35 -6.19 -16.64 5.49
C PRO A 35 -5.22 -16.11 4.45
N ALA A 36 -5.76 -15.66 3.32
CA ALA A 36 -4.93 -15.13 2.24
C ALA A 36 -3.85 -14.19 2.79
N CYS A 37 -4.21 -13.40 3.78
CA CYS A 37 -3.27 -12.47 4.40
C CYS A 37 -2.14 -13.21 5.09
N GLN A 38 -2.50 -14.11 6.00
CA GLN A 38 -1.51 -14.88 6.74
C GLN A 38 -0.39 -15.34 5.83
N ASN A 39 -0.71 -15.53 4.55
CA ASN A 39 0.29 -15.97 3.58
C ASN A 39 1.12 -14.79 3.08
N LEU A 40 0.48 -13.62 2.96
CA LEU A 40 1.16 -12.43 2.49
C LEU A 40 2.01 -11.82 3.59
N GLN A 41 1.59 -12.00 4.83
CA GLN A 41 2.32 -11.47 5.98
C GLN A 41 3.83 -11.52 5.74
N PRO A 42 4.33 -12.72 5.42
CA PRO A 42 5.76 -12.93 5.16
C PRO A 42 6.20 -12.30 3.84
N GLU A 43 5.43 -12.51 2.79
CA GLU A 43 5.74 -11.95 1.48
C GLU A 43 6.00 -10.46 1.57
N TRP A 44 5.18 -9.76 2.36
CA TRP A 44 5.32 -8.33 2.54
C TRP A 44 6.63 -7.98 3.22
N GLU A 45 6.82 -8.51 4.43
CA GLU A 45 8.04 -8.25 5.19
C GLU A 45 9.27 -8.38 4.30
N SER A 46 9.35 -9.48 3.56
CA SER A 46 10.48 -9.72 2.67
C SER A 46 10.58 -8.62 1.62
N PHE A 47 9.43 -8.11 1.19
CA PHE A 47 9.39 -7.06 0.19
C PHE A 47 9.92 -5.74 0.74
N ALA A 48 9.29 -5.26 1.81
CA ALA A 48 9.71 -4.02 2.44
C ALA A 48 11.22 -3.98 2.65
N GLU A 49 11.84 -5.15 2.62
CA GLU A 49 13.29 -5.26 2.81
C GLU A 49 14.03 -4.41 1.77
N TRP A 50 13.83 -4.73 0.50
CA TRP A 50 14.48 -4.00 -0.59
C TRP A 50 13.65 -2.79 -1.00
N GLY A 51 12.37 -2.79 -0.61
CA GLY A 51 11.50 -1.68 -0.95
C GLY A 51 12.20 -0.34 -0.86
N GLU A 52 12.45 0.12 0.35
CA GLU A 52 13.12 1.40 0.56
C GLU A 52 14.37 1.52 -0.30
N ASP A 53 15.03 0.38 -0.53
CA ASP A 53 16.23 0.35 -1.35
C ASP A 53 15.97 0.94 -2.73
N LEU A 54 14.81 0.62 -3.29
CA LEU A 54 14.43 1.11 -4.61
C LEU A 54 13.74 2.47 -4.51
N GLU A 55 14.01 3.19 -3.42
CA GLU A 55 13.42 4.50 -3.21
C GLU A 55 11.89 4.42 -3.22
N VAL A 56 11.35 3.55 -2.36
CA VAL A 56 9.91 3.36 -2.27
C VAL A 56 9.49 3.04 -0.84
N ASN A 57 8.52 3.80 -0.32
CA ASN A 57 8.03 3.59 1.03
C ASN A 57 6.90 2.56 1.05
N ILE A 58 6.97 1.64 2.02
CA ILE A 58 5.95 0.60 2.14
C ILE A 58 5.15 0.76 3.43
N ALA A 59 3.86 0.46 3.36
CA ALA A 59 2.98 0.57 4.52
C ALA A 59 1.88 -0.48 4.48
N LYS A 60 1.24 -0.70 5.62
CA LYS A 60 0.17 -1.68 5.72
C LYS A 60 -1.04 -1.09 6.45
N VAL A 61 -2.24 -1.38 5.92
CA VAL A 61 -3.47 -0.87 6.53
C VAL A 61 -4.26 -2.01 7.18
N ASP A 62 -4.93 -1.69 8.27
CA ASP A 62 -5.72 -2.67 8.99
C ASP A 62 -7.21 -2.39 8.84
N VAL A 63 -7.95 -3.38 8.32
CA VAL A 63 -9.39 -3.23 8.12
C VAL A 63 -10.15 -3.55 9.39
N THR A 64 -9.50 -3.36 10.53
CA THR A 64 -10.13 -3.63 11.83
C THR A 64 -9.97 -2.45 12.77
N GLU A 65 -8.86 -1.72 12.63
CA GLU A 65 -8.60 -0.56 13.47
C GLU A 65 -8.99 0.73 12.76
N GLN A 66 -8.88 0.73 11.43
CA GLN A 66 -9.21 1.90 10.64
C GLN A 66 -10.56 1.70 9.93
N PRO A 67 -11.64 2.16 10.57
CA PRO A 67 -12.99 2.05 10.02
C PRO A 67 -13.20 2.95 8.80
N GLY A 68 -12.38 3.98 8.68
CA GLY A 68 -12.48 4.90 7.57
C GLY A 68 -11.80 4.38 6.32
N LEU A 69 -10.51 4.07 6.43
CA LEU A 69 -9.75 3.55 5.31
C LEU A 69 -10.41 2.31 4.71
N SER A 70 -11.00 1.49 5.57
CA SER A 70 -11.67 0.28 5.14
C SER A 70 -12.59 0.55 3.97
N GLY A 71 -13.28 1.69 4.01
CA GLY A 71 -14.18 2.06 2.94
C GLY A 71 -13.79 3.34 2.25
N ARG A 72 -12.52 3.72 2.39
CA ARG A 72 -12.01 4.94 1.78
C ARG A 72 -11.31 4.64 0.46
N PHE A 73 -10.49 3.60 0.45
CA PHE A 73 -9.76 3.20 -0.75
C PHE A 73 -10.57 2.22 -1.58
N ILE A 74 -11.88 2.44 -1.63
CA ILE A 74 -12.77 1.58 -2.40
C ILE A 74 -12.32 0.13 -2.33
N ILE A 75 -11.99 -0.33 -1.12
CA ILE A 75 -11.55 -1.70 -0.92
C ILE A 75 -12.69 -2.69 -1.18
N ASN A 76 -12.68 -3.29 -2.36
CA ASN A 76 -13.71 -4.25 -2.74
C ASN A 76 -13.48 -5.59 -2.03
N ALA A 77 -12.23 -6.04 -2.02
CA ALA A 77 -11.87 -7.30 -1.38
C ALA A 77 -10.49 -7.22 -0.74
N LEU A 78 -10.07 -8.31 -0.09
CA LEU A 78 -8.77 -8.36 0.56
C LEU A 78 -8.17 -9.76 0.44
N PRO A 79 -6.82 -9.82 0.42
CA PRO A 79 -5.98 -8.63 0.51
C PRO A 79 -6.05 -7.76 -0.75
N THR A 80 -5.48 -6.56 -0.67
CA THR A 80 -5.49 -5.63 -1.79
C THR A 80 -4.40 -4.58 -1.64
N ILE A 81 -3.45 -4.58 -2.58
CA ILE A 81 -2.36 -3.62 -2.55
C ILE A 81 -2.62 -2.45 -3.49
N TYR A 82 -2.32 -1.25 -3.02
CA TYR A 82 -2.52 -0.04 -3.82
C TYR A 82 -1.21 0.72 -4.01
N HIS A 83 -0.94 1.11 -5.25
CA HIS A 83 0.27 1.85 -5.57
C HIS A 83 -0.02 3.34 -5.72
N CYS A 84 0.56 4.14 -4.85
CA CYS A 84 0.37 5.59 -4.88
C CYS A 84 1.64 6.30 -5.34
N LYS A 85 1.56 6.98 -6.48
CA LYS A 85 2.71 7.71 -7.01
C LYS A 85 2.33 9.15 -7.33
N ASP A 86 2.60 10.05 -6.40
CA ASP A 86 2.29 11.47 -6.58
C ASP A 86 0.79 11.68 -6.69
N GLY A 87 0.03 10.99 -5.83
CA GLY A 87 -1.41 11.13 -5.84
C GLY A 87 -2.09 10.02 -6.62
N GLU A 88 -1.57 9.74 -7.82
CA GLU A 88 -2.14 8.70 -8.66
C GLU A 88 -2.12 7.36 -7.96
N PHE A 89 -3.21 6.60 -8.11
CA PHE A 89 -3.32 5.29 -7.48
C PHE A 89 -3.42 4.19 -8.53
N ARG A 90 -3.13 2.96 -8.12
CA ARG A 90 -3.19 1.82 -9.03
C ARG A 90 -3.32 0.51 -8.25
N ARG A 91 -4.34 -0.28 -8.59
CA ARG A 91 -4.58 -1.55 -7.93
C ARG A 91 -3.58 -2.60 -8.39
N TYR A 92 -2.86 -3.19 -7.43
CA TYR A 92 -1.88 -4.21 -7.74
C TYR A 92 -2.52 -5.39 -8.47
N GLN A 93 -2.15 -5.57 -9.73
CA GLN A 93 -2.68 -6.66 -10.53
C GLN A 93 -1.61 -7.69 -10.85
N GLY A 94 -1.32 -8.55 -9.87
CA GLY A 94 -0.30 -9.57 -10.05
C GLY A 94 -0.46 -10.72 -9.07
N PRO A 95 0.54 -11.61 -9.05
CA PRO A 95 0.54 -12.78 -8.16
C PRO A 95 0.72 -12.38 -6.69
N ARG A 96 1.28 -11.19 -6.47
CA ARG A 96 1.51 -10.70 -5.12
C ARG A 96 2.66 -11.45 -4.46
N THR A 97 3.79 -11.53 -5.16
CA THR A 97 4.97 -12.22 -4.63
C THR A 97 6.16 -11.28 -4.55
N LYS A 98 7.13 -11.64 -3.71
CA LYS A 98 8.33 -10.82 -3.53
C LYS A 98 8.90 -10.40 -4.88
N LYS A 99 9.40 -11.37 -5.65
CA LYS A 99 9.96 -11.10 -6.96
C LYS A 99 9.11 -10.08 -7.72
N ASP A 100 7.90 -10.49 -8.07
CA ASP A 100 6.97 -9.63 -8.80
C ASP A 100 7.09 -8.19 -8.32
N PHE A 101 6.78 -7.96 -7.05
CA PHE A 101 6.85 -6.63 -6.47
C PHE A 101 8.04 -5.85 -7.03
N ILE A 102 9.24 -6.33 -6.75
CA ILE A 102 10.45 -5.68 -7.23
C ILE A 102 10.24 -5.03 -8.58
N ASN A 103 10.03 -5.85 -9.61
CA ASN A 103 9.81 -5.35 -10.96
C ASN A 103 8.82 -4.19 -10.95
N PHE A 104 7.65 -4.42 -10.35
CA PHE A 104 6.63 -3.39 -10.27
C PHE A 104 7.22 -2.05 -9.87
N ILE A 105 8.28 -2.09 -9.09
CA ILE A 105 8.96 -0.88 -8.64
C ILE A 105 10.11 -0.51 -9.57
N SER A 106 11.07 -1.40 -9.68
CA SER A 106 12.24 -1.17 -10.53
C SER A 106 11.82 -0.99 -11.99
N ASP A 107 11.08 -1.98 -12.51
CA ASP A 107 10.61 -1.93 -13.89
C ASP A 107 9.50 -0.90 -14.05
N LYS A 108 8.84 -0.56 -12.95
CA LYS A 108 7.77 0.42 -12.96
C LYS A 108 6.61 -0.07 -13.84
N GLU A 109 6.15 -1.29 -13.58
CA GLU A 109 5.05 -1.86 -14.35
C GLU A 109 3.75 -1.09 -14.10
N TRP A 110 3.68 -0.41 -12.97
CA TRP A 110 2.50 0.36 -12.61
C TRP A 110 2.00 1.18 -13.80
N LYS A 111 2.94 1.72 -14.57
CA LYS A 111 2.60 2.52 -15.75
C LYS A 111 1.72 1.73 -16.71
N SER A 112 1.99 0.43 -16.83
CA SER A 112 1.23 -0.43 -17.72
C SER A 112 -0.24 -0.47 -17.30
N ILE A 113 -0.48 -0.36 -16.00
CA ILE A 113 -1.84 -0.39 -15.47
C ILE A 113 -2.47 1.00 -15.54
N GLU A 114 -3.74 1.04 -15.92
CA GLU A 114 -4.47 2.30 -16.02
C GLU A 114 -4.73 2.89 -14.64
N PRO A 115 -4.19 4.08 -14.38
CA PRO A 115 -4.36 4.77 -13.09
C PRO A 115 -5.77 5.27 -12.88
N VAL A 116 -6.20 5.32 -11.62
CA VAL A 116 -7.55 5.78 -11.29
C VAL A 116 -7.55 7.28 -11.02
N SER A 117 -8.55 7.97 -11.57
CA SER A 117 -8.68 9.41 -11.38
C SER A 117 -9.61 9.73 -10.22
N SER A 118 -10.77 9.06 -10.19
CA SER A 118 -11.74 9.27 -9.14
C SER A 118 -11.13 9.00 -7.76
N TRP A 119 -10.85 10.07 -7.02
CA TRP A 119 -10.27 9.94 -5.69
C TRP A 119 -11.11 10.65 -4.64
N PHE A 120 -12.12 9.95 -4.14
CA PHE A 120 -13.02 10.51 -3.13
C PHE A 120 -12.41 10.41 -1.73
N SER A 121 -11.98 11.54 -1.19
CA SER A 121 -11.38 11.58 0.14
C SER A 121 -11.09 13.02 0.57
N GLY A 122 -11.13 13.25 1.88
CA GLY A 122 -10.87 14.59 2.40
C GLY A 122 -12.15 15.29 2.83
N PRO A 123 -12.60 14.98 4.05
CA PRO A 123 -13.82 15.58 4.62
C PRO A 123 -13.64 17.06 4.93
N SER A 124 -12.46 17.60 4.64
CA SER A 124 -12.17 19.00 4.90
C SER A 124 -12.48 19.35 6.34
N SER A 125 -12.14 18.45 7.26
CA SER A 125 -12.40 18.68 8.68
C SER A 125 -13.84 19.10 8.91
N GLY A 126 -14.77 18.46 8.21
CA GLY A 126 -16.18 18.78 8.36
C GLY A 126 -16.77 18.23 9.64
N GLY A 1 12.23 13.99 9.51
CA GLY A 1 11.62 14.36 10.77
C GLY A 1 12.06 13.46 11.92
N SER A 2 11.11 12.76 12.50
CA SER A 2 11.40 11.85 13.62
C SER A 2 11.15 10.40 13.23
N SER A 3 12.23 9.68 12.91
CA SER A 3 12.12 8.28 12.52
C SER A 3 13.34 7.49 12.98
N GLY A 4 13.10 6.29 13.48
CA GLY A 4 14.19 5.45 13.95
C GLY A 4 14.29 4.15 13.19
N SER A 5 15.48 3.56 13.17
CA SER A 5 15.70 2.30 12.47
C SER A 5 14.95 1.16 13.14
N SER A 6 13.67 1.02 12.81
CA SER A 6 12.84 -0.04 13.40
C SER A 6 11.59 -0.25 12.56
N GLY A 7 11.46 -1.46 12.02
CA GLY A 7 10.30 -1.78 11.20
C GLY A 7 10.23 -0.94 9.94
N ASN A 8 10.57 -1.55 8.81
CA ASN A 8 10.54 -0.86 7.52
C ASN A 8 9.11 -0.54 7.11
N VAL A 9 8.19 -1.44 7.45
CA VAL A 9 6.78 -1.26 7.11
C VAL A 9 6.19 -0.06 7.83
N ARG A 10 5.45 0.76 7.10
CA ARG A 10 4.83 1.95 7.68
C ARG A 10 3.35 1.70 7.99
N VAL A 11 2.85 2.38 9.01
CA VAL A 11 1.46 2.24 9.42
C VAL A 11 0.63 3.46 9.02
N ILE A 12 -0.16 3.31 7.97
CA ILE A 12 -1.00 4.40 7.49
C ILE A 12 -2.34 4.43 8.23
N THR A 13 -2.87 5.63 8.42
CA THR A 13 -4.15 5.79 9.11
C THR A 13 -5.13 6.60 8.26
N ASP A 14 -6.28 6.91 8.84
CA ASP A 14 -7.31 7.68 8.14
C ASP A 14 -6.89 9.14 7.99
N GLU A 15 -5.72 9.47 8.53
CA GLU A 15 -5.21 10.83 8.45
C GLU A 15 -3.89 10.88 7.68
N ASN A 16 -3.01 9.93 7.96
CA ASN A 16 -1.72 9.86 7.29
C ASN A 16 -1.90 9.62 5.79
N TRP A 17 -3.06 9.09 5.42
CA TRP A 17 -3.35 8.80 4.02
C TRP A 17 -2.78 9.90 3.11
N ARG A 18 -3.08 11.15 3.44
CA ARG A 18 -2.59 12.28 2.66
C ARG A 18 -1.13 12.08 2.25
N GLU A 19 -0.28 11.79 3.22
CA GLU A 19 1.13 11.57 2.97
C GLU A 19 1.33 10.71 1.71
N LEU A 20 0.43 9.76 1.51
CA LEU A 20 0.51 8.88 0.36
C LEU A 20 0.58 9.67 -0.94
N LEU A 21 -0.21 10.74 -1.02
CA LEU A 21 -0.23 11.59 -2.20
C LEU A 21 1.18 12.06 -2.56
N GLU A 22 2.07 12.06 -1.58
CA GLU A 22 3.45 12.48 -1.79
C GLU A 22 4.35 11.28 -2.09
N GLY A 23 5.19 11.43 -3.11
CA GLY A 23 6.08 10.35 -3.49
C GLY A 23 5.37 9.02 -3.62
N ASP A 24 6.13 7.98 -3.95
CA ASP A 24 5.56 6.64 -4.13
C ASP A 24 5.22 6.03 -2.77
N TRP A 25 4.18 5.21 -2.75
CA TRP A 25 3.75 4.56 -1.52
C TRP A 25 3.07 3.22 -1.81
N MET A 26 3.61 2.15 -1.24
CA MET A 26 3.07 0.81 -1.44
C MET A 26 2.24 0.37 -0.23
N ILE A 27 0.93 0.29 -0.42
CA ILE A 27 0.03 -0.11 0.65
C ILE A 27 -0.57 -1.49 0.37
N GLU A 28 -0.89 -2.22 1.43
CA GLU A 28 -1.47 -3.55 1.29
C GLU A 28 -2.49 -3.81 2.41
N PHE A 29 -3.76 -3.91 2.03
CA PHE A 29 -4.83 -4.16 2.99
C PHE A 29 -4.87 -5.63 3.39
N TYR A 30 -4.88 -5.88 4.69
CA TYR A 30 -4.91 -7.24 5.21
C TYR A 30 -6.00 -7.40 6.27
N ALA A 31 -6.26 -8.64 6.66
CA ALA A 31 -7.27 -8.93 7.67
C ALA A 31 -6.86 -10.10 8.54
N PRO A 32 -7.06 -9.97 9.86
CA PRO A 32 -6.72 -11.02 10.83
C PRO A 32 -7.64 -12.23 10.72
N TRP A 33 -8.83 -12.01 10.17
CA TRP A 33 -9.79 -13.10 10.01
C TRP A 33 -9.80 -13.61 8.57
N CYS A 34 -8.66 -13.48 7.90
CA CYS A 34 -8.53 -13.93 6.52
C CYS A 34 -7.20 -14.63 6.30
N PRO A 35 -7.25 -15.85 5.74
CA PRO A 35 -6.06 -16.65 5.46
C PRO A 35 -5.21 -16.06 4.35
N ALA A 36 -5.83 -15.77 3.21
CA ALA A 36 -5.13 -15.20 2.07
C ALA A 36 -4.19 -14.09 2.51
N CYS A 37 -4.61 -13.31 3.50
CA CYS A 37 -3.79 -12.21 4.01
C CYS A 37 -2.62 -12.74 4.82
N GLN A 38 -2.91 -13.67 5.72
CA GLN A 38 -1.87 -14.26 6.57
C GLN A 38 -0.69 -14.76 5.72
N ASN A 39 -0.99 -15.19 4.51
CA ASN A 39 0.04 -15.69 3.60
C ASN A 39 0.92 -14.56 3.10
N LEU A 40 0.31 -13.40 2.84
CA LEU A 40 1.04 -12.24 2.36
C LEU A 40 1.79 -11.55 3.50
N GLN A 41 1.24 -11.67 4.71
CA GLN A 41 1.86 -11.06 5.88
C GLN A 41 3.39 -11.11 5.79
N PRO A 42 3.92 -12.32 5.64
CA PRO A 42 5.37 -12.53 5.53
C PRO A 42 5.95 -12.01 4.22
N GLU A 43 5.25 -12.31 3.11
CA GLU A 43 5.69 -11.87 1.80
C GLU A 43 5.96 -10.36 1.79
N TRP A 44 5.16 -9.62 2.56
CA TRP A 44 5.31 -8.17 2.64
C TRP A 44 6.62 -7.79 3.32
N GLU A 45 6.83 -8.33 4.53
CA GLU A 45 8.04 -8.05 5.28
C GLU A 45 9.28 -8.22 4.41
N SER A 46 9.33 -9.31 3.66
CA SER A 46 10.46 -9.59 2.78
C SER A 46 10.57 -8.54 1.68
N PHE A 47 9.43 -7.98 1.29
CA PHE A 47 9.39 -6.97 0.25
C PHE A 47 9.94 -5.63 0.75
N ALA A 48 9.34 -5.13 1.82
CA ALA A 48 9.77 -3.86 2.42
C ALA A 48 11.27 -3.84 2.60
N GLU A 49 11.89 -5.01 2.67
CA GLU A 49 13.33 -5.12 2.85
C GLU A 49 14.06 -4.29 1.79
N TRP A 50 13.85 -4.62 0.53
CA TRP A 50 14.49 -3.91 -0.57
C TRP A 50 13.64 -2.74 -1.03
N GLY A 51 12.44 -2.62 -0.46
CA GLY A 51 11.55 -1.54 -0.83
C GLY A 51 12.24 -0.18 -0.81
N GLU A 52 12.59 0.28 0.38
CA GLU A 52 13.26 1.57 0.53
C GLU A 52 14.52 1.64 -0.35
N ASP A 53 15.14 0.48 -0.55
CA ASP A 53 16.35 0.41 -1.36
C ASP A 53 16.08 0.88 -2.79
N LEU A 54 14.92 0.49 -3.32
CA LEU A 54 14.54 0.87 -4.67
C LEU A 54 13.90 2.25 -4.69
N GLU A 55 14.05 2.98 -3.60
CA GLU A 55 13.49 4.32 -3.49
C GLU A 55 11.96 4.27 -3.48
N VAL A 56 11.41 3.49 -2.55
CA VAL A 56 9.97 3.36 -2.42
C VAL A 56 9.56 3.09 -0.97
N ASN A 57 8.42 3.64 -0.57
CA ASN A 57 7.93 3.46 0.80
C ASN A 57 6.88 2.35 0.85
N ILE A 58 6.87 1.62 1.94
CA ILE A 58 5.91 0.52 2.12
C ILE A 58 5.13 0.67 3.42
N ALA A 59 3.84 0.39 3.36
CA ALA A 59 2.97 0.49 4.53
C ALA A 59 1.85 -0.55 4.49
N LYS A 60 1.24 -0.80 5.64
CA LYS A 60 0.15 -1.76 5.73
C LYS A 60 -1.08 -1.13 6.38
N VAL A 61 -2.26 -1.62 5.99
CA VAL A 61 -3.51 -1.10 6.54
C VAL A 61 -4.29 -2.21 7.23
N ASP A 62 -5.06 -1.84 8.25
CA ASP A 62 -5.86 -2.79 9.01
C ASP A 62 -7.34 -2.52 8.83
N VAL A 63 -8.05 -3.50 8.27
CA VAL A 63 -9.49 -3.36 8.05
C VAL A 63 -10.28 -3.69 9.31
N THR A 64 -9.65 -3.53 10.46
CA THR A 64 -10.29 -3.82 11.73
C THR A 64 -10.11 -2.67 12.71
N GLU A 65 -8.98 -1.98 12.61
CA GLU A 65 -8.69 -0.85 13.49
C GLU A 65 -8.94 0.48 12.77
N GLN A 66 -8.92 0.45 11.44
CA GLN A 66 -9.13 1.65 10.64
C GLN A 66 -10.50 1.60 9.96
N PRO A 67 -11.51 2.18 10.62
CA PRO A 67 -12.88 2.22 10.09
C PRO A 67 -13.00 3.14 8.88
N GLY A 68 -12.12 4.12 8.80
CA GLY A 68 -12.15 5.05 7.69
C GLY A 68 -11.47 4.52 6.45
N LEU A 69 -10.21 4.10 6.60
CA LEU A 69 -9.45 3.55 5.48
C LEU A 69 -10.16 2.35 4.88
N SER A 70 -10.71 1.50 5.73
CA SER A 70 -11.42 0.30 5.28
C SER A 70 -12.39 0.64 4.14
N GLY A 71 -13.35 1.50 4.44
CA GLY A 71 -14.33 1.89 3.43
C GLY A 71 -13.96 3.19 2.74
N ARG A 72 -12.67 3.37 2.49
CA ARG A 72 -12.18 4.57 1.83
C ARG A 72 -11.51 4.23 0.50
N PHE A 73 -10.57 3.28 0.54
CA PHE A 73 -9.86 2.88 -0.66
C PHE A 73 -10.66 1.84 -1.44
N ILE A 74 -11.98 2.05 -1.49
CA ILE A 74 -12.86 1.13 -2.21
C ILE A 74 -12.41 -0.31 -2.07
N ILE A 75 -11.94 -0.66 -0.87
CA ILE A 75 -11.48 -2.01 -0.60
C ILE A 75 -12.61 -3.02 -0.74
N ASN A 76 -12.75 -3.58 -1.94
CA ASN A 76 -13.81 -4.56 -2.19
C ASN A 76 -13.47 -5.90 -1.54
N ALA A 77 -12.27 -6.41 -1.81
CA ALA A 77 -11.83 -7.67 -1.23
C ALA A 77 -10.41 -7.57 -0.69
N LEU A 78 -9.91 -8.67 -0.16
CA LEU A 78 -8.55 -8.71 0.39
C LEU A 78 -7.89 -10.06 0.13
N PRO A 79 -6.55 -10.04 0.02
CA PRO A 79 -5.76 -8.82 0.15
C PRO A 79 -5.95 -7.87 -1.02
N THR A 80 -5.43 -6.65 -0.89
CA THR A 80 -5.56 -5.65 -1.94
C THR A 80 -4.46 -4.59 -1.81
N ILE A 81 -3.52 -4.59 -2.75
CA ILE A 81 -2.44 -3.62 -2.74
C ILE A 81 -2.79 -2.39 -3.57
N TYR A 82 -2.24 -1.24 -3.18
CA TYR A 82 -2.49 0.00 -3.89
C TYR A 82 -1.22 0.84 -4.01
N HIS A 83 -0.80 1.10 -5.23
CA HIS A 83 0.40 1.89 -5.49
C HIS A 83 0.06 3.36 -5.66
N CYS A 84 0.38 4.16 -4.66
CA CYS A 84 0.11 5.60 -4.69
C CYS A 84 1.34 6.37 -5.17
N LYS A 85 1.26 6.93 -6.37
CA LYS A 85 2.36 7.69 -6.94
C LYS A 85 1.93 9.14 -7.20
N ASP A 86 2.50 10.07 -6.44
CA ASP A 86 2.18 11.48 -6.60
C ASP A 86 0.67 11.69 -6.69
N GLY A 87 -0.08 10.88 -5.96
CA GLY A 87 -1.52 10.99 -5.97
C GLY A 87 -2.19 9.87 -6.76
N GLU A 88 -1.62 9.56 -7.92
CA GLU A 88 -2.17 8.50 -8.77
C GLU A 88 -2.24 7.18 -8.01
N PHE A 89 -3.30 6.42 -8.24
CA PHE A 89 -3.48 5.14 -7.58
C PHE A 89 -3.57 4.01 -8.61
N ARG A 90 -2.89 2.90 -8.32
CA ARG A 90 -2.89 1.75 -9.22
C ARG A 90 -3.04 0.45 -8.45
N ARG A 91 -4.15 -0.25 -8.66
CA ARG A 91 -4.40 -1.51 -7.98
C ARG A 91 -3.45 -2.60 -8.47
N TYR A 92 -2.68 -3.17 -7.55
CA TYR A 92 -1.72 -4.21 -7.88
C TYR A 92 -2.42 -5.37 -8.59
N GLN A 93 -1.99 -5.65 -9.81
CA GLN A 93 -2.57 -6.73 -10.60
C GLN A 93 -1.56 -7.83 -10.84
N GLY A 94 -0.96 -8.32 -9.75
CA GLY A 94 0.02 -9.38 -9.87
C GLY A 94 -0.14 -10.45 -8.80
N PRO A 95 0.76 -11.43 -8.79
CA PRO A 95 0.73 -12.54 -7.83
C PRO A 95 1.07 -12.08 -6.41
N ARG A 96 1.56 -10.84 -6.30
CA ARG A 96 1.92 -10.29 -5.00
C ARG A 96 3.03 -11.11 -4.35
N THR A 97 4.12 -11.31 -5.08
CA THR A 97 5.24 -12.08 -4.57
C THR A 97 6.51 -11.22 -4.50
N LYS A 98 7.35 -11.50 -3.50
CA LYS A 98 8.58 -10.76 -3.32
C LYS A 98 9.19 -10.36 -4.67
N LYS A 99 9.52 -11.36 -5.47
CA LYS A 99 10.10 -11.13 -6.79
C LYS A 99 9.26 -10.15 -7.60
N ASP A 100 8.07 -10.60 -7.99
CA ASP A 100 7.15 -9.76 -8.76
C ASP A 100 7.22 -8.31 -8.29
N PHE A 101 6.97 -8.09 -7.01
CA PHE A 101 7.00 -6.75 -6.44
C PHE A 101 8.14 -5.92 -7.06
N ILE A 102 9.37 -6.37 -6.83
CA ILE A 102 10.54 -5.67 -7.36
C ILE A 102 10.25 -5.09 -8.74
N ASN A 103 10.06 -5.96 -9.73
CA ASN A 103 9.78 -5.54 -11.09
C ASN A 103 8.75 -4.41 -11.10
N PHE A 104 7.60 -4.65 -10.47
CA PHE A 104 6.54 -3.67 -10.40
C PHE A 104 7.09 -2.28 -10.07
N ILE A 105 8.16 -2.26 -9.26
CA ILE A 105 8.78 -1.01 -8.86
C ILE A 105 9.91 -0.63 -9.81
N SER A 106 10.93 -1.47 -9.89
CA SER A 106 12.07 -1.22 -10.76
C SER A 106 11.61 -1.02 -12.20
N ASP A 107 10.86 -1.97 -12.71
CA ASP A 107 10.35 -1.91 -14.08
C ASP A 107 9.16 -0.95 -14.17
N LYS A 108 8.89 -0.24 -13.09
CA LYS A 108 7.79 0.71 -13.04
C LYS A 108 6.60 0.20 -13.85
N GLU A 109 6.40 -1.11 -13.85
CA GLU A 109 5.30 -1.73 -14.59
C GLU A 109 4.00 -0.97 -14.35
N TRP A 110 3.85 -0.44 -13.14
CA TRP A 110 2.65 0.31 -12.78
C TRP A 110 2.22 1.23 -13.91
N LYS A 111 3.19 1.80 -14.61
CA LYS A 111 2.91 2.70 -15.72
C LYS A 111 1.94 2.06 -16.71
N SER A 112 2.16 0.78 -17.00
CA SER A 112 1.32 0.04 -17.93
C SER A 112 -0.12 -0.04 -17.41
N ILE A 113 -0.26 0.04 -16.10
CA ILE A 113 -1.59 -0.02 -15.48
C ILE A 113 -2.24 1.35 -15.44
N GLU A 114 -3.50 1.42 -15.86
CA GLU A 114 -4.24 2.67 -15.88
C GLU A 114 -4.65 3.07 -14.46
N PRO A 115 -4.17 4.25 -14.03
CA PRO A 115 -4.48 4.78 -12.69
C PRO A 115 -5.94 5.20 -12.55
N VAL A 116 -6.52 4.93 -11.39
CA VAL A 116 -7.91 5.30 -11.14
C VAL A 116 -8.08 6.81 -11.07
N SER A 117 -9.33 7.26 -11.14
CA SER A 117 -9.63 8.69 -11.10
C SER A 117 -10.69 8.98 -10.04
N SER A 118 -10.97 10.27 -9.85
CA SER A 118 -11.97 10.69 -8.86
C SER A 118 -11.60 10.17 -7.48
N TRP A 119 -10.34 10.33 -7.09
CA TRP A 119 -9.86 9.89 -5.79
C TRP A 119 -10.70 10.49 -4.67
N PHE A 120 -11.77 9.80 -4.30
CA PHE A 120 -12.65 10.26 -3.23
C PHE A 120 -12.10 9.90 -1.87
N SER A 121 -12.06 10.88 -0.97
CA SER A 121 -11.54 10.66 0.38
C SER A 121 -11.81 11.89 1.26
N GLY A 122 -12.53 11.67 2.35
CA GLY A 122 -12.83 12.76 3.26
C GLY A 122 -13.43 13.96 2.55
N PRO A 123 -12.72 15.10 2.61
CA PRO A 123 -13.17 16.35 1.97
C PRO A 123 -13.10 16.27 0.45
N SER A 124 -13.50 17.35 -0.21
CA SER A 124 -13.49 17.41 -1.66
C SER A 124 -13.39 18.85 -2.14
N SER A 125 -12.29 19.17 -2.82
CA SER A 125 -12.07 20.52 -3.33
C SER A 125 -12.45 21.57 -2.29
N GLY A 126 -12.08 21.31 -1.04
CA GLY A 126 -12.40 22.25 0.03
C GLY A 126 -11.31 22.28 1.09
N GLY A 1 12.53 7.57 6.26
CA GLY A 1 13.91 7.37 6.70
C GLY A 1 14.02 7.10 8.18
N SER A 2 14.11 5.82 8.55
CA SER A 2 14.21 5.44 9.96
C SER A 2 15.18 4.28 10.13
N SER A 3 15.62 4.06 11.37
CA SER A 3 16.55 2.98 11.67
C SER A 3 16.37 2.50 13.10
N GLY A 4 16.98 1.36 13.42
CA GLY A 4 16.88 0.80 14.75
C GLY A 4 16.10 -0.51 14.79
N SER A 5 15.18 -0.61 15.74
CA SER A 5 14.38 -1.82 15.89
C SER A 5 12.92 -1.54 15.54
N SER A 6 12.71 -0.80 14.45
CA SER A 6 11.36 -0.46 14.01
C SER A 6 11.02 -1.17 12.70
N GLY A 7 9.80 -1.70 12.62
CA GLY A 7 9.37 -2.40 11.43
C GLY A 7 9.51 -1.55 10.18
N ASN A 8 10.11 -2.11 9.15
CA ASN A 8 10.31 -1.39 7.89
C ASN A 8 8.97 -0.92 7.33
N VAL A 9 7.91 -1.66 7.63
CA VAL A 9 6.58 -1.32 7.16
C VAL A 9 5.98 -0.18 7.97
N ARG A 10 5.41 0.80 7.28
CA ARG A 10 4.81 1.95 7.93
C ARG A 10 3.32 1.72 8.18
N VAL A 11 2.79 2.34 9.24
CA VAL A 11 1.38 2.19 9.58
C VAL A 11 0.60 3.45 9.24
N ILE A 12 -0.04 3.43 8.07
CA ILE A 12 -0.83 4.58 7.62
C ILE A 12 -2.15 4.67 8.38
N THR A 13 -2.54 5.90 8.72
CA THR A 13 -3.78 6.12 9.45
C THR A 13 -4.72 7.04 8.66
N ASP A 14 -5.84 7.41 9.28
CA ASP A 14 -6.81 8.29 8.66
C ASP A 14 -6.24 9.69 8.45
N GLU A 15 -5.01 9.88 8.92
CA GLU A 15 -4.35 11.18 8.80
C GLU A 15 -3.06 11.05 7.99
N ASN A 16 -2.34 9.96 8.21
CA ASN A 16 -1.08 9.73 7.51
C ASN A 16 -1.30 9.64 6.00
N TRP A 17 -2.52 9.26 5.61
CA TRP A 17 -2.86 9.15 4.20
C TRP A 17 -2.19 10.24 3.38
N ARG A 18 -2.38 11.49 3.81
CA ARG A 18 -1.79 12.62 3.11
C ARG A 18 -0.39 12.28 2.58
N GLU A 19 0.48 11.84 3.48
CA GLU A 19 1.84 11.48 3.10
C GLU A 19 1.85 10.68 1.80
N LEU A 20 0.88 9.77 1.66
CA LEU A 20 0.79 8.94 0.47
C LEU A 20 0.75 9.80 -0.79
N LEU A 21 0.04 10.92 -0.72
CA LEU A 21 -0.07 11.83 -1.85
C LEU A 21 1.31 12.25 -2.35
N GLU A 22 2.27 12.29 -1.44
CA GLU A 22 3.63 12.68 -1.78
C GLU A 22 4.53 11.46 -1.90
N GLY A 23 5.38 11.46 -2.93
CA GLY A 23 6.29 10.34 -3.14
C GLY A 23 5.55 9.03 -3.35
N ASP A 24 6.31 7.95 -3.54
CA ASP A 24 5.71 6.64 -3.75
C ASP A 24 5.39 5.96 -2.43
N TRP A 25 4.27 5.27 -2.39
CA TRP A 25 3.84 4.57 -1.18
C TRP A 25 3.12 3.27 -1.52
N MET A 26 3.63 2.16 -1.01
CA MET A 26 3.03 0.85 -1.26
C MET A 26 2.17 0.41 -0.09
N ILE A 27 0.86 0.38 -0.30
CA ILE A 27 -0.08 -0.02 0.75
C ILE A 27 -0.69 -1.38 0.43
N GLU A 28 -1.00 -2.14 1.48
CA GLU A 28 -1.59 -3.46 1.31
C GLU A 28 -2.63 -3.72 2.40
N PHE A 29 -3.90 -3.67 2.02
CA PHE A 29 -4.99 -3.91 2.96
C PHE A 29 -5.07 -5.38 3.35
N TYR A 30 -4.78 -5.66 4.61
CA TYR A 30 -4.81 -7.03 5.12
C TYR A 30 -5.77 -7.15 6.30
N ALA A 31 -6.01 -8.39 6.72
CA ALA A 31 -6.91 -8.65 7.85
C ALA A 31 -6.43 -9.83 8.67
N PRO A 32 -6.52 -9.71 9.99
CA PRO A 32 -6.10 -10.77 10.92
C PRO A 32 -7.03 -11.98 10.87
N TRP A 33 -8.01 -11.93 9.98
CA TRP A 33 -8.96 -13.03 9.84
C TRP A 33 -8.97 -13.56 8.41
N CYS A 34 -8.26 -12.87 7.52
CA CYS A 34 -8.19 -13.27 6.12
C CYS A 34 -7.16 -14.39 5.94
N PRO A 35 -7.53 -15.41 5.16
CA PRO A 35 -6.66 -16.56 4.88
C PRO A 35 -5.49 -16.19 3.98
N ALA A 36 -5.78 -15.55 2.86
CA ALA A 36 -4.74 -15.13 1.92
C ALA A 36 -3.75 -14.19 2.58
N CYS A 37 -4.25 -13.36 3.49
CA CYS A 37 -3.39 -12.40 4.19
C CYS A 37 -2.27 -13.12 4.94
N GLN A 38 -2.64 -14.03 5.82
CA GLN A 38 -1.66 -14.78 6.60
C GLN A 38 -0.50 -15.23 5.72
N ASN A 39 -0.74 -15.32 4.42
CA ASN A 39 0.28 -15.74 3.47
C ASN A 39 1.09 -14.53 2.98
N LEU A 40 0.41 -13.39 2.85
CA LEU A 40 1.05 -12.17 2.39
C LEU A 40 1.87 -11.52 3.50
N GLN A 41 1.38 -11.66 4.73
CA GLN A 41 2.07 -11.09 5.90
C GLN A 41 3.58 -11.16 5.71
N PRO A 42 4.09 -12.38 5.50
CA PRO A 42 5.53 -12.60 5.31
C PRO A 42 6.04 -12.04 3.98
N GLU A 43 5.30 -12.30 2.91
CA GLU A 43 5.68 -11.82 1.59
C GLU A 43 5.94 -10.31 1.61
N TRP A 44 5.14 -9.60 2.38
CA TRP A 44 5.28 -8.14 2.50
C TRP A 44 6.62 -7.78 3.11
N GLU A 45 6.90 -8.33 4.29
CA GLU A 45 8.16 -8.05 4.99
C GLU A 45 9.34 -8.18 4.03
N SER A 46 9.40 -9.30 3.32
CA SER A 46 10.50 -9.54 2.38
C SER A 46 10.60 -8.40 1.37
N PHE A 47 9.46 -7.84 0.99
CA PHE A 47 9.43 -6.74 0.02
C PHE A 47 10.00 -5.47 0.64
N ALA A 48 9.38 -5.01 1.72
CA ALA A 48 9.83 -3.80 2.41
C ALA A 48 11.36 -3.79 2.55
N GLU A 49 11.94 -4.97 2.69
CA GLU A 49 13.38 -5.10 2.84
C GLU A 49 14.12 -4.26 1.80
N TRP A 50 13.89 -4.58 0.53
CA TRP A 50 14.54 -3.85 -0.57
C TRP A 50 13.71 -2.65 -0.97
N GLY A 51 12.42 -2.67 -0.64
CA GLY A 51 11.54 -1.57 -0.97
C GLY A 51 12.23 -0.22 -0.87
N GLU A 52 12.46 0.22 0.35
CA GLU A 52 13.12 1.51 0.59
C GLU A 52 14.38 1.63 -0.26
N ASP A 53 14.97 0.49 -0.60
CA ASP A 53 16.19 0.46 -1.40
C ASP A 53 15.92 0.96 -2.82
N LEU A 54 14.77 0.60 -3.36
CA LEU A 54 14.38 1.00 -4.71
C LEU A 54 13.66 2.35 -4.68
N GLU A 55 13.93 3.15 -3.64
CA GLU A 55 13.31 4.46 -3.51
C GLU A 55 11.78 4.33 -3.49
N VAL A 56 11.27 3.51 -2.58
CA VAL A 56 9.83 3.31 -2.47
C VAL A 56 9.43 2.98 -1.03
N ASN A 57 8.47 3.72 -0.51
CA ASN A 57 8.00 3.51 0.86
C ASN A 57 6.95 2.40 0.92
N ILE A 58 6.94 1.66 2.01
CA ILE A 58 5.99 0.57 2.19
C ILE A 58 5.23 0.70 3.51
N ALA A 59 3.91 0.62 3.42
CA ALA A 59 3.06 0.72 4.61
C ALA A 59 2.06 -0.42 4.67
N LYS A 60 1.24 -0.42 5.72
CA LYS A 60 0.23 -1.46 5.90
C LYS A 60 -1.00 -0.90 6.61
N VAL A 61 -2.18 -1.32 6.15
CA VAL A 61 -3.43 -0.87 6.75
C VAL A 61 -4.19 -2.03 7.37
N ASP A 62 -4.77 -1.78 8.55
CA ASP A 62 -5.53 -2.81 9.25
C ASP A 62 -7.03 -2.51 9.19
N VAL A 63 -7.70 -3.08 8.21
CA VAL A 63 -9.14 -2.88 8.05
C VAL A 63 -9.86 -2.87 9.39
N THR A 64 -9.25 -3.52 10.38
CA THR A 64 -9.83 -3.58 11.71
C THR A 64 -9.61 -2.28 12.46
N GLU A 65 -8.39 -1.77 12.41
CA GLU A 65 -8.04 -0.52 13.09
C GLU A 65 -8.60 0.68 12.33
N GLN A 66 -8.50 0.64 11.01
CA GLN A 66 -8.99 1.72 10.15
C GLN A 66 -10.21 1.28 9.35
N PRO A 67 -11.39 1.39 9.96
CA PRO A 67 -12.66 1.01 9.32
C PRO A 67 -13.04 1.95 8.18
N GLY A 68 -12.43 3.14 8.17
CA GLY A 68 -12.72 4.11 7.13
C GLY A 68 -11.82 3.93 5.92
N LEU A 69 -10.52 3.99 6.13
CA LEU A 69 -9.55 3.84 5.05
C LEU A 69 -9.96 2.69 4.12
N SER A 70 -10.63 1.70 4.68
CA SER A 70 -11.07 0.54 3.91
C SER A 70 -12.11 0.94 2.87
N GLY A 71 -13.27 1.39 3.34
CA GLY A 71 -14.33 1.80 2.44
C GLY A 71 -13.93 2.97 1.57
N ARG A 72 -13.18 3.90 2.13
CA ARG A 72 -12.73 5.08 1.41
C ARG A 72 -12.09 4.67 0.07
N PHE A 73 -11.18 3.72 0.12
CA PHE A 73 -10.50 3.24 -1.08
C PHE A 73 -11.31 2.14 -1.76
N ILE A 74 -12.63 2.26 -1.70
CA ILE A 74 -13.51 1.27 -2.32
C ILE A 74 -12.83 -0.10 -2.40
N ILE A 75 -12.23 -0.52 -1.29
CA ILE A 75 -11.55 -1.81 -1.25
C ILE A 75 -12.55 -2.95 -1.28
N ASN A 76 -13.36 -3.07 -0.24
CA ASN A 76 -14.36 -4.12 -0.16
C ASN A 76 -13.82 -5.43 -0.72
N ALA A 77 -12.54 -5.69 -0.48
CA ALA A 77 -11.90 -6.90 -0.96
C ALA A 77 -10.46 -7.00 -0.47
N LEU A 78 -10.12 -8.15 0.11
CA LEU A 78 -8.77 -8.37 0.63
C LEU A 78 -8.30 -9.78 0.33
N PRO A 79 -6.98 -9.95 0.17
CA PRO A 79 -6.03 -8.84 0.27
C PRO A 79 -6.15 -7.87 -0.90
N THR A 80 -5.52 -6.70 -0.77
CA THR A 80 -5.56 -5.69 -1.81
C THR A 80 -4.42 -4.69 -1.64
N ILE A 81 -3.60 -4.55 -2.67
CA ILE A 81 -2.47 -3.63 -2.64
C ILE A 81 -2.72 -2.44 -3.56
N TYR A 82 -2.32 -1.26 -3.12
CA TYR A 82 -2.49 -0.04 -3.91
C TYR A 82 -1.18 0.72 -4.04
N HIS A 83 -0.88 1.19 -5.24
CA HIS A 83 0.34 1.93 -5.49
C HIS A 83 0.05 3.42 -5.66
N CYS A 84 0.55 4.22 -4.72
CA CYS A 84 0.35 5.67 -4.77
C CYS A 84 1.58 6.38 -5.32
N LYS A 85 1.39 7.11 -6.41
CA LYS A 85 2.49 7.84 -7.04
C LYS A 85 2.12 9.31 -7.23
N ASP A 86 2.74 10.18 -6.45
CA ASP A 86 2.47 11.61 -6.54
C ASP A 86 0.97 11.90 -6.48
N GLY A 87 0.27 11.14 -5.65
CA GLY A 87 -1.17 11.33 -5.51
C GLY A 87 -1.96 10.25 -6.24
N GLU A 88 -1.59 9.98 -7.49
CA GLU A 88 -2.28 8.97 -8.29
C GLU A 88 -2.21 7.61 -7.62
N PHE A 89 -3.20 6.76 -7.90
CA PHE A 89 -3.25 5.43 -7.32
C PHE A 89 -3.33 4.37 -8.41
N ARG A 90 -3.13 3.11 -8.03
CA ARG A 90 -3.18 2.00 -8.98
C ARG A 90 -3.41 0.68 -8.25
N ARG A 91 -4.37 -0.10 -8.74
CA ARG A 91 -4.69 -1.39 -8.14
C ARG A 91 -3.66 -2.45 -8.53
N TYR A 92 -3.06 -3.08 -7.54
CA TYR A 92 -2.05 -4.12 -7.78
C TYR A 92 -2.69 -5.36 -8.41
N GLN A 93 -2.07 -5.85 -9.47
CA GLN A 93 -2.57 -7.04 -10.16
C GLN A 93 -1.46 -8.06 -10.38
N GLY A 94 -1.04 -8.70 -9.29
CA GLY A 94 0.01 -9.70 -9.38
C GLY A 94 -0.11 -10.76 -8.32
N PRO A 95 0.83 -11.73 -8.32
CA PRO A 95 0.85 -12.83 -7.36
C PRO A 95 1.18 -12.37 -5.95
N ARG A 96 1.60 -11.11 -5.83
CA ARG A 96 1.96 -10.54 -4.54
C ARG A 96 3.15 -11.27 -3.93
N THR A 97 4.16 -11.54 -4.77
CA THR A 97 5.35 -12.23 -4.32
C THR A 97 6.55 -11.29 -4.28
N LYS A 98 7.40 -11.45 -3.26
CA LYS A 98 8.58 -10.62 -3.10
C LYS A 98 9.19 -10.27 -4.47
N LYS A 99 9.57 -11.30 -5.21
CA LYS A 99 10.16 -11.11 -6.54
C LYS A 99 9.31 -10.16 -7.38
N ASP A 100 8.09 -10.62 -7.71
CA ASP A 100 7.18 -9.82 -8.51
C ASP A 100 7.24 -8.35 -8.11
N PHE A 101 6.94 -8.07 -6.85
CA PHE A 101 6.96 -6.70 -6.35
C PHE A 101 8.10 -5.91 -6.98
N ILE A 102 9.33 -6.32 -6.71
CA ILE A 102 10.50 -5.65 -7.25
C ILE A 102 10.21 -5.06 -8.63
N ASN A 103 9.89 -5.93 -9.57
CA ASN A 103 9.58 -5.50 -10.94
C ASN A 103 8.51 -4.42 -10.94
N PHE A 104 7.44 -4.66 -10.19
CA PHE A 104 6.34 -3.71 -10.11
C PHE A 104 6.86 -2.31 -9.76
N ILE A 105 8.00 -2.26 -9.10
CA ILE A 105 8.61 -0.99 -8.71
C ILE A 105 9.66 -0.54 -9.72
N SER A 106 10.70 -1.36 -9.87
CA SER A 106 11.78 -1.05 -10.81
C SER A 106 11.26 -0.94 -12.23
N ASP A 107 10.54 -1.96 -12.68
CA ASP A 107 9.96 -1.98 -14.02
C ASP A 107 8.69 -1.15 -14.08
N LYS A 108 8.41 -0.42 -13.00
CA LYS A 108 7.21 0.41 -12.93
C LYS A 108 6.05 -0.24 -13.68
N GLU A 109 5.93 -1.56 -13.53
CA GLU A 109 4.86 -2.30 -14.19
C GLU A 109 3.51 -1.62 -13.97
N TRP A 110 3.39 -0.90 -12.87
CA TRP A 110 2.16 -0.19 -12.55
C TRP A 110 1.67 0.63 -13.74
N LYS A 111 2.62 1.11 -14.54
CA LYS A 111 2.28 1.91 -15.72
C LYS A 111 1.29 1.19 -16.61
N SER A 112 1.44 -0.13 -16.70
CA SER A 112 0.56 -0.95 -17.53
C SER A 112 -0.85 -0.97 -16.95
N ILE A 113 -0.95 -0.79 -15.64
CA ILE A 113 -2.25 -0.79 -14.96
C ILE A 113 -2.90 0.58 -15.03
N GLU A 114 -4.17 0.60 -15.38
CA GLU A 114 -4.92 1.86 -15.48
C GLU A 114 -5.20 2.43 -14.10
N PRO A 115 -4.68 3.65 -13.84
CA PRO A 115 -4.86 4.33 -12.56
C PRO A 115 -6.29 4.79 -12.34
N VAL A 116 -6.66 5.01 -11.09
CA VAL A 116 -8.01 5.47 -10.75
C VAL A 116 -8.08 6.99 -10.70
N SER A 117 -9.27 7.52 -10.97
CA SER A 117 -9.47 8.96 -10.97
C SER A 117 -10.65 9.34 -10.07
N SER A 118 -10.73 8.70 -8.91
CA SER A 118 -11.81 8.97 -7.97
C SER A 118 -11.28 9.13 -6.55
N TRP A 119 -10.71 10.31 -6.27
CA TRP A 119 -10.16 10.59 -4.95
C TRP A 119 -10.85 11.80 -4.32
N PHE A 120 -11.89 11.53 -3.53
CA PHE A 120 -12.64 12.59 -2.87
C PHE A 120 -12.41 12.55 -1.36
N SER A 121 -11.37 13.24 -0.91
CA SER A 121 -11.05 13.29 0.52
C SER A 121 -10.61 14.70 0.93
N GLY A 122 -11.28 15.24 1.94
CA GLY A 122 -10.95 16.57 2.41
C GLY A 122 -11.57 16.88 3.76
N PRO A 123 -11.97 18.14 3.95
CA PRO A 123 -12.59 18.59 5.20
C PRO A 123 -13.99 18.01 5.40
N SER A 124 -14.42 17.93 6.66
CA SER A 124 -15.74 17.39 6.98
C SER A 124 -16.82 18.45 6.77
N SER A 125 -17.42 18.45 5.59
CA SER A 125 -18.47 19.41 5.25
C SER A 125 -19.85 18.76 5.38
N GLY A 126 -19.98 17.55 4.89
CA GLY A 126 -21.25 16.84 4.95
C GLY A 126 -21.95 16.79 3.62
N GLY A 1 22.59 11.85 14.10
CA GLY A 1 23.30 10.61 14.39
C GLY A 1 22.37 9.44 14.59
N SER A 2 21.99 8.80 13.49
CA SER A 2 21.08 7.65 13.54
C SER A 2 21.46 6.62 12.48
N SER A 3 21.34 5.34 12.85
CA SER A 3 21.67 4.26 11.93
C SER A 3 21.01 2.95 12.37
N GLY A 4 20.43 2.23 11.42
CA GLY A 4 19.79 0.97 11.74
C GLY A 4 18.39 0.88 11.15
N SER A 5 18.02 -0.31 10.70
CA SER A 5 16.69 -0.53 10.12
C SER A 5 15.93 -1.60 10.89
N SER A 6 15.06 -1.15 11.80
CA SER A 6 14.26 -2.06 12.61
C SER A 6 12.94 -2.39 11.93
N GLY A 7 12.18 -1.34 11.59
CA GLY A 7 10.90 -1.54 10.93
C GLY A 7 10.80 -0.79 9.62
N ASN A 8 10.56 -1.51 8.54
CA ASN A 8 10.45 -0.91 7.22
C ASN A 8 8.99 -0.63 6.87
N VAL A 9 8.09 -1.44 7.41
CA VAL A 9 6.67 -1.28 7.17
C VAL A 9 6.11 -0.07 7.92
N ARG A 10 5.38 0.77 7.20
CA ARG A 10 4.79 1.96 7.79
C ARG A 10 3.30 1.75 8.10
N VAL A 11 2.83 2.37 9.18
CA VAL A 11 1.44 2.24 9.58
C VAL A 11 0.66 3.50 9.25
N ILE A 12 -0.14 3.43 8.18
CA ILE A 12 -0.95 4.56 7.75
C ILE A 12 -2.28 4.60 8.49
N THR A 13 -2.63 5.76 9.02
CA THR A 13 -3.88 5.92 9.75
C THR A 13 -4.87 6.78 8.97
N ASP A 14 -6.01 7.07 9.58
CA ASP A 14 -7.03 7.87 8.92
C ASP A 14 -6.55 9.31 8.72
N GLU A 15 -5.35 9.60 9.22
CA GLU A 15 -4.77 10.93 9.09
C GLU A 15 -3.52 10.90 8.21
N ASN A 16 -2.69 9.89 8.43
CA ASN A 16 -1.46 9.75 7.67
C ASN A 16 -1.75 9.58 6.17
N TRP A 17 -2.95 9.10 5.87
CA TRP A 17 -3.37 8.88 4.48
C TRP A 17 -2.85 10.00 3.59
N ARG A 18 -3.08 11.24 4.00
CA ARG A 18 -2.64 12.39 3.23
C ARG A 18 -1.21 12.19 2.71
N GLU A 19 -0.35 11.66 3.57
CA GLU A 19 1.05 11.41 3.20
C GLU A 19 1.12 10.62 1.90
N LEU A 20 0.20 9.67 1.73
CA LEU A 20 0.17 8.84 0.54
C LEU A 20 0.13 9.69 -0.73
N LEU A 21 -0.29 10.95 -0.57
CA LEU A 21 -0.36 11.88 -1.71
C LEU A 21 1.01 12.49 -1.99
N GLU A 22 2.04 11.93 -1.36
CA GLU A 22 3.40 12.44 -1.55
C GLU A 22 4.37 11.29 -1.85
N GLY A 23 5.07 11.39 -2.96
CA GLY A 23 6.02 10.37 -3.34
C GLY A 23 5.36 9.01 -3.52
N ASP A 24 6.17 7.99 -3.79
CA ASP A 24 5.65 6.64 -3.98
C ASP A 24 5.27 6.00 -2.65
N TRP A 25 4.22 5.20 -2.67
CA TRP A 25 3.75 4.53 -1.46
C TRP A 25 3.07 3.21 -1.80
N MET A 26 3.53 2.13 -1.17
CA MET A 26 2.96 0.80 -1.41
C MET A 26 2.12 0.36 -0.22
N ILE A 27 0.80 0.31 -0.43
CA ILE A 27 -0.11 -0.11 0.62
C ILE A 27 -0.67 -1.50 0.35
N GLU A 28 -1.03 -2.21 1.43
CA GLU A 28 -1.57 -3.56 1.30
C GLU A 28 -2.65 -3.80 2.35
N PHE A 29 -3.90 -3.80 1.90
CA PHE A 29 -5.03 -4.03 2.80
C PHE A 29 -5.11 -5.49 3.22
N TYR A 30 -4.87 -5.76 4.49
CA TYR A 30 -4.92 -7.12 5.02
C TYR A 30 -5.92 -7.23 6.16
N ALA A 31 -6.16 -8.45 6.61
CA ALA A 31 -7.10 -8.70 7.70
C ALA A 31 -6.64 -9.86 8.57
N PRO A 32 -6.79 -9.70 9.90
CA PRO A 32 -6.40 -10.73 10.86
C PRO A 32 -7.29 -11.96 10.82
N TRP A 33 -8.45 -11.80 10.19
CA TRP A 33 -9.40 -12.90 10.07
C TRP A 33 -9.41 -13.47 8.65
N CYS A 34 -8.30 -13.28 7.94
CA CYS A 34 -8.18 -13.77 6.57
C CYS A 34 -6.94 -14.65 6.42
N PRO A 35 -7.12 -15.83 5.81
CA PRO A 35 -6.03 -16.78 5.59
C PRO A 35 -5.03 -16.29 4.55
N ALA A 36 -5.54 -15.85 3.40
CA ALA A 36 -4.69 -15.35 2.33
C ALA A 36 -3.66 -14.36 2.87
N CYS A 37 -4.08 -13.53 3.82
CA CYS A 37 -3.19 -12.53 4.41
C CYS A 37 -2.06 -13.21 5.19
N GLN A 38 -2.42 -14.17 6.04
CA GLN A 38 -1.44 -14.89 6.84
C GLN A 38 -0.25 -15.31 5.99
N ASN A 39 -0.48 -15.50 4.70
CA ASN A 39 0.57 -15.91 3.77
C ASN A 39 1.35 -14.70 3.26
N LEU A 40 0.67 -13.56 3.21
CA LEU A 40 1.28 -12.32 2.73
C LEU A 40 2.11 -11.68 3.83
N GLN A 41 1.62 -11.77 5.06
CA GLN A 41 2.32 -11.18 6.21
C GLN A 41 3.83 -11.24 6.02
N PRO A 42 4.36 -12.46 5.80
CA PRO A 42 5.79 -12.68 5.59
C PRO A 42 6.28 -12.12 4.26
N GLU A 43 5.53 -12.41 3.20
CA GLU A 43 5.88 -11.93 1.86
C GLU A 43 6.14 -10.42 1.88
N TRP A 44 5.32 -9.70 2.62
CA TRP A 44 5.46 -8.24 2.72
C TRP A 44 6.78 -7.87 3.38
N GLU A 45 6.99 -8.35 4.60
CA GLU A 45 8.22 -8.07 5.33
C GLU A 45 9.44 -8.21 4.43
N SER A 46 9.50 -9.32 3.70
CA SER A 46 10.62 -9.58 2.79
C SER A 46 10.68 -8.53 1.69
N PHE A 47 9.51 -8.03 1.29
CA PHE A 47 9.44 -7.02 0.23
C PHE A 47 9.99 -5.68 0.73
N ALA A 48 9.46 -5.21 1.84
CA ALA A 48 9.89 -3.94 2.42
C ALA A 48 11.41 -3.91 2.58
N GLU A 49 12.03 -5.07 2.53
CA GLU A 49 13.48 -5.17 2.67
C GLU A 49 14.19 -4.36 1.59
N TRP A 50 13.89 -4.67 0.33
CA TRP A 50 14.50 -3.97 -0.79
C TRP A 50 13.63 -2.80 -1.24
N GLY A 51 12.46 -2.67 -0.63
CA GLY A 51 11.55 -1.60 -0.98
C GLY A 51 12.25 -0.25 -1.03
N GLU A 52 12.64 0.25 0.13
CA GLU A 52 13.31 1.55 0.23
C GLU A 52 14.52 1.60 -0.72
N ASP A 53 15.15 0.45 -0.91
CA ASP A 53 16.32 0.35 -1.79
C ASP A 53 15.95 0.78 -3.21
N LEU A 54 14.75 0.42 -3.64
CA LEU A 54 14.28 0.75 -4.98
C LEU A 54 13.58 2.12 -4.99
N GLU A 55 13.80 2.90 -3.94
CA GLU A 55 13.18 4.22 -3.82
C GLU A 55 11.67 4.10 -3.78
N VAL A 56 11.17 3.30 -2.83
CA VAL A 56 9.73 3.12 -2.69
C VAL A 56 9.36 2.87 -1.22
N ASN A 57 8.29 3.51 -0.77
CA ASN A 57 7.83 3.36 0.61
C ASN A 57 6.77 2.27 0.71
N ILE A 58 6.71 1.62 1.87
CA ILE A 58 5.75 0.56 2.10
C ILE A 58 4.96 0.79 3.38
N ALA A 59 3.67 0.48 3.35
CA ALA A 59 2.82 0.64 4.53
C ALA A 59 1.69 -0.38 4.53
N LYS A 60 1.18 -0.68 5.73
CA LYS A 60 0.09 -1.64 5.87
C LYS A 60 -1.11 -1.01 6.55
N VAL A 61 -2.30 -1.29 6.02
CA VAL A 61 -3.53 -0.74 6.58
C VAL A 61 -4.39 -1.85 7.19
N ASP A 62 -5.16 -1.50 8.21
CA ASP A 62 -6.03 -2.45 8.87
C ASP A 62 -7.50 -2.14 8.62
N VAL A 63 -8.19 -3.06 7.96
CA VAL A 63 -9.61 -2.87 7.65
C VAL A 63 -10.47 -2.98 8.90
N THR A 64 -10.04 -3.83 9.84
CA THR A 64 -10.77 -4.03 11.08
C THR A 64 -10.56 -2.86 12.03
N GLU A 65 -9.31 -2.42 12.15
CA GLU A 65 -8.98 -1.31 13.03
C GLU A 65 -9.42 0.02 12.42
N GLN A 66 -9.18 0.17 11.12
CA GLN A 66 -9.55 1.39 10.43
C GLN A 66 -10.77 1.18 9.54
N PRO A 67 -11.96 1.46 10.10
CA PRO A 67 -13.22 1.30 9.38
C PRO A 67 -13.40 2.32 8.25
N GLY A 68 -12.69 3.44 8.38
CA GLY A 68 -12.78 4.48 7.36
C GLY A 68 -11.91 4.19 6.16
N LEU A 69 -10.61 4.07 6.37
CA LEU A 69 -9.67 3.80 5.30
C LEU A 69 -10.23 2.74 4.35
N SER A 70 -11.03 1.83 4.90
CA SER A 70 -11.63 0.76 4.10
C SER A 70 -12.44 1.33 2.94
N GLY A 71 -13.37 2.23 3.28
CA GLY A 71 -14.20 2.85 2.25
C GLY A 71 -13.44 3.86 1.42
N ARG A 72 -12.60 4.65 2.07
CA ARG A 72 -11.81 5.66 1.37
C ARG A 72 -11.14 5.07 0.13
N PHE A 73 -11.01 3.76 0.10
CA PHE A 73 -10.38 3.08 -1.02
C PHE A 73 -11.38 2.13 -1.70
N ILE A 74 -12.44 1.79 -0.99
CA ILE A 74 -13.46 0.90 -1.52
C ILE A 74 -12.89 -0.49 -1.80
N ILE A 75 -12.26 -1.08 -0.79
CA ILE A 75 -11.68 -2.40 -0.93
C ILE A 75 -12.74 -3.46 -1.20
N ASN A 76 -12.83 -3.89 -2.45
CA ASN A 76 -13.81 -4.90 -2.83
C ASN A 76 -13.48 -6.26 -2.22
N ALA A 77 -12.19 -6.61 -2.27
CA ALA A 77 -11.72 -7.88 -1.72
C ALA A 77 -10.38 -7.72 -1.03
N LEU A 78 -9.93 -8.77 -0.35
CA LEU A 78 -8.65 -8.75 0.35
C LEU A 78 -7.96 -10.11 0.26
N PRO A 79 -6.61 -10.08 0.31
CA PRO A 79 -5.85 -8.85 0.44
C PRO A 79 -5.91 -8.00 -0.83
N THR A 80 -5.42 -6.76 -0.73
CA THR A 80 -5.43 -5.85 -1.87
C THR A 80 -4.32 -4.80 -1.73
N ILE A 81 -3.41 -4.81 -2.70
CA ILE A 81 -2.29 -3.86 -2.69
C ILE A 81 -2.56 -2.69 -3.63
N TYR A 82 -2.25 -1.49 -3.16
CA TYR A 82 -2.46 -0.28 -3.96
C TYR A 82 -1.17 0.52 -4.09
N HIS A 83 -0.85 0.92 -5.31
CA HIS A 83 0.36 1.70 -5.57
C HIS A 83 0.03 3.18 -5.75
N CYS A 84 0.60 4.01 -4.88
CA CYS A 84 0.36 5.45 -4.94
C CYS A 84 1.63 6.19 -5.38
N LYS A 85 1.52 6.93 -6.47
CA LYS A 85 2.65 7.69 -6.99
C LYS A 85 2.29 9.16 -7.18
N ASP A 86 2.74 10.00 -6.25
CA ASP A 86 2.46 11.43 -6.32
C ASP A 86 0.96 11.69 -6.26
N GLY A 87 0.25 10.87 -5.50
CA GLY A 87 -1.19 11.02 -5.37
C GLY A 87 -1.96 10.07 -6.27
N GLU A 88 -1.48 9.89 -7.49
CA GLU A 88 -2.13 9.00 -8.44
C GLU A 88 -2.01 7.54 -8.00
N PHE A 89 -3.13 6.98 -7.54
CA PHE A 89 -3.15 5.60 -7.08
C PHE A 89 -3.16 4.63 -8.27
N ARG A 90 -2.82 3.37 -8.00
CA ARG A 90 -2.79 2.35 -9.04
C ARG A 90 -2.91 0.95 -8.44
N ARG A 91 -4.07 0.34 -8.59
CA ARG A 91 -4.30 -1.00 -8.05
C ARG A 91 -3.29 -1.99 -8.63
N TYR A 92 -2.59 -2.69 -7.74
CA TYR A 92 -1.60 -3.67 -8.15
C TYR A 92 -2.26 -4.96 -8.63
N GLN A 93 -2.57 -5.00 -9.93
CA GLN A 93 -3.20 -6.17 -10.51
C GLN A 93 -2.34 -7.41 -10.33
N GLY A 94 -1.03 -7.25 -10.51
CA GLY A 94 -0.11 -8.36 -10.37
C GLY A 94 -0.30 -9.11 -9.06
N PRO A 95 0.49 -10.18 -8.87
CA PRO A 95 0.41 -11.00 -7.65
C PRO A 95 0.94 -10.27 -6.42
N ARG A 96 1.29 -11.03 -5.39
CA ARG A 96 1.81 -10.44 -4.16
C ARG A 96 3.03 -11.21 -3.67
N THR A 97 3.93 -11.53 -4.59
CA THR A 97 5.15 -12.27 -4.25
C THR A 97 6.36 -11.34 -4.20
N LYS A 98 7.34 -11.71 -3.38
CA LYS A 98 8.55 -10.91 -3.23
C LYS A 98 9.12 -10.54 -4.59
N LYS A 99 9.43 -11.55 -5.40
CA LYS A 99 9.98 -11.32 -6.73
C LYS A 99 9.11 -10.36 -7.53
N ASP A 100 7.90 -10.80 -7.88
CA ASP A 100 6.97 -9.97 -8.63
C ASP A 100 7.06 -8.52 -8.19
N PHE A 101 6.82 -8.28 -6.90
CA PHE A 101 6.87 -6.92 -6.36
C PHE A 101 7.98 -6.11 -7.01
N ILE A 102 9.22 -6.56 -6.85
CA ILE A 102 10.37 -5.88 -7.42
C ILE A 102 10.03 -5.31 -8.80
N ASN A 103 9.85 -6.20 -9.77
CA ASN A 103 9.52 -5.78 -11.13
C ASN A 103 8.50 -4.65 -11.13
N PHE A 104 7.35 -4.90 -10.50
CA PHE A 104 6.30 -3.91 -10.43
C PHE A 104 6.86 -2.54 -10.10
N ILE A 105 7.92 -2.52 -9.31
CA ILE A 105 8.56 -1.26 -8.91
C ILE A 105 9.68 -0.88 -9.89
N SER A 106 10.71 -1.72 -9.95
CA SER A 106 11.85 -1.48 -10.83
C SER A 106 11.37 -1.23 -12.27
N ASP A 107 10.60 -2.16 -12.80
CA ASP A 107 10.08 -2.05 -14.16
C ASP A 107 8.92 -1.05 -14.21
N LYS A 108 8.67 -0.38 -13.09
CA LYS A 108 7.60 0.60 -13.01
C LYS A 108 6.38 0.15 -13.81
N GLU A 109 6.08 -1.15 -13.72
CA GLU A 109 4.94 -1.71 -14.43
C GLU A 109 3.67 -0.90 -14.17
N TRP A 110 3.62 -0.28 -13.00
CA TRP A 110 2.47 0.54 -12.62
C TRP A 110 2.04 1.46 -13.76
N LYS A 111 3.02 2.01 -14.45
CA LYS A 111 2.76 2.91 -15.57
C LYS A 111 1.72 2.31 -16.52
N SER A 112 1.84 1.00 -16.76
CA SER A 112 0.92 0.31 -17.66
C SER A 112 -0.50 0.34 -17.09
N ILE A 113 -0.60 0.39 -15.77
CA ILE A 113 -1.90 0.43 -15.10
C ILE A 113 -2.44 1.85 -15.02
N GLU A 114 -3.72 2.02 -15.33
CA GLU A 114 -4.35 3.33 -15.28
C GLU A 114 -4.75 3.70 -13.86
N PRO A 115 -4.52 4.96 -13.48
CA PRO A 115 -4.85 5.46 -12.15
C PRO A 115 -6.36 5.56 -11.91
N VAL A 116 -6.74 5.84 -10.68
CA VAL A 116 -8.15 5.96 -10.32
C VAL A 116 -8.55 7.42 -10.13
N SER A 117 -9.79 7.74 -10.46
CA SER A 117 -10.30 9.10 -10.32
C SER A 117 -11.06 9.27 -9.01
N SER A 118 -11.68 8.19 -8.56
CA SER A 118 -12.46 8.22 -7.32
C SER A 118 -11.54 8.24 -6.10
N TRP A 119 -11.04 9.42 -5.77
CA TRP A 119 -10.15 9.58 -4.62
C TRP A 119 -10.86 10.28 -3.47
N PHE A 120 -12.10 9.85 -3.20
CA PHE A 120 -12.88 10.43 -2.13
C PHE A 120 -12.16 10.30 -0.79
N SER A 121 -11.75 11.43 -0.22
CA SER A 121 -11.05 11.42 1.06
C SER A 121 -11.50 12.59 1.93
N GLY A 122 -12.08 12.27 3.08
CA GLY A 122 -12.56 13.29 3.99
C GLY A 122 -12.96 12.73 5.33
N PRO A 123 -12.15 13.04 6.36
CA PRO A 123 -12.40 12.58 7.73
C PRO A 123 -13.63 13.24 8.36
N SER A 124 -14.12 14.29 7.71
CA SER A 124 -15.28 15.03 8.21
C SER A 124 -15.15 15.29 9.70
N SER A 125 -13.95 15.67 10.13
CA SER A 125 -13.70 15.95 11.54
C SER A 125 -13.07 17.33 11.71
N GLY A 126 -13.02 17.80 12.96
CA GLY A 126 -12.44 19.10 13.24
C GLY A 126 -13.47 20.21 13.21
N GLY A 1 26.88 7.52 9.79
CA GLY A 1 25.73 7.94 10.57
C GLY A 1 24.46 8.04 9.73
N SER A 2 23.64 6.99 9.80
CA SER A 2 22.41 6.94 9.04
C SER A 2 21.21 6.72 9.96
N SER A 3 20.04 7.16 9.53
CA SER A 3 18.82 7.01 10.32
C SER A 3 18.54 5.55 10.61
N GLY A 4 18.19 5.26 11.86
CA GLY A 4 17.90 3.89 12.25
C GLY A 4 16.56 3.40 11.72
N SER A 5 16.59 2.34 10.92
CA SER A 5 15.37 1.79 10.34
C SER A 5 15.17 0.34 10.78
N SER A 6 14.16 0.12 11.62
CA SER A 6 13.87 -1.21 12.12
C SER A 6 12.66 -1.81 11.40
N GLY A 7 11.51 -1.17 11.55
CA GLY A 7 10.30 -1.65 10.91
C GLY A 7 10.21 -1.20 9.46
N ASN A 8 10.52 -2.11 8.54
CA ASN A 8 10.48 -1.81 7.12
C ASN A 8 9.07 -1.40 6.70
N VAL A 9 8.07 -1.91 7.42
CA VAL A 9 6.68 -1.59 7.12
C VAL A 9 6.20 -0.38 7.92
N ARG A 10 5.55 0.55 7.23
CA ARG A 10 5.05 1.76 7.88
C ARG A 10 3.55 1.62 8.18
N VAL A 11 3.12 2.31 9.23
CA VAL A 11 1.72 2.27 9.64
C VAL A 11 0.98 3.53 9.19
N ILE A 12 0.07 3.36 8.24
CA ILE A 12 -0.71 4.48 7.72
C ILE A 12 -2.06 4.59 8.43
N THR A 13 -2.47 5.82 8.74
CA THR A 13 -3.73 6.06 9.41
C THR A 13 -4.58 7.07 8.64
N ASP A 14 -5.69 7.47 9.24
CA ASP A 14 -6.59 8.45 8.62
C ASP A 14 -5.94 9.82 8.56
N GLU A 15 -4.72 9.92 9.09
CA GLU A 15 -4.00 11.18 9.10
C GLU A 15 -2.73 11.09 8.26
N ASN A 16 -2.00 9.99 8.41
CA ASN A 16 -0.77 9.77 7.66
C ASN A 16 -1.06 9.52 6.19
N TRP A 17 -2.22 8.92 5.92
CA TRP A 17 -2.62 8.61 4.54
C TRP A 17 -2.21 9.73 3.61
N ARG A 18 -2.44 10.97 4.02
CA ARG A 18 -2.09 12.13 3.21
C ARG A 18 -0.69 12.00 2.64
N GLU A 19 0.25 11.59 3.49
CA GLU A 19 1.64 11.42 3.07
C GLU A 19 1.72 10.61 1.78
N LEU A 20 0.82 9.65 1.64
CA LEU A 20 0.79 8.79 0.45
C LEU A 20 0.74 9.63 -0.82
N LEU A 21 0.11 10.80 -0.72
CA LEU A 21 -0.01 11.70 -1.87
C LEU A 21 1.36 12.12 -2.38
N GLU A 22 2.35 12.12 -1.49
CA GLU A 22 3.71 12.49 -1.86
C GLU A 22 4.59 11.26 -1.99
N GLY A 23 5.46 11.27 -3.00
CA GLY A 23 6.35 10.14 -3.23
C GLY A 23 5.60 8.85 -3.47
N ASP A 24 6.34 7.75 -3.59
CA ASP A 24 5.74 6.45 -3.83
C ASP A 24 5.45 5.73 -2.52
N TRP A 25 4.22 5.26 -2.36
CA TRP A 25 3.83 4.56 -1.14
C TRP A 25 3.10 3.26 -1.48
N MET A 26 3.59 2.15 -0.96
CA MET A 26 2.97 0.85 -1.20
C MET A 26 2.08 0.44 -0.04
N ILE A 27 0.77 0.45 -0.29
CA ILE A 27 -0.20 0.08 0.73
C ILE A 27 -0.74 -1.33 0.49
N GLU A 28 -1.05 -2.03 1.59
CA GLU A 28 -1.58 -3.38 1.49
C GLU A 28 -2.58 -3.66 2.62
N PHE A 29 -3.84 -3.86 2.24
CA PHE A 29 -4.89 -4.12 3.21
C PHE A 29 -4.92 -5.60 3.60
N TYR A 30 -4.78 -5.87 4.89
CA TYR A 30 -4.77 -7.23 5.40
C TYR A 30 -5.81 -7.42 6.50
N ALA A 31 -6.00 -8.65 6.94
CA ALA A 31 -6.97 -8.96 8.00
C ALA A 31 -6.45 -10.08 8.90
N PRO A 32 -6.64 -9.91 10.22
CA PRO A 32 -6.21 -10.89 11.21
C PRO A 32 -7.04 -12.17 11.16
N TRP A 33 -8.23 -12.07 10.59
CA TRP A 33 -9.13 -13.21 10.48
C TRP A 33 -9.03 -13.85 9.09
N CYS A 34 -8.48 -13.10 8.15
CA CYS A 34 -8.32 -13.60 6.78
C CYS A 34 -7.10 -14.51 6.66
N PRO A 35 -7.33 -15.72 6.15
CA PRO A 35 -6.27 -16.72 5.97
C PRO A 35 -5.28 -16.32 4.88
N ALA A 36 -5.80 -15.99 3.70
CA ALA A 36 -4.97 -15.59 2.57
C ALA A 36 -4.03 -14.46 2.97
N CYS A 37 -4.56 -13.46 3.67
CA CYS A 37 -3.76 -12.32 4.10
C CYS A 37 -2.52 -12.79 4.86
N GLN A 38 -2.65 -13.89 5.58
CA GLN A 38 -1.54 -14.44 6.35
C GLN A 38 -0.40 -14.88 5.43
N ASN A 39 -0.75 -15.25 4.20
CA ASN A 39 0.25 -15.69 3.22
C ASN A 39 1.08 -14.52 2.72
N LEU A 40 0.46 -13.34 2.70
CA LEU A 40 1.15 -12.13 2.25
C LEU A 40 1.91 -11.47 3.39
N GLN A 41 1.44 -11.70 4.61
CA GLN A 41 2.09 -11.12 5.79
C GLN A 41 3.60 -11.18 5.67
N PRO A 42 4.14 -12.40 5.47
CA PRO A 42 5.59 -12.60 5.33
C PRO A 42 6.13 -12.04 4.02
N GLU A 43 5.43 -12.31 2.92
CA GLU A 43 5.83 -11.82 1.61
C GLU A 43 6.08 -10.32 1.64
N TRP A 44 5.23 -9.60 2.36
CA TRP A 44 5.36 -8.15 2.48
C TRP A 44 6.66 -7.77 3.17
N GLU A 45 6.94 -8.42 4.29
CA GLU A 45 8.16 -8.15 5.05
C GLU A 45 9.39 -8.26 4.16
N SER A 46 9.56 -9.43 3.54
CA SER A 46 10.71 -9.68 2.67
C SER A 46 10.78 -8.62 1.57
N PHE A 47 9.64 -8.01 1.26
CA PHE A 47 9.57 -6.98 0.23
C PHE A 47 10.06 -5.64 0.76
N ALA A 48 9.37 -5.13 1.77
CA ALA A 48 9.74 -3.85 2.37
C ALA A 48 11.24 -3.77 2.62
N GLU A 49 11.87 -4.93 2.73
CA GLU A 49 13.31 -4.99 2.97
C GLU A 49 14.08 -4.17 1.93
N TRP A 50 13.93 -4.55 0.66
CA TRP A 50 14.61 -3.85 -0.43
C TRP A 50 13.76 -2.69 -0.93
N GLY A 51 12.54 -2.58 -0.41
CA GLY A 51 11.65 -1.51 -0.82
C GLY A 51 12.32 -0.16 -0.81
N GLU A 52 12.63 0.34 0.39
CA GLU A 52 13.28 1.63 0.54
C GLU A 52 14.49 1.75 -0.38
N ASP A 53 15.17 0.62 -0.58
CA ASP A 53 16.35 0.60 -1.45
C ASP A 53 15.99 1.00 -2.87
N LEU A 54 14.82 0.56 -3.33
CA LEU A 54 14.35 0.87 -4.68
C LEU A 54 13.61 2.21 -4.70
N GLU A 55 13.87 3.05 -3.70
CA GLU A 55 13.23 4.35 -3.61
C GLU A 55 11.71 4.20 -3.59
N VAL A 56 11.21 3.40 -2.65
CA VAL A 56 9.78 3.18 -2.52
C VAL A 56 9.39 2.85 -1.08
N ASN A 57 8.41 3.58 -0.55
CA ASN A 57 7.95 3.37 0.82
C ASN A 57 6.93 2.24 0.88
N ILE A 58 6.90 1.55 2.01
CA ILE A 58 5.97 0.45 2.21
C ILE A 58 5.20 0.59 3.52
N ALA A 59 3.89 0.42 3.45
CA ALA A 59 3.04 0.53 4.64
C ALA A 59 1.97 -0.55 4.64
N LYS A 60 1.20 -0.60 5.73
CA LYS A 60 0.14 -1.59 5.85
C LYS A 60 -1.08 -0.99 6.57
N VAL A 61 -2.26 -1.47 6.22
CA VAL A 61 -3.49 -0.98 6.83
C VAL A 61 -4.33 -2.14 7.38
N ASP A 62 -5.07 -1.87 8.45
CA ASP A 62 -5.92 -2.88 9.07
C ASP A 62 -7.39 -2.60 8.80
N VAL A 63 -8.09 -3.59 8.24
CA VAL A 63 -9.50 -3.45 7.94
C VAL A 63 -10.37 -3.75 9.16
N THR A 64 -9.79 -3.56 10.35
CA THR A 64 -10.50 -3.81 11.59
C THR A 64 -10.51 -2.57 12.48
N GLU A 65 -9.50 -1.73 12.32
CA GLU A 65 -9.40 -0.51 13.12
C GLU A 65 -9.66 0.72 12.25
N GLN A 66 -9.35 0.62 10.96
CA GLN A 66 -9.55 1.72 10.04
C GLN A 66 -10.66 1.40 9.05
N PRO A 67 -11.91 1.67 9.44
CA PRO A 67 -13.09 1.42 8.60
C PRO A 67 -13.16 2.36 7.40
N GLY A 68 -12.71 3.59 7.60
CA GLY A 68 -12.72 4.57 6.53
C GLY A 68 -11.76 4.22 5.40
N LEU A 69 -10.47 4.20 5.72
CA LEU A 69 -9.44 3.88 4.75
C LEU A 69 -9.91 2.77 3.81
N SER A 70 -10.78 1.89 4.32
CA SER A 70 -11.30 0.78 3.53
C SER A 70 -12.27 1.28 2.47
N GLY A 71 -13.19 2.14 2.88
CA GLY A 71 -14.17 2.68 1.95
C GLY A 71 -13.57 3.68 0.99
N ARG A 72 -12.72 4.56 1.51
CA ARG A 72 -12.07 5.57 0.69
C ARG A 72 -11.19 4.92 -0.38
N PHE A 73 -11.02 3.61 -0.28
CA PHE A 73 -10.20 2.87 -1.23
C PHE A 73 -11.03 1.83 -1.97
N ILE A 74 -12.22 1.54 -1.45
CA ILE A 74 -13.11 0.56 -2.06
C ILE A 74 -12.49 -0.84 -2.05
N ILE A 75 -12.03 -1.26 -0.88
CA ILE A 75 -11.42 -2.58 -0.74
C ILE A 75 -12.42 -3.69 -1.03
N ASN A 76 -12.22 -4.39 -2.14
CA ASN A 76 -13.11 -5.48 -2.53
C ASN A 76 -12.31 -6.69 -3.00
N ALA A 77 -11.16 -6.90 -2.38
CA ALA A 77 -10.30 -8.03 -2.72
C ALA A 77 -9.10 -8.11 -1.78
N LEU A 78 -9.10 -9.11 -0.91
CA LEU A 78 -8.01 -9.30 0.04
C LEU A 78 -7.25 -10.58 -0.25
N PRO A 79 -5.91 -10.53 -0.12
CA PRO A 79 -5.21 -9.31 0.30
C PRO A 79 -5.24 -8.23 -0.78
N THR A 80 -5.26 -6.97 -0.35
CA THR A 80 -5.29 -5.84 -1.28
C THR A 80 -3.94 -5.15 -1.34
N ILE A 81 -3.64 -4.53 -2.48
CA ILE A 81 -2.38 -3.82 -2.66
C ILE A 81 -2.57 -2.59 -3.53
N TYR A 82 -2.41 -1.41 -2.92
CA TYR A 82 -2.56 -0.15 -3.64
C TYR A 82 -1.24 0.59 -3.72
N HIS A 83 -0.90 1.07 -4.92
CA HIS A 83 0.34 1.80 -5.13
C HIS A 83 0.06 3.29 -5.34
N CYS A 84 0.42 4.10 -4.34
CA CYS A 84 0.20 5.54 -4.41
C CYS A 84 1.45 6.24 -4.96
N LYS A 85 1.27 6.94 -6.07
CA LYS A 85 2.38 7.66 -6.70
C LYS A 85 2.01 9.11 -6.96
N ASP A 86 2.57 10.01 -6.16
CA ASP A 86 2.29 11.45 -6.31
C ASP A 86 0.80 11.71 -6.30
N GLY A 87 0.07 11.00 -5.44
CA GLY A 87 -1.37 11.18 -5.35
C GLY A 87 -2.13 10.13 -6.13
N GLU A 88 -1.67 9.84 -7.35
CA GLU A 88 -2.31 8.86 -8.21
C GLU A 88 -2.28 7.48 -7.56
N PHE A 89 -3.27 6.65 -7.88
CA PHE A 89 -3.35 5.30 -7.33
C PHE A 89 -3.49 4.26 -8.44
N ARG A 90 -3.14 3.03 -8.13
CA ARG A 90 -3.22 1.94 -9.10
C ARG A 90 -3.20 0.58 -8.40
N ARG A 91 -4.32 -0.12 -8.47
CA ARG A 91 -4.44 -1.43 -7.84
C ARG A 91 -3.42 -2.41 -8.42
N TYR A 92 -2.52 -2.89 -7.57
CA TYR A 92 -1.49 -3.83 -8.00
C TYR A 92 -2.09 -5.17 -8.41
N GLN A 93 -2.03 -5.46 -9.70
CA GLN A 93 -2.58 -6.71 -10.24
C GLN A 93 -1.47 -7.70 -10.53
N GLY A 94 -0.97 -8.36 -9.49
CA GLY A 94 0.10 -9.33 -9.66
C GLY A 94 -0.05 -10.52 -8.73
N PRO A 95 0.92 -11.45 -8.79
CA PRO A 95 0.92 -12.65 -7.96
C PRO A 95 1.20 -12.33 -6.49
N ARG A 96 1.63 -11.10 -6.23
CA ARG A 96 1.93 -10.67 -4.87
C ARG A 96 3.15 -11.42 -4.32
N THR A 97 4.13 -11.65 -5.18
CA THR A 97 5.35 -12.35 -4.79
C THR A 97 6.52 -11.38 -4.67
N LYS A 98 7.40 -11.63 -3.70
CA LYS A 98 8.57 -10.79 -3.49
C LYS A 98 9.13 -10.30 -4.81
N LYS A 99 9.65 -11.23 -5.61
CA LYS A 99 10.22 -10.91 -6.91
C LYS A 99 9.35 -9.90 -7.65
N ASP A 100 8.14 -10.31 -7.99
CA ASP A 100 7.21 -9.44 -8.70
C ASP A 100 7.32 -8.01 -8.21
N PHE A 101 7.02 -7.80 -6.93
CA PHE A 101 7.09 -6.47 -6.34
C PHE A 101 8.26 -5.67 -6.92
N ILE A 102 9.47 -6.23 -6.78
CA ILE A 102 10.66 -5.57 -7.29
C ILE A 102 10.42 -4.97 -8.68
N ASN A 103 10.16 -5.84 -9.65
CA ASN A 103 9.90 -5.40 -11.02
C ASN A 103 8.76 -4.38 -11.06
N PHE A 104 7.64 -4.73 -10.43
CA PHE A 104 6.48 -3.85 -10.40
C PHE A 104 6.89 -2.43 -9.98
N ILE A 105 7.98 -2.33 -9.23
CA ILE A 105 8.47 -1.04 -8.76
C ILE A 105 9.50 -0.46 -9.73
N SER A 106 10.57 -1.21 -9.95
CA SER A 106 11.64 -0.77 -10.86
C SER A 106 11.09 -0.57 -12.27
N ASP A 107 10.48 -1.63 -12.81
CA ASP A 107 9.92 -1.57 -14.15
C ASP A 107 8.68 -0.69 -14.20
N LYS A 108 8.20 -0.30 -13.02
CA LYS A 108 7.01 0.54 -12.91
C LYS A 108 5.88 0.00 -13.76
N GLU A 109 5.62 -1.30 -13.62
CA GLU A 109 4.55 -1.95 -14.38
C GLU A 109 3.21 -1.28 -14.12
N TRP A 110 3.02 -0.78 -12.90
CA TRP A 110 1.78 -0.12 -12.52
C TRP A 110 1.26 0.73 -13.68
N LYS A 111 2.16 1.37 -14.40
CA LYS A 111 1.79 2.20 -15.54
C LYS A 111 0.76 1.50 -16.43
N SER A 112 1.06 0.26 -16.78
CA SER A 112 0.17 -0.54 -17.62
C SER A 112 -1.20 -0.70 -16.97
N ILE A 113 -1.23 -0.57 -15.64
CA ILE A 113 -2.47 -0.71 -14.90
C ILE A 113 -3.26 0.59 -14.90
N GLU A 114 -4.59 0.47 -14.94
CA GLU A 114 -5.46 1.64 -14.95
C GLU A 114 -5.49 2.31 -13.58
N PRO A 115 -5.60 3.64 -13.57
CA PRO A 115 -5.64 4.42 -12.33
C PRO A 115 -6.95 4.22 -11.56
N VAL A 116 -6.92 4.53 -10.26
CA VAL A 116 -8.09 4.38 -9.42
C VAL A 116 -8.97 5.62 -9.48
N SER A 117 -10.28 5.41 -9.40
CA SER A 117 -11.24 6.51 -9.45
C SER A 117 -10.68 7.75 -8.75
N SER A 118 -11.04 8.93 -9.25
CA SER A 118 -10.57 10.18 -8.68
C SER A 118 -10.50 10.09 -7.15
N TRP A 119 -9.37 10.49 -6.59
CA TRP A 119 -9.17 10.45 -5.14
C TRP A 119 -9.92 11.59 -4.47
N PHE A 120 -11.16 11.32 -4.07
CA PHE A 120 -11.99 12.32 -3.41
C PHE A 120 -11.76 12.31 -1.90
N SER A 121 -10.82 13.13 -1.45
CA SER A 121 -10.49 13.22 -0.03
C SER A 121 -9.59 14.41 0.25
N GLY A 122 -10.04 15.30 1.14
CA GLY A 122 -9.26 16.47 1.47
C GLY A 122 -9.12 16.66 2.97
N PRO A 123 -10.00 17.49 3.55
CA PRO A 123 -10.00 17.77 4.99
C PRO A 123 -10.42 16.57 5.83
N SER A 124 -10.72 15.46 5.15
CA SER A 124 -11.13 14.24 5.83
C SER A 124 -12.50 14.44 6.49
N SER A 125 -13.43 15.02 5.75
CA SER A 125 -14.77 15.27 6.28
C SER A 125 -15.82 15.13 5.18
N GLY A 126 -16.57 14.02 5.21
CA GLY A 126 -17.59 13.79 4.22
C GLY A 126 -18.77 14.74 4.37
#